data_5D47
# 
_entry.id   5D47 
# 
_audit_conform.dict_name       mmcif_pdbx.dic 
_audit_conform.dict_version    5.380 
_audit_conform.dict_location   http://mmcif.pdb.org/dictionaries/ascii/mmcif_pdbx.dic 
# 
loop_
_database_2.database_id 
_database_2.database_code 
_database_2.pdbx_database_accession 
_database_2.pdbx_DOI 
PDB   5D47         pdb_00005d47 10.2210/pdb5d47/pdb 
WWPDB D_1000212647 ?            ?                   
# 
loop_
_pdbx_database_related.content_type 
_pdbx_database_related.db_id 
_pdbx_database_related.db_name 
_pdbx_database_related.details 
unspecified 5D45 PDB . 
unspecified 5D48 PDB . 
unspecified 5D4A PDB . 
# 
_pdbx_database_status.status_code                     REL 
_pdbx_database_status.status_code_sf                  REL 
_pdbx_database_status.status_code_mr                  ? 
_pdbx_database_status.entry_id                        5D47 
_pdbx_database_status.recvd_initial_deposition_date   2015-08-07 
_pdbx_database_status.SG_entry                        N 
_pdbx_database_status.deposit_site                    RCSB 
_pdbx_database_status.process_site                    PDBJ 
_pdbx_database_status.status_code_cs                  ? 
_pdbx_database_status.methods_development_category    ? 
_pdbx_database_status.pdb_format_compatible           Y 
_pdbx_database_status.status_code_nmr_data            ? 
# 
loop_
_audit_author.name 
_audit_author.pdbx_ordinal 
'Tagami, U.'    1  
'Takahashi, K.' 2  
'Igarashi, S.'  3  
'Ejima, C.'     4  
'Yoshida, T.'   5  
'Takeshita, S.' 6  
'Miyanaga, W.'  7  
'Sugiki, M.'    8  
'Tokumasu, M.'  9  
'Hatanaka, T.'  10 
'Kashiwagi, T.' 11 
'Ishikawa, K.'  12 
'Miyano, H.'    13 
'Mizukoshi, T.' 14 
# 
_citation.abstract                  ? 
_citation.abstract_id_CAS           ? 
_citation.book_id_ISBN              ? 
_citation.book_publisher            ? 
_citation.book_publisher_city       ? 
_citation.book_title                ? 
_citation.coordinate_linkage        ? 
_citation.country                   US 
_citation.database_id_Medline       ? 
_citation.details                   ? 
_citation.id                        primary 
_citation.journal_abbrev            'Acs Med.Chem.Lett.' 
_citation.journal_id_ASTM           ? 
_citation.journal_id_CSD            ? 
_citation.journal_id_ISSN           1948-5875 
_citation.journal_full              ? 
_citation.journal_issue             ? 
_citation.journal_volume            7 
_citation.language                  ? 
_citation.page_first                435 
_citation.page_last                 439 
_citation.title                     
'Interaction Analysis of FABP4 Inhibitors by X-ray Crystallography and Fragment Molecular Orbital Analysis' 
_citation.year                      2016 
_citation.database_id_CSD           ? 
_citation.pdbx_database_id_DOI      10.1021/acsmedchemlett.6b00040 
_citation.pdbx_database_id_PubMed   27096055 
_citation.unpublished_flag          ? 
# 
loop_
_citation_author.citation_id 
_citation_author.name 
_citation_author.ordinal 
_citation_author.identifier_ORCID 
primary 'Tagami, U.'    1  ? 
primary 'Takahashi, K.' 2  ? 
primary 'Igarashi, S.'  3  ? 
primary 'Ejima, C.'     4  ? 
primary 'Yoshida, T.'   5  ? 
primary 'Takeshita, S.' 6  ? 
primary 'Miyanaga, W.'  7  ? 
primary 'Sugiki, M.'    8  ? 
primary 'Tokumasu, M.'  9  ? 
primary 'Hatanaka, T.'  10 ? 
primary 'Kashiwagi, T.' 11 ? 
primary 'Ishikawa, K.'  12 ? 
primary 'Miyano, H.'    13 ? 
primary 'Mizukoshi, T.' 14 ? 
# 
_cell.angle_alpha                  90.000 
_cell.angle_alpha_esd              ? 
_cell.angle_beta                   90.000 
_cell.angle_beta_esd               ? 
_cell.angle_gamma                  90.000 
_cell.angle_gamma_esd              ? 
_cell.entry_id                     5D47 
_cell.details                      ? 
_cell.formula_units_Z              ? 
_cell.length_a                     32.300 
_cell.length_a_esd                 ? 
_cell.length_b                     53.830 
_cell.length_b_esd                 ? 
_cell.length_c                     74.860 
_cell.length_c_esd                 ? 
_cell.volume                       ? 
_cell.volume_esd                   ? 
_cell.Z_PDB                        4 
_cell.reciprocal_angle_alpha       ? 
_cell.reciprocal_angle_beta        ? 
_cell.reciprocal_angle_gamma       ? 
_cell.reciprocal_angle_alpha_esd   ? 
_cell.reciprocal_angle_beta_esd    ? 
_cell.reciprocal_angle_gamma_esd   ? 
_cell.reciprocal_length_a          ? 
_cell.reciprocal_length_b          ? 
_cell.reciprocal_length_c          ? 
_cell.reciprocal_length_a_esd      ? 
_cell.reciprocal_length_b_esd      ? 
_cell.reciprocal_length_c_esd      ? 
_cell.pdbx_unique_axis             ? 
# 
_symmetry.entry_id                         5D47 
_symmetry.cell_setting                     ? 
_symmetry.Int_Tables_number                19 
_symmetry.space_group_name_Hall            ? 
_symmetry.space_group_name_H-M             'P 21 21 21' 
_symmetry.pdbx_full_space_group_name_H-M   ? 
# 
loop_
_entity.id 
_entity.type 
_entity.src_method 
_entity.pdbx_description 
_entity.formula_weight 
_entity.pdbx_number_of_molecules 
_entity.pdbx_ec 
_entity.pdbx_mutation 
_entity.pdbx_fragment 
_entity.details 
1 polymer     man 'Fatty acid-binding protein, adipocyte'                                            16911.268 1   ? ? ? ? 
2 non-polymer syn '3-[5-cyclopropyl-3-(3-methoxypyridin-4-yl)-2-phenyl-1H-indol-1-yl]propanoic acid' 412.480   1   ? ? ? ? 
3 water       nat water                                                                              18.015    119 ? ? ? ? 
# 
_entity_name_com.entity_id   1 
_entity_name_com.name        
'Adipocyte lipid-binding protein,ALBP,Adipocyte-type fatty acid-binding protein,AFABP,Fatty acid-binding protein 4' 
# 
_entity_poly.entity_id                      1 
_entity_poly.type                           'polypeptide(L)' 
_entity_poly.nstd_linkage                   no 
_entity_poly.nstd_monomer                   no 
_entity_poly.pdbx_seq_one_letter_code       
;MGSSHHHHHHSSGLVPRGSHMCDAFVGTWKLVSSENFDDYMKEVGVGFATRKVAGMAKPNMIISVNGDVITIKSESTFKN
TEISFILGQEFDEVTADDRKVKSTITLDGGVLVHVQKWDGKSTTIKRKREDDKLVVECVMKGVTSTRVYERA
;
_entity_poly.pdbx_seq_one_letter_code_can   
;MGSSHHHHHHSSGLVPRGSHMCDAFVGTWKLVSSENFDDYMKEVGVGFATRKVAGMAKPNMIISVNGDVITIKSESTFKN
TEISFILGQEFDEVTADDRKVKSTITLDGGVLVHVQKWDGKSTTIKRKREDDKLVVECVMKGVTSTRVYERA
;
_entity_poly.pdbx_strand_id                 A 
_entity_poly.pdbx_target_identifier         ? 
# 
loop_
_entity_poly_seq.entity_id 
_entity_poly_seq.num 
_entity_poly_seq.mon_id 
_entity_poly_seq.hetero 
1 1   MET n 
1 2   GLY n 
1 3   SER n 
1 4   SER n 
1 5   HIS n 
1 6   HIS n 
1 7   HIS n 
1 8   HIS n 
1 9   HIS n 
1 10  HIS n 
1 11  SER n 
1 12  SER n 
1 13  GLY n 
1 14  LEU n 
1 15  VAL n 
1 16  PRO n 
1 17  ARG n 
1 18  GLY n 
1 19  SER n 
1 20  HIS n 
1 21  MET n 
1 22  CYS n 
1 23  ASP n 
1 24  ALA n 
1 25  PHE n 
1 26  VAL n 
1 27  GLY n 
1 28  THR n 
1 29  TRP n 
1 30  LYS n 
1 31  LEU n 
1 32  VAL n 
1 33  SER n 
1 34  SER n 
1 35  GLU n 
1 36  ASN n 
1 37  PHE n 
1 38  ASP n 
1 39  ASP n 
1 40  TYR n 
1 41  MET n 
1 42  LYS n 
1 43  GLU n 
1 44  VAL n 
1 45  GLY n 
1 46  VAL n 
1 47  GLY n 
1 48  PHE n 
1 49  ALA n 
1 50  THR n 
1 51  ARG n 
1 52  LYS n 
1 53  VAL n 
1 54  ALA n 
1 55  GLY n 
1 56  MET n 
1 57  ALA n 
1 58  LYS n 
1 59  PRO n 
1 60  ASN n 
1 61  MET n 
1 62  ILE n 
1 63  ILE n 
1 64  SER n 
1 65  VAL n 
1 66  ASN n 
1 67  GLY n 
1 68  ASP n 
1 69  VAL n 
1 70  ILE n 
1 71  THR n 
1 72  ILE n 
1 73  LYS n 
1 74  SER n 
1 75  GLU n 
1 76  SER n 
1 77  THR n 
1 78  PHE n 
1 79  LYS n 
1 80  ASN n 
1 81  THR n 
1 82  GLU n 
1 83  ILE n 
1 84  SER n 
1 85  PHE n 
1 86  ILE n 
1 87  LEU n 
1 88  GLY n 
1 89  GLN n 
1 90  GLU n 
1 91  PHE n 
1 92  ASP n 
1 93  GLU n 
1 94  VAL n 
1 95  THR n 
1 96  ALA n 
1 97  ASP n 
1 98  ASP n 
1 99  ARG n 
1 100 LYS n 
1 101 VAL n 
1 102 LYS n 
1 103 SER n 
1 104 THR n 
1 105 ILE n 
1 106 THR n 
1 107 LEU n 
1 108 ASP n 
1 109 GLY n 
1 110 GLY n 
1 111 VAL n 
1 112 LEU n 
1 113 VAL n 
1 114 HIS n 
1 115 VAL n 
1 116 GLN n 
1 117 LYS n 
1 118 TRP n 
1 119 ASP n 
1 120 GLY n 
1 121 LYS n 
1 122 SER n 
1 123 THR n 
1 124 THR n 
1 125 ILE n 
1 126 LYS n 
1 127 ARG n 
1 128 LYS n 
1 129 ARG n 
1 130 GLU n 
1 131 ASP n 
1 132 ASP n 
1 133 LYS n 
1 134 LEU n 
1 135 VAL n 
1 136 VAL n 
1 137 GLU n 
1 138 CYS n 
1 139 VAL n 
1 140 MET n 
1 141 LYS n 
1 142 GLY n 
1 143 VAL n 
1 144 THR n 
1 145 SER n 
1 146 THR n 
1 147 ARG n 
1 148 VAL n 
1 149 TYR n 
1 150 GLU n 
1 151 ARG n 
1 152 ALA n 
# 
_entity_src_gen.entity_id                          1 
_entity_src_gen.pdbx_src_id                        1 
_entity_src_gen.pdbx_alt_source_flag               sample 
_entity_src_gen.pdbx_seq_type                      'Biological sequence' 
_entity_src_gen.pdbx_beg_seq_num                   1 
_entity_src_gen.pdbx_end_seq_num                   152 
_entity_src_gen.gene_src_common_name               Human 
_entity_src_gen.gene_src_genus                     ? 
_entity_src_gen.pdbx_gene_src_gene                 FABP4 
_entity_src_gen.gene_src_species                   ? 
_entity_src_gen.gene_src_strain                    ? 
_entity_src_gen.gene_src_tissue                    ? 
_entity_src_gen.gene_src_tissue_fraction           ? 
_entity_src_gen.gene_src_details                   ? 
_entity_src_gen.pdbx_gene_src_fragment             ? 
_entity_src_gen.pdbx_gene_src_scientific_name      'Homo sapiens' 
_entity_src_gen.pdbx_gene_src_ncbi_taxonomy_id     9606 
_entity_src_gen.pdbx_gene_src_variant              ? 
_entity_src_gen.pdbx_gene_src_cell_line            ? 
_entity_src_gen.pdbx_gene_src_atcc                 ? 
_entity_src_gen.pdbx_gene_src_organ                ? 
_entity_src_gen.pdbx_gene_src_organelle            ? 
_entity_src_gen.pdbx_gene_src_cell                 ? 
_entity_src_gen.pdbx_gene_src_cellular_location    ? 
_entity_src_gen.host_org_common_name               ? 
_entity_src_gen.pdbx_host_org_scientific_name      'Escherichia coli' 
_entity_src_gen.pdbx_host_org_ncbi_taxonomy_id     562 
_entity_src_gen.host_org_genus                     ? 
_entity_src_gen.pdbx_host_org_gene                 ? 
_entity_src_gen.pdbx_host_org_organ                ? 
_entity_src_gen.host_org_species                   ? 
_entity_src_gen.pdbx_host_org_tissue               ? 
_entity_src_gen.pdbx_host_org_tissue_fraction      ? 
_entity_src_gen.pdbx_host_org_strain               ? 
_entity_src_gen.pdbx_host_org_variant              ? 
_entity_src_gen.pdbx_host_org_cell_line            ? 
_entity_src_gen.pdbx_host_org_atcc                 ? 
_entity_src_gen.pdbx_host_org_culture_collection   ? 
_entity_src_gen.pdbx_host_org_cell                 ? 
_entity_src_gen.pdbx_host_org_organelle            ? 
_entity_src_gen.pdbx_host_org_cellular_location    ? 
_entity_src_gen.pdbx_host_org_vector_type          ? 
_entity_src_gen.pdbx_host_org_vector               ? 
_entity_src_gen.host_org_details                   ? 
_entity_src_gen.expression_system_id               ? 
_entity_src_gen.plasmid_name                       ? 
_entity_src_gen.plasmid_details                    ? 
_entity_src_gen.pdbx_description                   ? 
# 
_struct_ref.id                         1 
_struct_ref.db_name                    UNP 
_struct_ref.db_code                    FABP4_HUMAN 
_struct_ref.pdbx_db_accession          P15090 
_struct_ref.pdbx_db_isoform            ? 
_struct_ref.entity_id                  1 
_struct_ref.pdbx_seq_one_letter_code   
;MCDAFVGTWKLVSSENFDDYMKEVGVGFATRKVAGMAKPNMIISVNGDVITIKSESTFKNTEISFILGQEFDEVTADDRK
VKSTITLDGGVLVHVQKWDGKSTTIKRKREDDKLVVECVMKGVTSTRVYERA
;
_struct_ref.pdbx_align_begin           1 
# 
_struct_ref_seq.align_id                      1 
_struct_ref_seq.ref_id                        1 
_struct_ref_seq.pdbx_PDB_id_code              5D47 
_struct_ref_seq.pdbx_strand_id                A 
_struct_ref_seq.seq_align_beg                 21 
_struct_ref_seq.pdbx_seq_align_beg_ins_code   ? 
_struct_ref_seq.seq_align_end                 152 
_struct_ref_seq.pdbx_seq_align_end_ins_code   ? 
_struct_ref_seq.pdbx_db_accession             P15090 
_struct_ref_seq.db_align_beg                  1 
_struct_ref_seq.pdbx_db_align_beg_ins_code    ? 
_struct_ref_seq.db_align_end                  132 
_struct_ref_seq.pdbx_db_align_end_ins_code    ? 
_struct_ref_seq.pdbx_auth_seq_align_beg       0 
_struct_ref_seq.pdbx_auth_seq_align_end       131 
# 
loop_
_struct_ref_seq_dif.align_id 
_struct_ref_seq_dif.pdbx_pdb_id_code 
_struct_ref_seq_dif.mon_id 
_struct_ref_seq_dif.pdbx_pdb_strand_id 
_struct_ref_seq_dif.seq_num 
_struct_ref_seq_dif.pdbx_pdb_ins_code 
_struct_ref_seq_dif.pdbx_seq_db_name 
_struct_ref_seq_dif.pdbx_seq_db_accession_code 
_struct_ref_seq_dif.db_mon_id 
_struct_ref_seq_dif.pdbx_seq_db_seq_num 
_struct_ref_seq_dif.details 
_struct_ref_seq_dif.pdbx_auth_seq_num 
_struct_ref_seq_dif.pdbx_ordinal 
1 5D47 MET A 1  ? UNP P15090 ? ? 'expression tag' -20 1  
1 5D47 GLY A 2  ? UNP P15090 ? ? 'expression tag' -19 2  
1 5D47 SER A 3  ? UNP P15090 ? ? 'expression tag' -18 3  
1 5D47 SER A 4  ? UNP P15090 ? ? 'expression tag' -17 4  
1 5D47 HIS A 5  ? UNP P15090 ? ? 'expression tag' -16 5  
1 5D47 HIS A 6  ? UNP P15090 ? ? 'expression tag' -15 6  
1 5D47 HIS A 7  ? UNP P15090 ? ? 'expression tag' -14 7  
1 5D47 HIS A 8  ? UNP P15090 ? ? 'expression tag' -13 8  
1 5D47 HIS A 9  ? UNP P15090 ? ? 'expression tag' -12 9  
1 5D47 HIS A 10 ? UNP P15090 ? ? 'expression tag' -11 10 
1 5D47 SER A 11 ? UNP P15090 ? ? 'expression tag' -10 11 
1 5D47 SER A 12 ? UNP P15090 ? ? 'expression tag' -9  12 
1 5D47 GLY A 13 ? UNP P15090 ? ? 'expression tag' -8  13 
1 5D47 LEU A 14 ? UNP P15090 ? ? 'expression tag' -7  14 
1 5D47 VAL A 15 ? UNP P15090 ? ? 'expression tag' -6  15 
1 5D47 PRO A 16 ? UNP P15090 ? ? 'expression tag' -5  16 
1 5D47 ARG A 17 ? UNP P15090 ? ? 'expression tag' -4  17 
1 5D47 GLY A 18 ? UNP P15090 ? ? 'expression tag' -3  18 
1 5D47 SER A 19 ? UNP P15090 ? ? 'expression tag' -2  19 
1 5D47 HIS A 20 ? UNP P15090 ? ? 'expression tag' -1  20 
# 
loop_
_chem_comp.id 
_chem_comp.type 
_chem_comp.mon_nstd_flag 
_chem_comp.name 
_chem_comp.pdbx_synonyms 
_chem_comp.formula 
_chem_comp.formula_weight 
ALA 'L-peptide linking' y ALANINE                                                                            ? 'C3 H7 N O2'     
89.093  
ARG 'L-peptide linking' y ARGININE                                                                           ? 'C6 H15 N4 O2 1' 
175.209 
ASN 'L-peptide linking' y ASPARAGINE                                                                         ? 'C4 H8 N2 O3'    
132.118 
ASP 'L-peptide linking' y 'ASPARTIC ACID'                                                                    ? 'C4 H7 N O4'     
133.103 
CYS 'L-peptide linking' y CYSTEINE                                                                           ? 'C3 H7 N O2 S'   
121.158 
GLN 'L-peptide linking' y GLUTAMINE                                                                          ? 'C5 H10 N2 O3'   
146.144 
GLU 'L-peptide linking' y 'GLUTAMIC ACID'                                                                    ? 'C5 H9 N O4'     
147.129 
GLY 'peptide linking'   y GLYCINE                                                                            ? 'C2 H5 N O2'     
75.067  
HIS 'L-peptide linking' y HISTIDINE                                                                          ? 'C6 H10 N3 O2 1' 
156.162 
HOH non-polymer         . WATER                                                                              ? 'H2 O'           
18.015  
ILE 'L-peptide linking' y ISOLEUCINE                                                                         ? 'C6 H13 N O2'    
131.173 
L19 non-polymer         . '3-[5-cyclopropyl-3-(3-methoxypyridin-4-yl)-2-phenyl-1H-indol-1-yl]propanoic acid' ? 'C26 H24 N2 O3'  
412.480 
LEU 'L-peptide linking' y LEUCINE                                                                            ? 'C6 H13 N O2'    
131.173 
LYS 'L-peptide linking' y LYSINE                                                                             ? 'C6 H15 N2 O2 1' 
147.195 
MET 'L-peptide linking' y METHIONINE                                                                         ? 'C5 H11 N O2 S'  
149.211 
PHE 'L-peptide linking' y PHENYLALANINE                                                                      ? 'C9 H11 N O2'    
165.189 
PRO 'L-peptide linking' y PROLINE                                                                            ? 'C5 H9 N O2'     
115.130 
SER 'L-peptide linking' y SERINE                                                                             ? 'C3 H7 N O3'     
105.093 
THR 'L-peptide linking' y THREONINE                                                                          ? 'C4 H9 N O3'     
119.119 
TRP 'L-peptide linking' y TRYPTOPHAN                                                                         ? 'C11 H12 N2 O2'  
204.225 
TYR 'L-peptide linking' y TYROSINE                                                                           ? 'C9 H11 N O3'    
181.189 
VAL 'L-peptide linking' y VALINE                                                                             ? 'C5 H11 N O2'    
117.146 
# 
_exptl.absorpt_coefficient_mu     ? 
_exptl.absorpt_correction_T_max   ? 
_exptl.absorpt_correction_T_min   ? 
_exptl.absorpt_correction_type    ? 
_exptl.absorpt_process_details    ? 
_exptl.entry_id                   5D47 
_exptl.crystals_number            1 
_exptl.details                    ? 
_exptl.method                     'X-RAY DIFFRACTION' 
_exptl.method_details             ? 
# 
_exptl_crystal.colour                      ? 
_exptl_crystal.density_diffrn              ? 
_exptl_crystal.density_Matthews            1.92 
_exptl_crystal.density_method              ? 
_exptl_crystal.density_percent_sol         36.08 
_exptl_crystal.description                 ? 
_exptl_crystal.F_000                       ? 
_exptl_crystal.id                          1 
_exptl_crystal.preparation                 ? 
_exptl_crystal.size_max                    ? 
_exptl_crystal.size_mid                    ? 
_exptl_crystal.size_min                    ? 
_exptl_crystal.size_rad                    ? 
_exptl_crystal.colour_lustre               ? 
_exptl_crystal.colour_modifier             ? 
_exptl_crystal.colour_primary              ? 
_exptl_crystal.density_meas                ? 
_exptl_crystal.density_meas_esd            ? 
_exptl_crystal.density_meas_gt             ? 
_exptl_crystal.density_meas_lt             ? 
_exptl_crystal.density_meas_temp           ? 
_exptl_crystal.density_meas_temp_esd       ? 
_exptl_crystal.density_meas_temp_gt        ? 
_exptl_crystal.density_meas_temp_lt        ? 
_exptl_crystal.pdbx_crystal_image_url      ? 
_exptl_crystal.pdbx_crystal_image_format   ? 
_exptl_crystal.pdbx_mosaicity              ? 
_exptl_crystal.pdbx_mosaicity_esd          ? 
# 
_exptl_crystal_grow.apparatus       ? 
_exptl_crystal_grow.atmosphere      ? 
_exptl_crystal_grow.crystal_id      1 
_exptl_crystal_grow.details         ? 
_exptl_crystal_grow.method          'VAPOR DIFFUSION, SITTING DROP' 
_exptl_crystal_grow.method_ref      ? 
_exptl_crystal_grow.pH              ? 
_exptl_crystal_grow.pressure        ? 
_exptl_crystal_grow.pressure_esd    ? 
_exptl_crystal_grow.seeding         ? 
_exptl_crystal_grow.seeding_ref     ? 
_exptl_crystal_grow.temp            296 
_exptl_crystal_grow.temp_details    ? 
_exptl_crystal_grow.temp_esd        ? 
_exptl_crystal_grow.time            ? 
_exptl_crystal_grow.pdbx_details    '2.4 M NaH2PO4/K2HPO4' 
_exptl_crystal_grow.pdbx_pH_range   ? 
# 
_diffrn.ambient_environment    ? 
_diffrn.ambient_temp           100 
_diffrn.ambient_temp_details   ? 
_diffrn.ambient_temp_esd       ? 
_diffrn.crystal_id             1 
_diffrn.crystal_support        ? 
_diffrn.crystal_treatment      ? 
_diffrn.details                ? 
_diffrn.id                     1 
_diffrn.ambient_pressure       ? 
_diffrn.ambient_pressure_esd   ? 
_diffrn.ambient_pressure_gt    ? 
_diffrn.ambient_pressure_lt    ? 
_diffrn.ambient_temp_gt        ? 
_diffrn.ambient_temp_lt        ? 
# 
_diffrn_detector.details                      ? 
_diffrn_detector.detector                     CCD 
_diffrn_detector.diffrn_id                    1 
_diffrn_detector.type                         'ADSC QUANTUM 210' 
_diffrn_detector.area_resol_mean              ? 
_diffrn_detector.dtime                        ? 
_diffrn_detector.pdbx_frames_total            ? 
_diffrn_detector.pdbx_collection_time_total   ? 
_diffrn_detector.pdbx_collection_date         2011-11-16 
# 
_diffrn_radiation.collimation                      ? 
_diffrn_radiation.diffrn_id                        1 
_diffrn_radiation.filter_edge                      ? 
_diffrn_radiation.inhomogeneity                    ? 
_diffrn_radiation.monochromator                    ? 
_diffrn_radiation.polarisn_norm                    ? 
_diffrn_radiation.polarisn_ratio                   ? 
_diffrn_radiation.probe                            ? 
_diffrn_radiation.type                             ? 
_diffrn_radiation.xray_symbol                      ? 
_diffrn_radiation.wavelength_id                    1 
_diffrn_radiation.pdbx_monochromatic_or_laue_m_l   M 
_diffrn_radiation.pdbx_wavelength_list             ? 
_diffrn_radiation.pdbx_wavelength                  ? 
_diffrn_radiation.pdbx_diffrn_protocol             'SINGLE WAVELENGTH' 
_diffrn_radiation.pdbx_analyzer                    ? 
_diffrn_radiation.pdbx_scattering_type             x-ray 
# 
_diffrn_radiation_wavelength.id           1 
_diffrn_radiation_wavelength.wavelength   1 
_diffrn_radiation_wavelength.wt           1.0 
# 
_diffrn_source.current                     ? 
_diffrn_source.details                     ? 
_diffrn_source.diffrn_id                   1 
_diffrn_source.power                       ? 
_diffrn_source.size                        ? 
_diffrn_source.source                      SYNCHROTRON 
_diffrn_source.target                      ? 
_diffrn_source.type                        'PHOTON FACTORY BEAMLINE AR-NW12A' 
_diffrn_source.voltage                     ? 
_diffrn_source.take-off_angle              ? 
_diffrn_source.pdbx_wavelength_list        1 
_diffrn_source.pdbx_wavelength             ? 
_diffrn_source.pdbx_synchrotron_beamline   AR-NW12A 
_diffrn_source.pdbx_synchrotron_site       'Photon Factory' 
# 
_reflns.B_iso_Wilson_estimate            22.424 
_reflns.entry_id                         5D47 
_reflns.data_reduction_details           ? 
_reflns.data_reduction_method            ? 
_reflns.d_resolution_high                1.700 
_reflns.d_resolution_low                 50 
_reflns.details                          ? 
_reflns.limit_h_max                      ? 
_reflns.limit_h_min                      ? 
_reflns.limit_k_max                      ? 
_reflns.limit_k_min                      ? 
_reflns.limit_l_max                      ? 
_reflns.limit_l_min                      ? 
_reflns.number_all                       ? 
_reflns.number_obs                       14733 
_reflns.observed_criterion               ? 
_reflns.observed_criterion_F_max         ? 
_reflns.observed_criterion_F_min         ? 
_reflns.observed_criterion_I_max         ? 
_reflns.observed_criterion_I_min         ? 
_reflns.observed_criterion_sigma_F       ? 
_reflns.observed_criterion_sigma_I       -3.000 
_reflns.percent_possible_obs             98.500 
_reflns.R_free_details                   ? 
_reflns.Rmerge_F_all                     ? 
_reflns.Rmerge_F_obs                     0.049 
_reflns.Friedel_coverage                 ? 
_reflns.number_gt                        ? 
_reflns.threshold_expression             ? 
_reflns.pdbx_redundancy                  17.7 
_reflns.pdbx_Rmerge_I_obs                0.045 
_reflns.pdbx_Rmerge_I_all                ? 
_reflns.pdbx_Rsym_value                  ? 
_reflns.pdbx_netI_over_av_sigmaI         ? 
_reflns.pdbx_netI_over_sigmaI            29.230 
_reflns.pdbx_res_netI_over_av_sigmaI_2   ? 
_reflns.pdbx_res_netI_over_sigmaI_2      ? 
_reflns.pdbx_chi_squared                 ? 
_reflns.pdbx_scaling_rejects             ? 
_reflns.pdbx_d_res_high_opt              ? 
_reflns.pdbx_d_res_low_opt               ? 
_reflns.pdbx_d_res_opt_method            ? 
_reflns.phase_calculation_details        ? 
_reflns.pdbx_Rrim_I_all                  0.049 
_reflns.pdbx_Rpim_I_all                  ? 
_reflns.pdbx_d_opt                       ? 
_reflns.pdbx_number_measured_all         104930 
_reflns.pdbx_diffrn_id                   1 
_reflns.pdbx_ordinal                     1 
_reflns.pdbx_CC_half                     ? 
_reflns.pdbx_R_split                     ? 
# 
loop_
_reflns_shell.d_res_high 
_reflns_shell.d_res_low 
_reflns_shell.meanI_over_sigI_all 
_reflns_shell.meanI_over_sigI_obs 
_reflns_shell.number_measured_all 
_reflns_shell.number_measured_obs 
_reflns_shell.number_possible 
_reflns_shell.number_unique_all 
_reflns_shell.number_unique_obs 
_reflns_shell.percent_possible_all 
_reflns_shell.percent_possible_obs 
_reflns_shell.Rmerge_F_all 
_reflns_shell.Rmerge_F_obs 
_reflns_shell.Rmerge_I_all 
_reflns_shell.Rmerge_I_obs 
_reflns_shell.meanI_over_sigI_gt 
_reflns_shell.meanI_over_uI_all 
_reflns_shell.meanI_over_uI_gt 
_reflns_shell.number_measured_gt 
_reflns_shell.number_unique_gt 
_reflns_shell.percent_possible_gt 
_reflns_shell.Rmerge_F_gt 
_reflns_shell.Rmerge_I_gt 
_reflns_shell.pdbx_redundancy 
_reflns_shell.pdbx_Rsym_value 
_reflns_shell.pdbx_chi_squared 
_reflns_shell.pdbx_netI_over_sigmaI_all 
_reflns_shell.pdbx_netI_over_sigmaI_obs 
_reflns_shell.pdbx_Rrim_I_all 
_reflns_shell.pdbx_Rpim_I_all 
_reflns_shell.pdbx_rejects 
_reflns_shell.pdbx_ordinal 
_reflns_shell.pdbx_diffrn_id 
_reflns_shell.pdbx_CC_half 
_reflns_shell.pdbx_R_split 
1.700  1.800  ? 7.640  ? 16385 2302 ? 2248 97.700 ? ? 0.205 ? 0.262 ? ? ? ? ? ? ? ? ? ? ? ? ? 0.282 ? 0 1 1 ? ? 
1.800  2.000  ? 14.050 ? 23792 3347 ? 3288 98.200 ? ? 0.117 ? 0.139 ? ? ? ? ? ? ? ? ? ? ? ? ? 0.150 ? 0 2 1 ? ? 
2.000  2.500  ? 26.750 ? 31523 4448 ? 4396 98.800 ? ? 0.048 ? 0.064 ? ? ? ? ? ? ? ? ? ? ? ? ? 0.069 ? 0 3 1 ? ? 
2.500  3.000  ? 39.760 ? 14081 1996 ? 1980 99.200 ? ? 0.028 ? 0.040 ? ? ? ? ? ? ? ? ? ? ? ? ? 0.043 ? 0 4 1 ? ? 
3.000  4.000  ? 57.580 ? 11122 1601 ? 1594 99.600 ? ? 0.015 ? 0.028 ? ? ? ? ? ? ? ? ? ? ? ? ? 0.030 ? 0 5 1 ? ? 
4.000  5.000  ? 66.210 ? 3907  587  ? 575  98.000 ? ? 0.012 ? 0.023 ? ? ? ? ? ? ? ? ? ? ? ? ? 0.025 ? 0 6 1 ? ? 
5.000  10.000 ? 63.560 ? 3665  574  ? 565  98.400 ? ? 0.012 ? 0.023 ? ? ? ? ? ? ? ? ? ? ? ? ? 0.025 ? 0 7 1 ? ? 
10.000 ?      ? 60.040 ? 455   95   ? 87   91.600 ? ? 0.013 ? 0.024 ? ? ? ? ? ? ? ? ? ? ? ? ? 0.026 ? 0 8 1 ? ? 
# 
_refine.aniso_B[1][1]                            1.5200 
_refine.aniso_B[1][2]                            0.0000 
_refine.aniso_B[1][3]                            0.0000 
_refine.aniso_B[2][2]                            -0.5500 
_refine.aniso_B[2][3]                            0.0000 
_refine.aniso_B[3][3]                            -0.9700 
_refine.B_iso_max                                74.970 
_refine.B_iso_mean                               18.3270 
_refine.B_iso_min                                7.220 
_refine.correlation_coeff_Fo_to_Fc               0.9540 
_refine.correlation_coeff_Fo_to_Fc_free          0.9360 
_refine.details                                  
'HYDROGENS HAVE BEEN USED IF PRESENT IN THE INPUT U VALUES      : REFINED INDIVIDUALLY' 
_refine.diff_density_max                         ? 
_refine.diff_density_max_esd                     ? 
_refine.diff_density_min                         ? 
_refine.diff_density_min_esd                     ? 
_refine.diff_density_rms                         ? 
_refine.diff_density_rms_esd                     ? 
_refine.entry_id                                 5D47 
_refine.pdbx_refine_id                           'X-RAY DIFFRACTION' 
_refine.ls_abs_structure_details                 ? 
_refine.ls_abs_structure_Flack                   ? 
_refine.ls_abs_structure_Flack_esd               ? 
_refine.ls_abs_structure_Rogers                  ? 
_refine.ls_abs_structure_Rogers_esd              ? 
_refine.ls_d_res_high                            1.7000 
_refine.ls_d_res_low                             43.7000 
_refine.ls_extinction_coef                       ? 
_refine.ls_extinction_coef_esd                   ? 
_refine.ls_extinction_expression                 ? 
_refine.ls_extinction_method                     ? 
_refine.ls_goodness_of_fit_all                   ? 
_refine.ls_goodness_of_fit_all_esd               ? 
_refine.ls_goodness_of_fit_obs                   ? 
_refine.ls_goodness_of_fit_obs_esd               ? 
_refine.ls_hydrogen_treatment                    ? 
_refine.ls_matrix_type                           ? 
_refine.ls_number_constraints                    ? 
_refine.ls_number_parameters                     ? 
_refine.ls_number_reflns_all                     ? 
_refine.ls_number_reflns_obs                     13985 
_refine.ls_number_reflns_R_free                  747 
_refine.ls_number_reflns_R_work                  ? 
_refine.ls_number_restraints                     ? 
_refine.ls_percent_reflns_obs                    98.5500 
_refine.ls_percent_reflns_R_free                 5.1000 
_refine.ls_R_factor_all                          ? 
_refine.ls_R_factor_obs                          0.1786 
_refine.ls_R_factor_R_free                       0.2124 
_refine.ls_R_factor_R_free_error                 ? 
_refine.ls_R_factor_R_free_error_details         ? 
_refine.ls_R_factor_R_work                       0.1769 
_refine.ls_R_Fsqd_factor_obs                     ? 
_refine.ls_R_I_factor_obs                        ? 
_refine.ls_redundancy_reflns_all                 ? 
_refine.ls_redundancy_reflns_obs                 ? 
_refine.ls_restrained_S_all                      ? 
_refine.ls_restrained_S_obs                      ? 
_refine.ls_shift_over_esd_max                    ? 
_refine.ls_shift_over_esd_mean                   ? 
_refine.ls_structure_factor_coef                 ? 
_refine.ls_weighting_details                     ? 
_refine.ls_weighting_scheme                      ? 
_refine.ls_wR_factor_all                         ? 
_refine.ls_wR_factor_obs                         ? 
_refine.ls_wR_factor_R_free                      0.2026 
_refine.ls_wR_factor_R_work                      0.1740 
_refine.occupancy_max                            ? 
_refine.occupancy_min                            ? 
_refine.solvent_model_details                    MASK 
_refine.solvent_model_param_bsol                 ? 
_refine.solvent_model_param_ksol                 ? 
_refine.ls_R_factor_gt                           ? 
_refine.ls_goodness_of_fit_gt                    ? 
_refine.ls_goodness_of_fit_ref                   ? 
_refine.ls_shift_over_su_max                     ? 
_refine.ls_shift_over_su_max_lt                  ? 
_refine.ls_shift_over_su_mean                    ? 
_refine.ls_shift_over_su_mean_lt                 ? 
_refine.pdbx_ls_sigma_I                          ? 
_refine.pdbx_ls_sigma_F                          0.000 
_refine.pdbx_ls_sigma_Fsqd                       ? 
_refine.pdbx_data_cutoff_high_absF               ? 
_refine.pdbx_data_cutoff_high_rms_absF           ? 
_refine.pdbx_data_cutoff_low_absF                ? 
_refine.pdbx_isotropic_thermal_model             ? 
_refine.pdbx_ls_cross_valid_method               THROUGHOUT 
_refine.pdbx_method_to_determine_struct          'MOLECULAR REPLACEMENT' 
_refine.pdbx_starting_model                      2HNX 
_refine.pdbx_stereochemistry_target_values       'MAXIMUM LIKELIHOOD' 
_refine.pdbx_R_Free_selection_details            RANDOM 
_refine.pdbx_stereochem_target_val_spec_case     ? 
_refine.pdbx_overall_ESU_R                       0.1110 
_refine.pdbx_overall_ESU_R_Free                  0.1080 
_refine.pdbx_solvent_vdw_probe_radii             1.2000 
_refine.pdbx_solvent_ion_probe_radii             0.8000 
_refine.pdbx_solvent_shrinkage_radii             0.8000 
_refine.pdbx_real_space_R                        ? 
_refine.pdbx_density_correlation                 ? 
_refine.pdbx_pd_number_of_powder_patterns        ? 
_refine.pdbx_pd_number_of_points                 ? 
_refine.pdbx_pd_meas_number_of_points            ? 
_refine.pdbx_pd_proc_ls_prof_R_factor            ? 
_refine.pdbx_pd_proc_ls_prof_wR_factor           ? 
_refine.pdbx_pd_Marquardt_correlation_coeff      ? 
_refine.pdbx_pd_Fsqrd_R_factor                   ? 
_refine.pdbx_pd_ls_matrix_band_width             ? 
_refine.pdbx_overall_phase_error                 ? 
_refine.pdbx_overall_SU_R_free_Cruickshank_DPI   ? 
_refine.pdbx_overall_SU_R_free_Blow_DPI          ? 
_refine.pdbx_overall_SU_R_Blow_DPI               ? 
_refine.pdbx_TLS_residual_ADP_flag               ? 
_refine.pdbx_diffrn_id                           1 
_refine.overall_SU_B                             1.9820 
_refine.overall_SU_ML                            0.0670 
_refine.overall_SU_R_Cruickshank_DPI             0.1112 
_refine.overall_SU_R_free                        0.1082 
_refine.overall_FOM_free_R_set                   ? 
_refine.overall_FOM_work_R_set                   0.8736 
_refine.pdbx_average_fsc_overall                 ? 
_refine.pdbx_average_fsc_work                    ? 
_refine.pdbx_average_fsc_free                    ? 
# 
_refine_hist.cycle_id                         final 
_refine_hist.pdbx_refine_id                   'X-RAY DIFFRACTION' 
_refine_hist.d_res_high                       1.7000 
_refine_hist.d_res_low                        43.7000 
_refine_hist.pdbx_number_atoms_ligand         31 
_refine_hist.number_atoms_solvent             119 
_refine_hist.number_atoms_total               1200 
_refine_hist.pdbx_number_residues_total       135 
_refine_hist.pdbx_B_iso_mean_ligand           28.36 
_refine_hist.pdbx_B_iso_mean_solvent          32.09 
_refine_hist.pdbx_number_atoms_protein        1050 
_refine_hist.pdbx_number_atoms_nucleic_acid   0 
# 
loop_
_refine_ls_restr.pdbx_refine_id 
_refine_ls_restr.criterion 
_refine_ls_restr.dev_ideal 
_refine_ls_restr.dev_ideal_target 
_refine_ls_restr.number 
_refine_ls_restr.rejects 
_refine_ls_restr.type 
_refine_ls_restr.weight 
_refine_ls_restr.pdbx_restraint_function 
'X-RAY DIFFRACTION' ? 0.023  0.020  1099 ? r_bond_refined_d       ? ? 
'X-RAY DIFFRACTION' ? 2.302  1.984  1480 ? r_angle_refined_deg    ? ? 
'X-RAY DIFFRACTION' ? 6.623  5.000  134  ? r_dihedral_angle_1_deg ? ? 
'X-RAY DIFFRACTION' ? 34.141 24.545 44   ? r_dihedral_angle_2_deg ? ? 
'X-RAY DIFFRACTION' ? 16.801 15.000 205  ? r_dihedral_angle_3_deg ? ? 
'X-RAY DIFFRACTION' ? 18.395 15.000 6    ? r_dihedral_angle_4_deg ? ? 
'X-RAY DIFFRACTION' ? 0.178  0.200  167  ? r_chiral_restr         ? ? 
'X-RAY DIFFRACTION' ? 0.012  0.020  800  ? r_gen_planes_refined   ? ? 
# 
_refine_ls_shell.pdbx_refine_id                   'X-RAY DIFFRACTION' 
_refine_ls_shell.d_res_high                       1.7000 
_refine_ls_shell.d_res_low                        1.7440 
_refine_ls_shell.number_reflns_all                949 
_refine_ls_shell.number_reflns_obs                ? 
_refine_ls_shell.number_reflns_R_free             56 
_refine_ls_shell.number_reflns_R_work             893 
_refine_ls_shell.percent_reflns_obs               97.1300 
_refine_ls_shell.percent_reflns_R_free            ? 
_refine_ls_shell.R_factor_all                     ? 
_refine_ls_shell.R_factor_obs                     ? 
_refine_ls_shell.R_factor_R_free                  0.2350 
_refine_ls_shell.R_factor_R_free_error            ? 
_refine_ls_shell.R_factor_R_work                  0.1960 
_refine_ls_shell.redundancy_reflns_all            ? 
_refine_ls_shell.redundancy_reflns_obs            ? 
_refine_ls_shell.wR_factor_all                    ? 
_refine_ls_shell.wR_factor_obs                    ? 
_refine_ls_shell.wR_factor_R_free                 ? 
_refine_ls_shell.wR_factor_R_work                 ? 
_refine_ls_shell.pdbx_total_number_of_bins_used   20 
_refine_ls_shell.pdbx_phase_error                 ? 
_refine_ls_shell.pdbx_fsc_work                    ? 
_refine_ls_shell.pdbx_fsc_free                    ? 
# 
_struct.entry_id                     5D47 
_struct.title                        
'Crystal Structure of FABP4 in complex with 3-[5-cyclopropyl-3-(3-methoxypyridin-4-yl)-2-phenyl-1H-indol-1-yl] propanoic acid' 
_struct.pdbx_model_details           ? 
_struct.pdbx_formula_weight          ? 
_struct.pdbx_formula_weight_method   ? 
_struct.pdbx_model_type_details      ? 
_struct.pdbx_CASP_flag               ? 
# 
_struct_keywords.entry_id        5D47 
_struct_keywords.text            'FATTY ACID BINDING PROTEIN, LIPID BINDING PROTEIN' 
_struct_keywords.pdbx_keywords   'LIPID BINDING PROTEIN' 
# 
loop_
_struct_asym.id 
_struct_asym.pdbx_blank_PDB_chainid_flag 
_struct_asym.pdbx_modified 
_struct_asym.entity_id 
_struct_asym.details 
A N N 1 ? 
B N N 2 ? 
C N N 3 ? 
# 
loop_
_struct_conf.conf_type_id 
_struct_conf.id 
_struct_conf.pdbx_PDB_helix_id 
_struct_conf.beg_label_comp_id 
_struct_conf.beg_label_asym_id 
_struct_conf.beg_label_seq_id 
_struct_conf.pdbx_beg_PDB_ins_code 
_struct_conf.end_label_comp_id 
_struct_conf.end_label_asym_id 
_struct_conf.end_label_seq_id 
_struct_conf.pdbx_end_PDB_ins_code 
_struct_conf.beg_auth_comp_id 
_struct_conf.beg_auth_asym_id 
_struct_conf.beg_auth_seq_id 
_struct_conf.end_auth_comp_id 
_struct_conf.end_auth_asym_id 
_struct_conf.end_auth_seq_id 
_struct_conf.pdbx_PDB_helix_class 
_struct_conf.details 
_struct_conf.pdbx_PDB_helix_length 
HELX_P HELX_P1 AA1 HIS A 20 ? PHE A 25 ? HIS A -1 PHE A 4  5 ? 6  
HELX_P HELX_P2 AA2 ASN A 36 ? GLY A 45 ? ASN A 15 GLY A 24 1 ? 10 
HELX_P HELX_P3 AA3 GLY A 47 ? ALA A 57 ? GLY A 26 ALA A 36 1 ? 11 
# 
_struct_conf_type.id          HELX_P 
_struct_conf_type.criteria    ? 
_struct_conf_type.reference   ? 
# 
_struct_sheet.id               AA1 
_struct_sheet.type             ? 
_struct_sheet.number_strands   10 
_struct_sheet.details          ? 
# 
loop_
_struct_sheet_order.sheet_id 
_struct_sheet_order.range_id_1 
_struct_sheet_order.range_id_2 
_struct_sheet_order.offset 
_struct_sheet_order.sense 
AA1 1 2  ? anti-parallel 
AA1 2 3  ? anti-parallel 
AA1 3 4  ? anti-parallel 
AA1 4 5  ? anti-parallel 
AA1 5 6  ? anti-parallel 
AA1 6 7  ? anti-parallel 
AA1 7 8  ? anti-parallel 
AA1 8 9  ? anti-parallel 
AA1 9 10 ? anti-parallel 
# 
loop_
_struct_sheet_range.sheet_id 
_struct_sheet_range.id 
_struct_sheet_range.beg_label_comp_id 
_struct_sheet_range.beg_label_asym_id 
_struct_sheet_range.beg_label_seq_id 
_struct_sheet_range.pdbx_beg_PDB_ins_code 
_struct_sheet_range.end_label_comp_id 
_struct_sheet_range.end_label_asym_id 
_struct_sheet_range.end_label_seq_id 
_struct_sheet_range.pdbx_end_PDB_ins_code 
_struct_sheet_range.beg_auth_comp_id 
_struct_sheet_range.beg_auth_asym_id 
_struct_sheet_range.beg_auth_seq_id 
_struct_sheet_range.end_auth_comp_id 
_struct_sheet_range.end_auth_asym_id 
_struct_sheet_range.end_auth_seq_id 
AA1 1  ASN A 80  ? ILE A 86  ? ASN A 59  ILE A 65  
AA1 2  VAL A 69  ? GLU A 75  ? VAL A 48  GLU A 54  
AA1 3  ASN A 60  ? ASN A 66  ? ASN A 39  ASN A 45  
AA1 4  GLY A 27  ? GLU A 35  ? GLY A 6   GLU A 14  
AA1 5  VAL A 143 ? ARG A 151 ? VAL A 122 ARG A 130 
AA1 6  LYS A 133 ? MET A 140 ? LYS A 112 MET A 119 
AA1 7  LYS A 121 ? GLU A 130 ? LYS A 100 GLU A 109 
AA1 8  VAL A 111 ? TRP A 118 ? VAL A 90  TRP A 97  
AA1 9  LYS A 100 ? ASP A 108 ? LYS A 79  ASP A 87  
AA1 10 PHE A 91  ? VAL A 94  ? PHE A 70  VAL A 73  
# 
loop_
_pdbx_struct_sheet_hbond.sheet_id 
_pdbx_struct_sheet_hbond.range_id_1 
_pdbx_struct_sheet_hbond.range_id_2 
_pdbx_struct_sheet_hbond.range_1_label_atom_id 
_pdbx_struct_sheet_hbond.range_1_label_comp_id 
_pdbx_struct_sheet_hbond.range_1_label_asym_id 
_pdbx_struct_sheet_hbond.range_1_label_seq_id 
_pdbx_struct_sheet_hbond.range_1_PDB_ins_code 
_pdbx_struct_sheet_hbond.range_1_auth_atom_id 
_pdbx_struct_sheet_hbond.range_1_auth_comp_id 
_pdbx_struct_sheet_hbond.range_1_auth_asym_id 
_pdbx_struct_sheet_hbond.range_1_auth_seq_id 
_pdbx_struct_sheet_hbond.range_2_label_atom_id 
_pdbx_struct_sheet_hbond.range_2_label_comp_id 
_pdbx_struct_sheet_hbond.range_2_label_asym_id 
_pdbx_struct_sheet_hbond.range_2_label_seq_id 
_pdbx_struct_sheet_hbond.range_2_PDB_ins_code 
_pdbx_struct_sheet_hbond.range_2_auth_atom_id 
_pdbx_struct_sheet_hbond.range_2_auth_comp_id 
_pdbx_struct_sheet_hbond.range_2_auth_asym_id 
_pdbx_struct_sheet_hbond.range_2_auth_seq_id 
AA1 1 2  O PHE A 85  ? O PHE A 64  N ILE A 70  ? N ILE A 49  
AA1 2 3  O THR A 71  ? O THR A 50  N SER A 64  ? N SER A 43  
AA1 3 4  O MET A 61  ? O MET A 40  N TRP A 29  ? N TRP A 8   
AA1 4 5  N VAL A 32  ? N VAL A 11  O VAL A 148 ? O VAL A 127 
AA1 5 6  O ARG A 147 ? O ARG A 126 N VAL A 136 ? N VAL A 115 
AA1 6 7  O VAL A 135 ? O VAL A 114 N LYS A 128 ? N LYS A 107 
AA1 7 8  O LYS A 121 ? O LYS A 100 N TRP A 118 ? N TRP A 97  
AA1 8 9  O VAL A 113 ? O VAL A 92  N THR A 106 ? N THR A 85  
AA1 9 10 O SER A 103 ? O SER A 82  N PHE A 91  ? N PHE A 70  
# 
_struct_site.id                   AC1 
_struct_site.pdbx_evidence_code   Software 
_struct_site.pdbx_auth_asym_id    A 
_struct_site.pdbx_auth_comp_id    L19 
_struct_site.pdbx_auth_seq_id     201 
_struct_site.pdbx_auth_ins_code   ? 
_struct_site.pdbx_num_residues    11 
_struct_site.details              'binding site for residue L19 A 201' 
# 
loop_
_struct_site_gen.id 
_struct_site_gen.site_id 
_struct_site_gen.pdbx_num_res 
_struct_site_gen.label_comp_id 
_struct_site_gen.label_asym_id 
_struct_site_gen.label_seq_id 
_struct_site_gen.pdbx_auth_ins_code 
_struct_site_gen.auth_comp_id 
_struct_site_gen.auth_asym_id 
_struct_site_gen.auth_seq_id 
_struct_site_gen.label_atom_id 
_struct_site_gen.label_alt_id 
_struct_site_gen.symmetry 
_struct_site_gen.details 
1  AC1 11 PHE A 37  ? PHE A 16  . ? 1_555 ? 
2  AC1 11 MET A 41  ? MET A 20  . ? 1_555 ? 
3  AC1 11 ALA A 54  ? ALA A 33  . ? 1_555 ? 
4  AC1 11 MET A 61  ? MET A 40  . ? 1_555 ? 
5  AC1 11 SER A 74  ? SER A 53  . ? 1_555 ? 
6  AC1 11 SER A 76  ? SER A 55  . ? 1_555 ? 
7  AC1 11 LYS A 79  ? LYS A 58  . ? 1_555 ? 
8  AC1 11 ASP A 97  ? ASP A 76  . ? 1_555 ? 
9  AC1 11 ARG A 147 ? ARG A 126 . ? 1_555 ? 
10 AC1 11 TYR A 149 ? TYR A 128 . ? 1_555 ? 
11 AC1 11 HOH C .   ? HOH A 326 . ? 1_555 ? 
# 
_atom_sites.entry_id                    5D47 
_atom_sites.fract_transf_matrix[1][1]   0.01660276 
_atom_sites.fract_transf_matrix[1][2]   -0.00265381 
_atom_sites.fract_transf_matrix[1][3]   -0.02599668 
_atom_sites.fract_transf_matrix[2][1]   0.00519280 
_atom_sites.fract_transf_matrix[2][2]   -0.01710301 
_atom_sites.fract_transf_matrix[2][3]   0.00506230 
_atom_sites.fract_transf_matrix[3][1]   -0.01063857 
_atom_sites.fract_transf_matrix[3][2]   -0.00508740 
_atom_sites.fract_transf_matrix[3][3]   -0.00627498 
_atom_sites.fract_transf_vector[1]      0.238880 
_atom_sites.fract_transf_vector[2]      0.186724 
_atom_sites.fract_transf_vector[3]      0.196351 
# 
loop_
_atom_type.symbol 
C 
N 
O 
S 
# 
loop_
_atom_site.group_PDB 
_atom_site.id 
_atom_site.type_symbol 
_atom_site.label_atom_id 
_atom_site.label_alt_id 
_atom_site.label_comp_id 
_atom_site.label_asym_id 
_atom_site.label_entity_id 
_atom_site.label_seq_id 
_atom_site.pdbx_PDB_ins_code 
_atom_site.Cartn_x 
_atom_site.Cartn_y 
_atom_site.Cartn_z 
_atom_site.occupancy 
_atom_site.B_iso_or_equiv 
_atom_site.pdbx_formal_charge 
_atom_site.auth_seq_id 
_atom_site.auth_comp_id 
_atom_site.auth_asym_id 
_atom_site.auth_atom_id 
_atom_site.pdbx_PDB_model_num 
ATOM   1    N N   . GLY A 1 18  ? 20.747  -3.386  14.622  1.00 49.47 ? -3  GLY A N   1 
ATOM   2    C CA  . GLY A 1 18  ? 21.063  -2.005  14.135  1.00 45.82 ? -3  GLY A CA  1 
ATOM   3    C C   . GLY A 1 18  ? 20.323  -1.595  12.863  1.00 45.15 ? -3  GLY A C   1 
ATOM   4    O O   . GLY A 1 18  ? 19.559  -2.376  12.295  1.00 47.37 ? -3  GLY A O   1 
ATOM   5    N N   . SER A 1 19  ? 20.591  -0.368  12.414  1.00 43.40 ? -2  SER A N   1 
ATOM   6    C CA  . SER A 1 19  ? 19.891  0.294   11.293  1.00 40.19 ? -2  SER A CA  1 
ATOM   7    C C   . SER A 1 19  ? 19.853  -0.548  10.012  1.00 38.44 ? -2  SER A C   1 
ATOM   8    O O   . SER A 1 19  ? 20.792  -1.284  9.683   1.00 33.31 ? -2  SER A O   1 
ATOM   9    C CB  . SER A 1 19  ? 20.555  1.662   10.983  1.00 47.93 ? -2  SER A CB  1 
ATOM   10   O OG  . SER A 1 19  ? 19.619  2.698   10.656  1.00 61.32 ? -2  SER A OG  1 
ATOM   11   N N   . HIS A 1 20  ? 18.759  -0.437  9.283   1.00 30.51 ? -1  HIS A N   1 
ATOM   12   C CA  . HIS A 1 20  ? 18.714  -1.000  7.935   1.00 29.49 ? -1  HIS A CA  1 
ATOM   13   C C   . HIS A 1 20  ? 18.239  0.066   6.972   1.00 24.39 ? -1  HIS A C   1 
ATOM   14   O O   . HIS A 1 20  ? 17.693  1.098   7.382   1.00 22.74 ? -1  HIS A O   1 
ATOM   15   C CB  . HIS A 1 20  ? 17.802  -2.228  7.891   1.00 34.02 ? -1  HIS A CB  1 
ATOM   16   C CG  . HIS A 1 20  ? 18.425  -3.500  8.464   1.00 46.62 ? -1  HIS A CG  1 
ATOM   17   N ND1 . HIS A 1 20  ? 18.569  -4.639  7.733   1.00 53.38 ? -1  HIS A ND1 1 
ATOM   18   C CD2 . HIS A 1 20  ? 18.950  -3.788  9.733   1.00 51.88 ? -1  HIS A CD2 1 
ATOM   19   C CE1 . HIS A 1 20  ? 19.144  -5.603  8.502   1.00 53.78 ? -1  HIS A CE1 1 
ATOM   20   N NE2 . HIS A 1 20  ? 19.382  -5.081  9.716   1.00 52.72 ? -1  HIS A NE2 1 
ATOM   21   N N   . MET A 1 21  ? 18.431  -0.164  5.675   1.00 23.07 ? 0   MET A N   1 
ATOM   22   C CA  . MET A 1 21  ? 17.935  0.772   4.661   1.00 20.81 ? 0   MET A CA  1 
ATOM   23   C C   . MET A 1 21  ? 16.411  1.042   4.841   1.00 21.79 ? 0   MET A C   1 
ATOM   24   O O   . MET A 1 21  ? 15.980  2.206   4.697   1.00 20.74 ? 0   MET A O   1 
ATOM   25   C CB  . MET A 1 21  ? 18.295  0.251   3.241   1.00 22.35 ? 0   MET A CB  1 
ATOM   26   C CG  . MET A 1 21  ? 17.860  1.150   2.092   0.50 20.01 ? 0   MET A CG  1 
ATOM   27   S SD  . MET A 1 21  ? 16.190  0.803   1.503   0.50 20.94 ? 0   MET A SD  1 
ATOM   28   C CE  . MET A 1 21  ? 15.793  2.391   0.805   0.50 21.83 ? 0   MET A CE  1 
ATOM   29   N N   . CYS A 1 22  ? 15.621  -0.012  5.110   1.00 20.34 ? 1   CYS A N   1 
ATOM   30   C CA  . CYS A 1 22  ? 14.127  0.138   5.279   1.00 27.14 ? 1   CYS A CA  1 
ATOM   31   C C   . CYS A 1 22  ? 13.731  1.143   6.373   1.00 24.57 ? 1   CYS A C   1 
ATOM   32   O O   . CYS A 1 22  ? 12.633  1.691   6.363   1.00 25.32 ? 1   CYS A O   1 
ATOM   33   C CB  . CYS A 1 22  ? 13.415  -1.222  5.510   1.00 32.13 ? 1   CYS A CB  1 
ATOM   34   S SG  . CYS A 1 22  ? 11.996  -1.437  4.368   1.00 53.00 ? 1   CYS A SG  1 
ATOM   35   N N   . ASP A 1 23  ? 14.617  1.414   7.326   1.00 23.12 ? 2   ASP A N   1 
ATOM   36   C CA  . ASP A 1 23  ? 14.323  2.481   8.268   1.00 25.78 ? 2   ASP A CA  1 
ATOM   37   C C   . ASP A 1 23  ? 13.957  3.875   7.639   1.00 25.14 ? 2   ASP A C   1 
ATOM   38   O O   . ASP A 1 23  ? 13.311  4.622   8.363   1.00 24.24 ? 2   ASP A O   1 
ATOM   39   C CB  . ASP A 1 23  ? 15.411  2.566   9.324   1.00 31.41 ? 2   ASP A CB  1 
ATOM   40   C CG  . ASP A 1 23  ? 15.536  1.262   10.167  1.00 33.59 ? 2   ASP A CG  1 
ATOM   41   O OD1 . ASP A 1 23  ? 14.661  0.354   10.222  1.00 35.66 ? 2   ASP A OD1 1 
ATOM   42   O OD2 . ASP A 1 23  ? 16.575  1.131   10.816  1.00 42.13 ? 2   ASP A OD2 1 
ATOM   43   N N   . ALA A 1 24  ? 14.309  4.186   6.342   1.00 22.07 ? 3   ALA A N   1 
ATOM   44   C CA  . ALA A 1 24  ? 13.838  5.329   5.523   1.00 21.40 ? 3   ALA A CA  1 
ATOM   45   C C   . ALA A 1 24  ? 12.260  5.362   5.411   1.00 18.93 ? 3   ALA A C   1 
ATOM   46   O O   . ALA A 1 24  ? 11.631  6.419   5.095   1.00 20.88 ? 3   ALA A O   1 
ATOM   47   C CB  . ALA A 1 24  ? 14.333  5.255   4.101   1.00 21.21 ? 3   ALA A CB  1 
ATOM   48   N N   . PHE A 1 25  ? 11.677  4.173   5.508   1.00 15.33 ? 4   PHE A N   1 
ATOM   49   C CA  . PHE A 1 25  ? 10.183  4.050   5.463   1.00 14.13 ? 4   PHE A CA  1 
ATOM   50   C C   . PHE A 1 25  ? 9.522   4.171   6.803   1.00 13.14 ? 4   PHE A C   1 
ATOM   51   O O   . PHE A 1 25  ? 8.323   4.471   6.878   1.00 11.78 ? 4   PHE A O   1 
ATOM   52   C CB  . PHE A 1 25  ? 9.782   2.692   4.828   1.00 12.59 ? 4   PHE A CB  1 
ATOM   53   C CG  . PHE A 1 25  ? 10.102  2.609   3.347   1.00 13.99 ? 4   PHE A CG  1 
ATOM   54   C CD1 . PHE A 1 25  ? 9.321   3.304   2.401   1.00 14.53 ? 4   PHE A CD1 1 
ATOM   55   C CD2 . PHE A 1 25  ? 11.167  1.839   2.911   1.00 14.25 ? 4   PHE A CD2 1 
ATOM   56   C CE1 . PHE A 1 25  ? 9.643   3.247   1.052   1.00 16.18 ? 4   PHE A CE1 1 
ATOM   57   C CE2 . PHE A 1 25  ? 11.489  1.740   1.525   1.00 15.89 ? 4   PHE A CE2 1 
ATOM   58   C CZ  . PHE A 1 25  ? 10.739  2.447   0.616   1.00 15.11 ? 4   PHE A CZ  1 
ATOM   59   N N   . VAL A 1 26  ? 10.256  3.954   7.873   1.00 11.21 ? 5   VAL A N   1 
ATOM   60   C CA  . VAL A 1 26  ? 9.649   3.876   9.186   1.00 12.16 ? 5   VAL A CA  1 
ATOM   61   C C   . VAL A 1 26  ? 9.079   5.169   9.652   1.00 13.17 ? 5   VAL A C   1 
ATOM   62   O O   . VAL A 1 26  ? 9.769   6.239   9.559   1.00 14.15 ? 5   VAL A O   1 
ATOM   63   C CB  . VAL A 1 26  ? 10.658  3.316   10.207  1.00 13.91 ? 5   VAL A CB  1 
ATOM   64   C CG1 . VAL A 1 26  ? 10.150  3.566   11.636  1.00 14.52 ? 5   VAL A CG1 1 
ATOM   65   C CG2 . VAL A 1 26  ? 10.904  1.778   9.916   1.00 13.53 ? 5   VAL A CG2 1 
ATOM   66   N N   . GLY A 1 27  ? 7.881   5.133   10.248  1.00 11.42 ? 6   GLY A N   1 
ATOM   67   C CA  . GLY A 1 27  ? 7.314   6.390   10.756  1.00 13.12 ? 6   GLY A CA  1 
ATOM   68   C C   . GLY A 1 27  ? 5.824   6.485   10.562  1.00 15.04 ? 6   GLY A C   1 
ATOM   69   O O   . GLY A 1 27  ? 5.142   5.469   10.295  1.00 14.93 ? 6   GLY A O   1 
ATOM   70   N N   . THR A 1 28  ? 5.288   7.684   10.727  1.00 14.04 ? 7   THR A N   1 
ATOM   71   C CA  . THR A 1 28  ? 3.857   7.897   10.588  1.00 14.03 ? 7   THR A CA  1 
ATOM   72   C C   . THR A 1 28  ? 3.667   8.865   9.435   1.00 12.64 ? 7   THR A C   1 
ATOM   73   O O   . THR A 1 28  ? 4.287   9.942   9.406   1.00 13.97 ? 7   THR A O   1 
ATOM   74   C CB  . THR A 1 28  ? 3.295   8.515   11.875  1.00 15.55 ? 7   THR A CB  1 
ATOM   75   O OG1 . THR A 1 28  ? 3.794   7.744   13.018  1.00 18.88 ? 7   THR A OG1 1 
ATOM   76   C CG2 . THR A 1 28  ? 1.803   8.508   11.856  1.00 18.25 ? 7   THR A CG2 1 
ATOM   77   N N   . TRP A 1 29  ? 2.798   8.507   8.497   1.00 12.27 ? 8   TRP A N   1 
ATOM   78   C CA  . TRP A 1 29  ? 2.693   9.231   7.226   1.00 10.89 ? 8   TRP A CA  1 
ATOM   79   C C   . TRP A 1 29  ? 1.220   9.562   7.012   1.00 12.56 ? 8   TRP A C   1 
ATOM   80   O O   . TRP A 1 29  ? 0.373   8.789   7.486   1.00 13.19 ? 8   TRP A O   1 
ATOM   81   C CB  . TRP A 1 29  ? 3.144   8.315   6.067   1.00 12.20 ? 8   TRP A CB  1 
ATOM   82   C CG  . TRP A 1 29  ? 4.561   7.868   6.160   1.00 10.87 ? 8   TRP A CG  1 
ATOM   83   C CD1 . TRP A 1 29  ? 5.087   6.712   6.813   1.00 11.05 ? 8   TRP A CD1 1 
ATOM   84   C CD2 . TRP A 1 29  ? 5.705   8.624   5.693   1.00 10.49 ? 8   TRP A CD2 1 
ATOM   85   N NE1 . TRP A 1 29  ? 6.455   6.704   6.706   1.00 11.53 ? 8   TRP A NE1 1 
ATOM   86   C CE2 . TRP A 1 29  ? 6.890   7.807   6.026   1.00 10.89 ? 8   TRP A CE2 1 
ATOM   87   C CE3 . TRP A 1 29  ? 5.876   9.830   4.945   1.00 11.53 ? 8   TRP A CE3 1 
ATOM   88   C CZ2 . TRP A 1 29  ? 8.175   8.210   5.681   1.00 11.34 ? 8   TRP A CZ2 1 
ATOM   89   C CZ3 . TRP A 1 29  ? 7.214   10.252  4.639   1.00 11.75 ? 8   TRP A CZ3 1 
ATOM   90   C CH2 . TRP A 1 29  ? 8.332   9.462   5.048   1.00 12.49 ? 8   TRP A CH2 1 
ATOM   91   N N   . LYS A 1 30  ? 0.925   10.737  6.421   1.00 12.57 ? 9   LYS A N   1 
ATOM   92   C CA  . LYS A 1 30  ? -0.502  11.031  6.087   1.00 12.25 ? 9   LYS A CA  1 
ATOM   93   C C   . LYS A 1 30  ? -0.652  11.378  4.618   1.00 11.27 ? 9   LYS A C   1 
ATOM   94   O O   . LYS A 1 30  ? 0.214   11.954  3.994   1.00 11.63 ? 9   LYS A O   1 
ATOM   95   C CB  . LYS A 1 30  ? -1.027  12.174  6.824   1.00 16.35 ? 9   LYS A CB  1 
ATOM   96   C CG  . LYS A 1 30  ? -0.030  13.084  7.285   1.00 24.58 ? 9   LYS A CG  1 
ATOM   97   C CD  . LYS A 1 30  ? 0.122   14.157  6.306   1.00 29.97 ? 9   LYS A CD  1 
ATOM   98   C CE  . LYS A 1 30  ? -0.167  15.371  7.177   1.00 33.40 ? 9   LYS A CE  1 
ATOM   99   N NZ  . LYS A 1 30  ? 0.949   16.337  7.076   1.00 37.20 ? 9   LYS A NZ  1 
ATOM   100  N N   . LEU A 1 31  ? -1.752  10.987  4.050   1.00 11.30 ? 10  LEU A N   1 
ATOM   101  C CA  . LEU A 1 31  ? -1.962  11.134  2.589   1.00 12.97 ? 10  LEU A CA  1 
ATOM   102  C C   . LEU A 1 31  ? -2.173  12.600  2.281   1.00 14.39 ? 10  LEU A C   1 
ATOM   103  O O   . LEU A 1 31  ? -3.052  13.228  2.868   1.00 17.21 ? 10  LEU A O   1 
ATOM   104  C CB  . LEU A 1 31  ? -3.253  10.419  2.165   1.00 12.24 ? 10  LEU A CB  1 
ATOM   105  C CG  . LEU A 1 31  ? -3.514  10.449  0.668   1.00 14.15 ? 10  LEU A CG  1 
ATOM   106  C CD1 . LEU A 1 31  ? -2.546  9.471   0.010   1.00 13.10 ? 10  LEU A CD1 1 
ATOM   107  C CD2 . LEU A 1 31  ? -4.954  9.939   0.503   1.00 15.17 ? 10  LEU A CD2 1 
ATOM   108  N N   . VAL A 1 32  ? -1.392  13.097  1.353   1.00 14.57 ? 11  VAL A N   1 
ATOM   109  C CA  . VAL A 1 32  ? -1.543  14.495  0.861   1.00 15.73 ? 11  VAL A CA  1 
ATOM   110  C C   . VAL A 1 32  ? -2.075  14.671  -0.523  1.00 18.70 ? 11  VAL A C   1 
ATOM   111  O O   . VAL A 1 32  ? -2.572  15.766  -0.861  1.00 22.51 ? 11  VAL A O   1 
ATOM   112  C CB  . VAL A 1 32  ? -0.314  15.350  1.169   1.00 17.49 ? 11  VAL A CB  1 
ATOM   113  C CG1 . VAL A 1 32  ? -0.099  15.275  2.668   1.00 15.96 ? 11  VAL A CG1 1 
ATOM   114  C CG2 . VAL A 1 32  ? 0.964   14.907  0.394   1.00 15.98 ? 11  VAL A CG2 1 
ATOM   115  N N   . SER A 1 33  ? -1.960  13.665  -1.370  1.00 16.67 ? 12  SER A N   1 
ATOM   116  C CA  . SER A 1 33  ? -2.576  13.797  -2.694  1.00 16.77 ? 12  SER A CA  1 
ATOM   117  C C   . SER A 1 33  ? -2.807  12.436  -3.288  1.00 16.81 ? 12  SER A C   1 
ATOM   118  O O   . SER A 1 33  ? -2.156  11.427  -2.915  1.00 15.07 ? 12  SER A O   1 
ATOM   119  C CB  . SER A 1 33  ? -1.791  14.650  -3.636  1.00 21.60 ? 12  SER A CB  1 
ATOM   120  O OG  . SER A 1 33  ? -0.583  14.060  -3.845  1.00 22.56 ? 12  SER A OG  1 
ATOM   121  N N   . SER A 1 34  ? -3.769  12.410  -4.207  1.00 17.41 ? 13  SER A N   1 
ATOM   122  C CA  . SER A 1 34  ? -4.212  11.122  -4.806  1.00 15.98 ? 13  SER A CA  1 
ATOM   123  C C   . SER A 1 34  ? -4.527  11.440  -6.265  1.00 19.33 ? 13  SER A C   1 
ATOM   124  O O   . SER A 1 34  ? -5.266  12.420  -6.506  1.00 22.65 ? 13  SER A O   1 
ATOM   125  C CB  . SER A 1 34  ? -5.455  10.590  -4.079  1.00 17.05 ? 13  SER A CB  1 
ATOM   126  O OG  . SER A 1 34  ? -5.898  9.349   -4.615  1.00 19.64 ? 13  SER A OG  1 
ATOM   127  N N   . GLU A 1 35  ? -3.981  10.692  -7.211  1.00 15.09 ? 14  GLU A N   1 
ATOM   128  C CA  . GLU A 1 35  ? -4.274  10.908  -8.616  1.00 16.02 ? 14  GLU A CA  1 
ATOM   129  C C   . GLU A 1 35  ? -4.718  9.533   -9.154  1.00 14.04 ? 14  GLU A C   1 
ATOM   130  O O   . GLU A 1 35  ? -3.976  8.554   -8.973  1.00 13.23 ? 14  GLU A O   1 
ATOM   131  C CB  . GLU A 1 35  ? -2.999  11.248  -9.386  1.00 18.32 ? 14  GLU A CB  1 
ATOM   132  C CG  . GLU A 1 35  ? -2.221  12.518  -9.010  0.50 22.07 ? 14  GLU A CG  1 
ATOM   133  C CD  . GLU A 1 35  ? -0.697  12.392  -9.237  0.50 23.01 ? 14  GLU A CD  1 
ATOM   134  O OE1 . GLU A 1 35  ? -0.217  11.857  -10.275 0.50 26.40 ? 14  GLU A OE1 1 
ATOM   135  O OE2 . GLU A 1 35  ? 0.071   12.809  -8.342  0.50 26.79 ? 14  GLU A OE2 1 
ATOM   136  N N   . ASN A 1 36  ? -5.835  9.551   -9.884  1.00 12.03 ? 15  ASN A N   1 
ATOM   137  C CA  . ASN A 1 36  ? -6.362  8.403   -10.640 1.00 12.48 ? 15  ASN A CA  1 
ATOM   138  C C   . ASN A 1 36  ? -6.713  7.220   -9.778  1.00 11.84 ? 15  ASN A C   1 
ATOM   139  O O   . ASN A 1 36  ? -6.765  6.116   -10.271 1.00 12.24 ? 15  ASN A O   1 
ATOM   140  C CB  . ASN A 1 36  ? -5.356  7.992   -11.679 1.00 14.24 ? 15  ASN A CB  1 
ATOM   141  C CG  . ASN A 1 36  ? -5.622  8.655   -12.956 0.50 16.37 ? 15  ASN A CG  1 
ATOM   142  O OD1 . ASN A 1 36  ? -6.574  8.289   -13.682 0.50 18.74 ? 15  ASN A OD1 1 
ATOM   143  N ND2 . ASN A 1 36  ? -4.869  9.668   -13.216 0.50 19.78 ? 15  ASN A ND2 1 
ATOM   144  N N   . PHE A 1 37  ? -7.037  7.442   -8.506  1.00 11.68 ? 16  PHE A N   1 
ATOM   145  C CA  . PHE A 1 37  ? -7.307  6.290   -7.667  1.00 11.93 ? 16  PHE A CA  1 
ATOM   146  C C   . PHE A 1 37  ? -8.653  5.632   -8.012  1.00 12.58 ? 16  PHE A C   1 
ATOM   147  O O   . PHE A 1 37  ? -8.835  4.407   -7.894  1.00 12.06 ? 16  PHE A O   1 
ATOM   148  C CB  . PHE A 1 37  ? -7.232  6.761   -6.213  1.00 11.37 ? 16  PHE A CB  1 
ATOM   149  C CG  . PHE A 1 37  ? -7.228  5.633   -5.172  1.00 14.43 ? 16  PHE A CG  1 
ATOM   150  C CD1 . PHE A 1 37  ? -6.254  4.649   -5.189  1.00 12.88 ? 16  PHE A CD1 1 
ATOM   151  C CD2 . PHE A 1 37  ? -8.172  5.667   -4.147  1.00 15.60 ? 16  PHE A CD2 1 
ATOM   152  C CE1 . PHE A 1 37  ? -6.218  3.672   -4.175  1.00 15.19 ? 16  PHE A CE1 1 
ATOM   153  C CE2 . PHE A 1 37  ? -8.144  4.702   -3.130  1.00 13.00 ? 16  PHE A CE2 1 
ATOM   154  C CZ  . PHE A 1 37  ? -7.236  3.700   -3.187  1.00 12.72 ? 16  PHE A CZ  1 
ATOM   155  N N   . ASP A 1 38  ? -9.659  6.461   -8.379  1.00 14.06 ? 17  ASP A N   1 
ATOM   156  C CA  . ASP A 1 38  ? -10.933 5.853   -8.736  1.00 13.24 ? 17  ASP A CA  1 
ATOM   157  C C   . ASP A 1 38  ? -10.770 4.938   -9.948  1.00 13.41 ? 17  ASP A C   1 
ATOM   158  O O   . ASP A 1 38  ? -11.292 3.790   -9.918  1.00 12.70 ? 17  ASP A O   1 
ATOM   159  C CB  . ASP A 1 38  ? -11.982 6.920   -9.053  1.00 14.81 ? 17  ASP A CB  1 
ATOM   160  C CG  . ASP A 1 38  ? -13.373 6.339   -9.240  1.00 17.23 ? 17  ASP A CG  1 
ATOM   161  O OD1 . ASP A 1 38  ? -13.952 6.420   -10.367 1.00 19.63 ? 17  ASP A OD1 1 
ATOM   162  O OD2 . ASP A 1 38  ? -13.924 5.830   -8.271  1.00 18.79 ? 17  ASP A OD2 1 
ATOM   163  N N   . ASP A 1 39  ? -9.995  5.360   -10.932 1.00 12.32 ? 18  ASP A N   1 
ATOM   164  C CA  . ASP A 1 39  ? -9.741  4.476   -12.112 1.00 15.12 ? 18  ASP A CA  1 
ATOM   165  C C   . ASP A 1 39  ? -8.920  3.233   -11.788 1.00 14.18 ? 18  ASP A C   1 
ATOM   166  O O   . ASP A 1 39  ? -9.215  2.162   -12.318 1.00 13.25 ? 18  ASP A O   1 
ATOM   167  C CB  . ASP A 1 39  ? -9.054  5.259   -13.222 1.00 17.26 ? 18  ASP A CB  1 
ATOM   168  C CG  . ASP A 1 39  ? -10.086 6.196   -14.011 1.00 26.42 ? 18  ASP A CG  1 
ATOM   169  O OD1 . ASP A 1 39  ? -11.290 5.881   -14.078 1.00 32.84 ? 18  ASP A OD1 1 
ATOM   170  O OD2 . ASP A 1 39  ? -9.661  7.196   -14.553 1.00 33.40 ? 18  ASP A OD2 1 
ATOM   171  N N   . TYR A 1 40  ? -7.961  3.377   -10.869 1.00 12.26 ? 19  TYR A N   1 
ATOM   172  C CA  . TYR A 1 40  ? -7.239  2.208   -10.397 1.00 9.81  ? 19  TYR A CA  1 
ATOM   173  C C   . TYR A 1 40  ? -8.225  1.238   -9.704  1.00 9.76  ? 19  TYR A C   1 
ATOM   174  O O   . TYR A 1 40  ? -8.237  0.037   -9.992  1.00 10.25 ? 19  TYR A O   1 
ATOM   175  C CB  . TYR A 1 40  ? -6.125  2.627   -9.411  1.00 10.29 ? 19  TYR A CB  1 
ATOM   176  C CG  . TYR A 1 40  ? -5.519  1.425   -8.668  1.00 10.07 ? 19  TYR A CG  1 
ATOM   177  C CD1 . TYR A 1 40  ? -4.629  0.567   -9.311  1.00 10.57 ? 19  TYR A CD1 1 
ATOM   178  C CD2 . TYR A 1 40  ? -5.930  1.137   -7.344  1.00 10.67 ? 19  TYR A CD2 1 
ATOM   179  C CE1 . TYR A 1 40  ? -4.077  -0.524  -8.633  1.00 9.51  ? 19  TYR A CE1 1 
ATOM   180  C CE2 . TYR A 1 40  ? -5.402  0.036   -6.643  1.00 9.68  ? 19  TYR A CE2 1 
ATOM   181  C CZ  . TYR A 1 40  ? -4.542  -0.817  -7.307  1.00 10.04 ? 19  TYR A CZ  1 
ATOM   182  O OH  . TYR A 1 40  ? -4.047  -1.925  -6.609  1.00 10.25 ? 19  TYR A OH  1 
ATOM   183  N N   . MET A 1 41  ? -9.079  1.766   -8.821  1.00 10.02 ? 20  MET A N   1 
ATOM   184  C CA  . MET A 1 41  ? -10.004 0.887   -8.116  1.00 9.57  ? 20  MET A CA  1 
ATOM   185  C C   . MET A 1 41  ? -10.990 0.256   -9.142  1.00 10.33 ? 20  MET A C   1 
ATOM   186  O O   . MET A 1 41  ? -11.371 -0.907  -8.965  1.00 10.30 ? 20  MET A O   1 
ATOM   187  C CB  . MET A 1 41  ? -10.784 1.612   -7.008  1.00 9.69  ? 20  MET A CB  1 
ATOM   188  C CG  . MET A 1 41  ? -9.880  1.954   -5.800  1.00 10.92 ? 20  MET A CG  1 
ATOM   189  S SD  . MET A 1 41  ? -10.955 2.593   -4.519  1.00 13.81 ? 20  MET A SD  1 
ATOM   190  C CE  . MET A 1 41  ? -11.398 4.123   -5.217  1.00 12.88 ? 20  MET A CE  1 
ATOM   191  N N   . LYS A 1 42  ? -11.422 1.015   -10.152 1.00 12.01 ? 21  LYS A N   1 
ATOM   192  C CA  . LYS A 1 42  ? -12.248 0.324   -11.193 1.00 12.50 ? 21  LYS A CA  1 
ATOM   193  C C   . LYS A 1 42  ? -11.599 -0.849  -11.857 1.00 13.16 ? 21  LYS A C   1 
ATOM   194  O O   . LYS A 1 42  ? -12.267 -1.901  -12.075 1.00 14.11 ? 21  LYS A O   1 
ATOM   195  C CB  . LYS A 1 42  ? -12.695 1.331   -12.283 1.00 14.24 ? 21  LYS A CB  1 
ATOM   196  C CG  . LYS A 1 42  ? -13.862 2.190   -11.834 1.00 14.74 ? 21  LYS A CG  1 
ATOM   197  C CD  . LYS A 1 42  ? -14.087 3.248   -12.891 1.00 17.76 ? 21  LYS A CD  1 
ATOM   198  C CE  . LYS A 1 42  ? -15.427 3.904   -12.729 1.00 20.96 ? 21  LYS A CE  1 
ATOM   199  N NZ  . LYS A 1 42  ? -15.640 4.911   -13.808 1.00 23.99 ? 21  LYS A NZ  1 
ATOM   200  N N   . GLU A 1 43  ? -10.293 -0.722  -12.130 1.00 13.02 ? 22  GLU A N   1 
ATOM   201  C CA  . GLU A 1 43  ? -9.538  -1.791  -12.803 1.00 14.61 ? 22  GLU A CA  1 
ATOM   202  C C   . GLU A 1 43  ? -9.437  -2.980  -11.897 1.00 15.01 ? 22  GLU A C   1 
ATOM   203  O O   . GLU A 1 43  ? -9.500  -4.132  -12.369 1.00 17.04 ? 22  GLU A O   1 
ATOM   204  C CB  . GLU A 1 43  ? -8.187  -1.248  -13.259 1.00 17.62 ? 22  GLU A CB  1 
ATOM   205  C CG  . GLU A 1 43  ? -7.580  -1.922  -14.459 1.00 22.00 ? 22  GLU A CG  1 
ATOM   206  C CD  . GLU A 1 43  ? -8.361  -1.677  -15.754 1.00 25.86 ? 22  GLU A CD  1 
ATOM   207  O OE1 . GLU A 1 43  ? -9.116  -0.695  -15.900 1.00 28.19 ? 22  GLU A OE1 1 
ATOM   208  O OE2 . GLU A 1 43  ? -8.162  -2.457  -16.662 1.00 37.61 ? 22  GLU A OE2 1 
ATOM   209  N N   . VAL A 1 44  ? -9.271  -2.734  -10.589 1.00 13.23 ? 23  VAL A N   1 
ATOM   210  C CA  . VAL A 1 44  ? -9.163  -3.771  -9.589  1.00 14.30 ? 23  VAL A CA  1 
ATOM   211  C C   . VAL A 1 44  ? -10.504 -4.520  -9.517  1.00 15.28 ? 23  VAL A C   1 
ATOM   212  O O   . VAL A 1 44  ? -10.529 -5.733  -9.248  1.00 15.44 ? 23  VAL A O   1 
ATOM   213  C CB  . VAL A 1 44  ? -8.722  -3.171  -8.223  1.00 13.62 ? 23  VAL A CB  1 
ATOM   214  C CG1 . VAL A 1 44  ? -8.892  -4.212  -7.087  1.00 13.82 ? 23  VAL A CG1 1 
ATOM   215  C CG2 . VAL A 1 44  ? -7.239  -2.770  -8.360  1.00 14.75 ? 23  VAL A CG2 1 
ATOM   216  N N   . GLY A 1 45  ? -11.631 -3.821  -9.838  1.00 13.95 ? 24  GLY A N   1 
ATOM   217  C CA  . GLY A 1 45  ? -12.962 -4.409  -9.725  1.00 13.96 ? 24  GLY A CA  1 
ATOM   218  C C   . GLY A 1 45  ? -13.741 -3.956  -8.493  1.00 14.01 ? 24  GLY A C   1 
ATOM   219  O O   . GLY A 1 45  ? -14.756 -4.582  -8.108  1.00 16.34 ? 24  GLY A O   1 
ATOM   220  N N   . VAL A 1 46  ? -13.342 -2.842  -7.858  1.00 12.26 ? 25  VAL A N   1 
ATOM   221  C CA  . VAL A 1 46  ? -14.059 -2.331  -6.689  1.00 11.89 ? 25  VAL A CA  1 
ATOM   222  C C   . VAL A 1 46  ? -15.409 -1.727  -7.087  1.00 13.37 ? 25  VAL A C   1 
ATOM   223  O O   . VAL A 1 46  ? -15.477 -0.964  -8.042  1.00 13.67 ? 25  VAL A O   1 
ATOM   224  C CB  . VAL A 1 46  ? -13.231 -1.231  -5.965  1.00 11.59 ? 25  VAL A CB  1 
ATOM   225  C CG1 . VAL A 1 46  ? -13.887 -0.843  -4.649  1.00 12.83 ? 25  VAL A CG1 1 
ATOM   226  C CG2 . VAL A 1 46  ? -11.767 -1.752  -5.742  1.00 11.44 ? 25  VAL A CG2 1 
ATOM   227  N N   . GLY A 1 47  ? -16.446 -2.087  -6.347  1.00 13.26 ? 26  GLY A N   1 
ATOM   228  C CA  . GLY A 1 47  ? -17.800 -1.650  -6.717  1.00 16.64 ? 26  GLY A CA  1 
ATOM   229  C C   . GLY A 1 47  ? -18.013 -0.197  -6.329  1.00 15.07 ? 26  GLY A C   1 
ATOM   230  O O   . GLY A 1 47  ? -17.217 0.392   -5.570  1.00 13.56 ? 26  GLY A O   1 
ATOM   231  N N   . PHE A 1 48  ? -19.105 0.393   -6.836  1.00 13.31 ? 27  PHE A N   1 
ATOM   232  C CA  . PHE A 1 48  ? -19.264 1.812   -6.786  1.00 13.34 ? 27  PHE A CA  1 
ATOM   233  C C   . PHE A 1 48  ? -19.222 2.395   -5.365  1.00 13.12 ? 27  PHE A C   1 
ATOM   234  O O   . PHE A 1 48  ? -18.478 3.389   -5.155  1.00 15.16 ? 27  PHE A O   1 
ATOM   235  C CB  . PHE A 1 48  ? -20.652 2.133   -7.478  1.00 13.13 ? 27  PHE A CB  1 
ATOM   236  C CG  . PHE A 1 48  ? -21.001 3.571   -7.439  1.00 14.04 ? 27  PHE A CG  1 
ATOM   237  C CD1 . PHE A 1 48  ? -20.658 4.408   -8.503  1.00 15.19 ? 27  PHE A CD1 1 
ATOM   238  C CD2 . PHE A 1 48  ? -21.713 4.101   -6.338  1.00 14.96 ? 27  PHE A CD2 1 
ATOM   239  C CE1 . PHE A 1 48  ? -20.942 5.806   -8.405  1.00 16.24 ? 27  PHE A CE1 1 
ATOM   240  C CE2 . PHE A 1 48  ? -22.017 5.490   -6.261  1.00 14.01 ? 27  PHE A CE2 1 
ATOM   241  C CZ  . PHE A 1 48  ? -21.651 6.311   -7.319  1.00 14.03 ? 27  PHE A CZ  1 
ATOM   242  N N   . ALA A 1 49  ? -20.006 1.843   -4.441  1.00 12.09 ? 28  ALA A N   1 
ATOM   243  C CA  . ALA A 1 49  ? -20.195 2.506   -3.151  1.00 11.55 ? 28  ALA A CA  1 
ATOM   244  C C   . ALA A 1 49  ? -18.850 2.436   -2.418  1.00 12.05 ? 28  ALA A C   1 
ATOM   245  O O   . ALA A 1 49  ? -18.392 3.420   -1.814  1.00 13.64 ? 28  ALA A O   1 
ATOM   246  C CB  . ALA A 1 49  ? -21.276 1.864   -2.327  1.00 13.14 ? 28  ALA A CB  1 
ATOM   247  N N   . THR A 1 50  ? -18.185 1.283   -2.541  1.00 12.66 ? 29  THR A N   1 
ATOM   248  C CA  . THR A 1 50  ? -16.847 1.148   -1.919  1.00 12.61 ? 29  THR A CA  1 
ATOM   249  C C   . THR A 1 50  ? -15.883 2.147   -2.508  1.00 13.10 ? 29  THR A C   1 
ATOM   250  O O   . THR A 1 50  ? -15.108 2.786   -1.742  1.00 14.00 ? 29  THR A O   1 
ATOM   251  C CB  . THR A 1 50  ? -16.358 -0.325  -1.979  1.00 13.54 ? 29  THR A CB  1 
ATOM   252  O OG1 . THR A 1 50  ? -17.280 -1.098  -1.202  1.00 15.72 ? 29  THR A OG1 1 
ATOM   253  C CG2 . THR A 1 50  ? -15.035 -0.461  -1.299  1.00 14.32 ? 29  THR A CG2 1 
ATOM   254  N N   . ARG A 1 51  ? -15.839 2.281   -3.845  1.00 11.03 ? 30  ARG A N   1 
ATOM   255  C CA  . ARG A 1 51  ? -14.941 3.285   -4.467  1.00 11.96 ? 30  ARG A CA  1 
ATOM   256  C C   . ARG A 1 51  ? -15.199 4.653   -3.944  1.00 13.21 ? 30  ARG A C   1 
ATOM   257  O O   . ARG A 1 51  ? -14.261 5.427   -3.694  1.00 12.03 ? 30  ARG A O   1 
ATOM   258  C CB  . ARG A 1 51  ? -15.038 3.320   -6.028  1.00 11.67 ? 30  ARG A CB  1 
ATOM   259  C CG  . ARG A 1 51  ? -14.485 2.070   -6.696  1.00 12.68 ? 30  ARG A CG  1 
ATOM   260  C CD  . ARG A 1 51  ? -14.119 2.417   -8.141  1.00 11.27 ? 30  ARG A CD  1 
ATOM   261  N NE  . ARG A 1 51  ? -15.185 3.213   -8.797  1.00 12.90 ? 30  ARG A NE  1 
ATOM   262  C CZ  . ARG A 1 51  ? -16.321 2.692   -9.285  1.00 14.00 ? 30  ARG A CZ  1 
ATOM   263  N NH1 . ARG A 1 51  ? -16.600 1.360   -9.204  1.00 12.96 ? 30  ARG A NH1 1 
ATOM   264  N NH2 . ARG A 1 51  ? -17.222 3.530   -9.840  1.00 14.83 ? 30  ARG A NH2 1 
ATOM   265  N N   . LYS A 1 52  ? -16.485 5.011   -3.799  1.00 12.23 ? 31  LYS A N   1 
ATOM   266  C CA  . LYS A 1 52  ? -16.765 6.429   -3.430  1.00 13.72 ? 31  LYS A CA  1 
ATOM   267  C C   . LYS A 1 52  ? -16.275 6.663   -2.009  1.00 12.38 ? 31  LYS A C   1 
ATOM   268  O O   . LYS A 1 52  ? -15.673 7.762   -1.737  1.00 13.46 ? 31  LYS A O   1 
ATOM   269  C CB  . LYS A 1 52  ? -18.302 6.705   -3.460  1.00 13.89 ? 31  LYS A CB  1 
ATOM   270  C CG  . LYS A 1 52  ? -18.831 6.553   -4.880  1.00 17.50 ? 31  LYS A CG  1 
ATOM   271  C CD  . LYS A 1 52  ? -18.309 7.658   -5.766  1.00 19.43 ? 31  LYS A CD  1 
ATOM   272  C CE  . LYS A 1 52  ? -17.558 7.065   -6.927  1.00 23.66 ? 31  LYS A CE  1 
ATOM   273  N NZ  . LYS A 1 52  ? -17.401 8.135   -7.932  1.00 25.82 ? 31  LYS A NZ  1 
ATOM   274  N N   . VAL A 1 53  ? -16.610 5.740   -1.082  1.00 11.56 ? 32  VAL A N   1 
ATOM   275  C CA  . VAL A 1 53  ? -16.234 5.981   0.308   1.00 12.70 ? 32  VAL A CA  1 
ATOM   276  C C   . VAL A 1 53  ? -14.687 5.814   0.495   1.00 13.21 ? 32  VAL A C   1 
ATOM   277  O O   . VAL A 1 53  ? -14.009 6.598   1.248   1.00 14.66 ? 32  VAL A O   1 
ATOM   278  C CB  . VAL A 1 53  ? -17.028 5.025   1.198   1.00 13.50 ? 32  VAL A CB  1 
ATOM   279  C CG1 . VAL A 1 53  ? -16.436 4.997   2.604   0.50 12.80 ? 32  VAL A CG1 1 
ATOM   280  C CG2 . VAL A 1 53  ? -18.499 5.509   1.214   0.50 11.11 ? 32  VAL A CG2 1 
ATOM   281  N N   . ALA A 1 54  ? -14.117 4.824   -0.194  1.00 11.98 ? 33  ALA A N   1 
ATOM   282  C CA  . ALA A 1 54  ? -12.639 4.653   -0.157  1.00 12.65 ? 33  ALA A CA  1 
ATOM   283  C C   . ALA A 1 54  ? -11.887 5.847   -0.729  1.00 12.60 ? 33  ALA A C   1 
ATOM   284  O O   . ALA A 1 54  ? -10.814 6.227   -0.244  1.00 12.40 ? 33  ALA A O   1 
ATOM   285  C CB  . ALA A 1 54  ? -12.187 3.338   -0.839  1.00 12.36 ? 33  ALA A CB  1 
ATOM   286  N N   . GLY A 1 55  ? -12.398 6.431   -1.808  1.00 11.52 ? 34  GLY A N   1 
ATOM   287  C CA  . GLY A 1 55  ? -11.662 7.510   -2.471  1.00 12.59 ? 34  GLY A CA  1 
ATOM   288  C C   . GLY A 1 55  ? -11.713 8.788   -1.656  1.00 14.11 ? 34  GLY A C   1 
ATOM   289  O O   . GLY A 1 55  ? -10.869 9.630   -1.848  1.00 15.40 ? 34  GLY A O   1 
ATOM   290  N N   . MET A 1 56  ? -12.689 8.907   -0.728  1.00 11.60 ? 35  MET A N   1 
ATOM   291  C CA  . MET A 1 56  ? -12.788 10.042  0.145   1.00 13.01 ? 35  MET A CA  1 
ATOM   292  C C   . MET A 1 56  ? -11.735 9.979   1.303   1.00 13.46 ? 35  MET A C   1 
ATOM   293  O O   . MET A 1 56  ? -11.367 11.016  1.840   1.00 12.64 ? 35  MET A O   1 
ATOM   294  C CB  . MET A 1 56  ? -14.188 10.178  0.800   1.00 12.57 ? 35  MET A CB  1 
ATOM   295  C CG  . MET A 1 56  ? -15.252 10.648  -0.183  1.00 13.19 ? 35  MET A CG  1 
ATOM   296  S SD  . MET A 1 56  ? -14.957 12.307  -0.692  1.00 15.43 ? 35  MET A SD  1 
ATOM   297  C CE  . MET A 1 56  ? -15.066 13.290  0.747   1.00 15.62 ? 35  MET A CE  1 
ATOM   298  N N   . ALA A 1 57  ? -11.264 8.769   1.623   1.00 12.94 ? 36  ALA A N   1 
ATOM   299  C CA  . ALA A 1 57  ? -10.465 8.596   2.850   1.00 12.64 ? 36  ALA A CA  1 
ATOM   300  C C   . ALA A 1 57  ? -9.095  9.288   2.715   1.00 13.17 ? 36  ALA A C   1 
ATOM   301  O O   . ALA A 1 57  ? -8.512  9.364   1.620   1.00 13.11 ? 36  ALA A O   1 
ATOM   302  C CB  . ALA A 1 57  ? -10.277 7.121   3.136   1.00 14.05 ? 36  ALA A CB  1 
ATOM   303  N N   . LYS A 1 58  ? -8.596  9.767   3.847   1.00 12.69 ? 37  LYS A N   1 
ATOM   304  C CA  . LYS A 1 58  ? -7.263  10.427  3.907   1.00 14.49 ? 37  LYS A CA  1 
ATOM   305  C C   . LYS A 1 58  ? -6.477  9.619   4.967   1.00 14.63 ? 37  LYS A C   1 
ATOM   306  O O   . LYS A 1 58  ? -6.329  10.029  6.132   1.00 13.05 ? 37  LYS A O   1 
ATOM   307  C CB  . LYS A 1 58  ? -7.433  11.908  4.297   1.00 17.20 ? 37  LYS A CB  1 
ATOM   308  C CG  . LYS A 1 58  ? -8.179  12.679  3.166   1.00 24.13 ? 37  LYS A CG  1 
ATOM   309  C CD  . LYS A 1 58  ? -7.168  13.025  2.108   1.00 30.57 ? 37  LYS A CD  1 
ATOM   310  C CE  . LYS A 1 58  ? -7.660  14.104  1.147   1.00 38.40 ? 37  LYS A CE  1 
ATOM   311  N NZ  . LYS A 1 58  ? -6.497  14.795  0.470   1.00 41.94 ? 37  LYS A NZ  1 
ATOM   312  N N   . PRO A 1 59  ? -6.036  8.402   4.587   1.00 13.55 ? 38  PRO A N   1 
ATOM   313  C CA  . PRO A 1 59  ? -5.432  7.554   5.605   1.00 13.22 ? 38  PRO A CA  1 
ATOM   314  C C   . PRO A 1 59  ? -4.106  8.068   6.134   1.00 13.26 ? 38  PRO A C   1 
ATOM   315  O O   . PRO A 1 59  ? -3.344  8.753   5.411   1.00 14.95 ? 38  PRO A O   1 
ATOM   316  C CB  . PRO A 1 59  ? -5.174  6.227   4.874   1.00 14.25 ? 38  PRO A CB  1 
ATOM   317  C CG  . PRO A 1 59  ? -5.471  6.507   3.438   1.00 16.02 ? 38  PRO A CG  1 
ATOM   318  C CD  . PRO A 1 59  ? -5.997  7.857   3.224   1.00 15.90 ? 38  PRO A CD  1 
ATOM   319  N N   . ASN A 1 60  ? -3.871  7.701   7.393   1.00 13.69 ? 39  ASN A N   1 
ATOM   320  C CA  . ASN A 1 60  ? -2.496  7.616   7.897   1.00 16.00 ? 39  ASN A CA  1 
ATOM   321  C C   . ASN A 1 60  ? -1.883  6.248   7.666   1.00 13.41 ? 39  ASN A C   1 
ATOM   322  O O   . ASN A 1 60  ? -2.579  5.222   7.729   1.00 15.22 ? 39  ASN A O   1 
ATOM   323  C CB  . ASN A 1 60  ? -2.416  8.004   9.324   1.00 16.51 ? 39  ASN A CB  1 
ATOM   324  C CG  . ASN A 1 60  ? -2.593  9.526   9.533   1.00 20.23 ? 39  ASN A CG  1 
ATOM   325  O OD1 . ASN A 1 60  ? -2.589  10.328  8.597   1.00 21.32 ? 39  ASN A OD1 1 
ATOM   326  N ND2 . ASN A 1 60  ? -2.671  9.903   10.738  1.00 25.91 ? 39  ASN A ND2 1 
ATOM   327  N N   . MET A 1 61  ? -0.571  6.200   7.425   1.00 12.13 ? 40  MET A N   1 
ATOM   328  C CA  . MET A 1 61  ? 0.100   4.925   7.144   1.00 12.42 ? 40  MET A CA  1 
ATOM   329  C C   . MET A 1 61  ? 1.211   4.879   8.166   1.00 13.02 ? 40  MET A C   1 
ATOM   330  O O   . MET A 1 61  ? 1.933   5.885   8.318   1.00 14.29 ? 40  MET A O   1 
ATOM   331  C CB  . MET A 1 61  ? 0.669   4.864   5.710   1.00 13.14 ? 40  MET A CB  1 
ATOM   332  C CG  . MET A 1 61  ? 1.522   3.630   5.487   1.00 14.41 ? 40  MET A CG  1 
ATOM   333  S SD  . MET A 1 61  ? 2.047   3.465   3.796   1.00 16.68 ? 40  MET A SD  1 
ATOM   334  C CE  . MET A 1 61  ? 2.663   5.075   3.357   1.00 16.85 ? 40  MET A CE  1 
ATOM   335  N N   . ILE A 1 62  ? 1.275   3.817   8.945   1.00 11.56 ? 41  ILE A N   1 
ATOM   336  C CA  . ILE A 1 62  ? 2.311   3.723   10.052  1.00 12.56 ? 41  ILE A CA  1 
ATOM   337  C C   . ILE A 1 62  ? 3.175   2.525   9.658   1.00 11.42 ? 41  ILE A C   1 
ATOM   338  O O   . ILE A 1 62  ? 2.640   1.402   9.455   1.00 12.40 ? 41  ILE A O   1 
ATOM   339  C CB  . ILE A 1 62  ? 1.657   3.491   11.408  1.00 14.46 ? 41  ILE A CB  1 
ATOM   340  C CG1 . ILE A 1 62  ? 0.787   4.731   11.745  1.00 17.24 ? 41  ILE A CG1 1 
ATOM   341  C CG2 . ILE A 1 62  ? 2.709   3.298   12.463  1.00 16.25 ? 41  ILE A CG2 1 
ATOM   342  C CD1 . ILE A 1 62  ? -0.717  4.560   11.637  1.00 23.18 ? 41  ILE A CD1 1 
ATOM   343  N N   . ILE A 1 63  ? 4.483   2.747   9.518   1.00 9.97  ? 42  ILE A N   1 
ATOM   344  C CA  . ILE A 1 63  ? 5.341   1.655   9.064   1.00 9.62  ? 42  ILE A CA  1 
ATOM   345  C C   . ILE A 1 63  ? 6.382   1.470   10.196  1.00 11.00 ? 42  ILE A C   1 
ATOM   346  O O   . ILE A 1 63  ? 7.045   2.458   10.604  1.00 10.66 ? 42  ILE A O   1 
ATOM   347  C CB  . ILE A 1 63  ? 6.095   1.995   7.751   1.00 9.35  ? 42  ILE A CB  1 
ATOM   348  C CG1 . ILE A 1 63  ? 5.060   2.215   6.618   1.00 10.24 ? 42  ILE A CG1 1 
ATOM   349  C CG2 . ILE A 1 63  ? 7.068   0.883   7.334   1.00 9.81  ? 42  ILE A CG2 1 
ATOM   350  C CD1 . ILE A 1 63  ? 5.711   2.712   5.345   1.00 10.41 ? 42  ILE A CD1 1 
ATOM   351  N N   . SER A 1 64  ? 6.546   0.234   10.637  1.00 11.34 ? 43  SER A N   1 
ATOM   352  C CA  . SER A 1 64  ? 7.503   -0.046  11.695  1.00 12.37 ? 43  SER A CA  1 
ATOM   353  C C   . SER A 1 64  ? 8.249   -1.329  11.350  1.00 13.17 ? 43  SER A C   1 
ATOM   354  O O   . SER A 1 64  ? 7.752   -2.181  10.593  1.00 11.47 ? 43  SER A O   1 
ATOM   355  C CB  . SER A 1 64  ? 6.771   -0.125  13.028  1.00 15.95 ? 43  SER A CB  1 
ATOM   356  O OG  . SER A 1 64  ? 5.951   -1.254  13.027  1.00 19.80 ? 43  SER A OG  1 
ATOM   357  N N   . VAL A 1 65  ? 9.433   -1.518  11.989  1.00 12.27 ? 44  VAL A N   1 
ATOM   358  C CA  . VAL A 1 65  ? 10.279  -2.683  11.665  1.00 14.40 ? 44  VAL A CA  1 
ATOM   359  C C   . VAL A 1 65  ? 10.705  -3.227  13.011  1.00 14.84 ? 44  VAL A C   1 
ATOM   360  O O   . VAL A 1 65  ? 11.001  -2.412  13.944  1.00 15.17 ? 44  VAL A O   1 
ATOM   361  C CB  . VAL A 1 65  ? 11.518  -2.347  10.806  1.00 15.54 ? 44  VAL A CB  1 
ATOM   362  C CG1 . VAL A 1 65  ? 12.253  -3.640  10.487  1.00 17.54 ? 44  VAL A CG1 1 
ATOM   363  C CG2 . VAL A 1 65  ? 11.040  -1.755  9.493   1.00 18.60 ? 44  VAL A CG2 1 
ATOM   364  N N   . ASN A 1 66  ? 10.589  -4.542  13.179  1.00 12.98 ? 45  ASN A N   1 
ATOM   365  C CA  . ASN A 1 66  ? 11.054  -5.173  14.491  1.00 11.98 ? 45  ASN A CA  1 
ATOM   366  C C   . ASN A 1 66  ? 11.741  -6.457  14.038  1.00 15.10 ? 45  ASN A C   1 
ATOM   367  O O   . ASN A 1 66  ? 11.115  -7.391  13.579  1.00 12.92 ? 45  ASN A O   1 
ATOM   368  C CB  . ASN A 1 66  ? 9.856   -5.373  15.373  1.00 12.57 ? 45  ASN A CB  1 
ATOM   369  C CG  . ASN A 1 66  ? 10.183  -5.978  16.741  1.00 13.08 ? 45  ASN A CG  1 
ATOM   370  O OD1 . ASN A 1 66  ? 9.449   -5.699  17.763  1.00 15.89 ? 45  ASN A OD1 1 
ATOM   371  N ND2 . ASN A 1 66  ? 11.116  -6.899  16.730  1.00 12.16 ? 45  ASN A ND2 1 
ATOM   372  N N   . GLY A 1 67  ? 13.067  -6.503  14.144  1.00 16.07 ? 46  GLY A N   1 
ATOM   373  C CA  . GLY A 1 67  ? 13.801  -7.659  13.555  1.00 16.76 ? 46  GLY A CA  1 
ATOM   374  C C   . GLY A 1 67  ? 13.570  -7.756  12.073  1.00 16.63 ? 46  GLY A C   1 
ATOM   375  O O   . GLY A 1 67  ? 13.816  -6.810  11.304  1.00 18.68 ? 46  GLY A O   1 
ATOM   376  N N   . ASP A 1 68  ? 13.092  -8.928  11.653  1.00 15.40 ? 47  ASP A N   1 
ATOM   377  C CA  . ASP A 1 68  ? 12.915  -9.160  10.215  1.00 14.59 ? 47  ASP A CA  1 
ATOM   378  C C   . ASP A 1 68  ? 11.516  -8.852  9.812   1.00 12.96 ? 47  ASP A C   1 
ATOM   379  O O   . ASP A 1 68  ? 11.180  -9.003  8.637   1.00 12.33 ? 47  ASP A O   1 
ATOM   380  C CB  . ASP A 1 68  ? 13.198  -10.606 9.838   1.00 18.94 ? 47  ASP A CB  1 
ATOM   381  C CG  . ASP A 1 68  ? 14.692  -10.989 9.958   1.00 23.75 ? 47  ASP A CG  1 
ATOM   382  O OD1 . ASP A 1 68  ? 15.570  -10.136 9.773   1.00 23.35 ? 47  ASP A OD1 1 
ATOM   383  O OD2 . ASP A 1 68  ? 14.918  -12.190 10.183  1.00 30.07 ? 47  ASP A OD2 1 
ATOM   384  N N   . VAL A 1 69  ? 10.681  -8.455  10.764  1.00 11.46 ? 48  VAL A N   1 
ATOM   385  C CA  . VAL A 1 69  ? 9.244   -8.266  10.471  1.00 10.66 ? 48  VAL A CA  1 
ATOM   386  C C   . VAL A 1 69  ? 8.943   -6.786  10.205  1.00 11.30 ? 48  VAL A C   1 
ATOM   387  O O   . VAL A 1 69  ? 9.173   -5.911  11.065  1.00 11.99 ? 48  VAL A O   1 
ATOM   388  C CB  . VAL A 1 69  ? 8.378   -8.784  11.644  1.00 11.19 ? 48  VAL A CB  1 
ATOM   389  C CG1 . VAL A 1 69  ? 6.921   -8.559  11.324  1.00 10.84 ? 48  VAL A CG1 1 
ATOM   390  C CG2 . VAL A 1 69  ? 8.643   -10.299 11.856  1.00 12.47 ? 48  VAL A CG2 1 
ATOM   391  N N   . ILE A 1 70  ? 8.255   -6.510  9.096   1.00 9.04  ? 49  ILE A N   1 
ATOM   392  C CA  . ILE A 1 70  ? 7.910   -5.137  8.804   1.00 9.96  ? 49  ILE A CA  1 
ATOM   393  C C   . ILE A 1 70  ? 6.368   -5.095  8.996   1.00 9.85  ? 49  ILE A C   1 
ATOM   394  O O   . ILE A 1 70  ? 5.662   -6.052  8.630   1.00 8.83  ? 49  ILE A O   1 
ATOM   395  C CB  . ILE A 1 70  ? 8.259   -4.793  7.316   1.00 10.13 ? 49  ILE A CB  1 
ATOM   396  C CG1 . ILE A 1 70  ? 9.757   -5.016  7.062   1.00 10.51 ? 49  ILE A CG1 1 
ATOM   397  C CG2 . ILE A 1 70  ? 7.688   -3.416  6.964   1.00 11.59 ? 49  ILE A CG2 1 
ATOM   398  C CD1 . ILE A 1 70  ? 10.156  -4.888  5.574   1.00 13.04 ? 49  ILE A CD1 1 
ATOM   399  N N   . THR A 1 71  ? 5.861   -4.045  9.594   1.00 9.35  ? 50  THR A N   1 
ATOM   400  C CA  . THR A 1 71  ? 4.409   -3.939  9.777   1.00 9.97  ? 50  THR A CA  1 
ATOM   401  C C   . THR A 1 71  ? 4.002   -2.630  9.081   1.00 9.54  ? 50  THR A C   1 
ATOM   402  O O   . THR A 1 71  ? 4.642   -1.551  9.243   1.00 8.78  ? 50  THR A O   1 
ATOM   403  C CB  . THR A 1 71  ? 4.022   -3.836  11.283  1.00 10.72 ? 50  THR A CB  1 
ATOM   404  O OG1 . THR A 1 71  ? 4.415   -5.025  11.978  1.00 11.54 ? 50  THR A OG1 1 
ATOM   405  C CG2 . THR A 1 71  ? 2.569   -3.540  11.464  1.00 11.58 ? 50  THR A CG2 1 
ATOM   406  N N   . ILE A 1 72  ? 2.934   -2.711  8.264   1.00 8.91  ? 51  ILE A N   1 
ATOM   407  C CA  . ILE A 1 72  ? 2.328   -1.506  7.638   1.00 9.68  ? 51  ILE A CA  1 
ATOM   408  C C   . ILE A 1 72  ? 0.858   -1.411  8.072   1.00 10.64 ? 51  ILE A C   1 
ATOM   409  O O   . ILE A 1 72  ? 0.089   -2.354  7.827   1.00 11.37 ? 51  ILE A O   1 
ATOM   410  C CB  . ILE A 1 72  ? 2.407   -1.602  6.113   1.00 9.59  ? 51  ILE A CB  1 
ATOM   411  C CG1 . ILE A 1 72  ? 3.871   -1.645  5.711   1.00 10.03 ? 51  ILE A CG1 1 
ATOM   412  C CG2 . ILE A 1 72  ? 1.689   -0.373  5.468   1.00 11.21 ? 51  ILE A CG2 1 
ATOM   413  C CD1 . ILE A 1 72  ? 4.049   -1.797  4.213   1.00 11.56 ? 51  ILE A CD1 1 
ATOM   414  N N   . LYS A 1 73  ? 0.503   -0.330  8.763   1.00 11.81 ? 52  LYS A N   1 
ATOM   415  C CA  . LYS A 1 73  ? -0.847  -0.136  9.207   1.00 13.21 ? 52  LYS A CA  1 
ATOM   416  C C   . LYS A 1 73  ? -1.432  1.025   8.489   1.00 14.53 ? 52  LYS A C   1 
ATOM   417  O O   . LYS A 1 73  ? -0.709  1.974   8.158   1.00 14.26 ? 52  LYS A O   1 
ATOM   418  C CB  . LYS A 1 73  ? -0.958  0.164   10.701  1.00 15.16 ? 52  LYS A CB  1 
ATOM   419  C CG  . LYS A 1 73  ? -0.220  -0.701  11.640  1.00 22.82 ? 52  LYS A CG  1 
ATOM   420  C CD  . LYS A 1 73  ? -0.508  -0.138  13.059  1.00 26.68 ? 52  LYS A CD  1 
ATOM   421  C CE  . LYS A 1 73  ? -1.982  0.121   13.322  1.00 31.37 ? 52  LYS A CE  1 
ATOM   422  N NZ  . LYS A 1 73  ? -2.286  1.106   14.409  1.00 41.22 ? 52  LYS A NZ  1 
ATOM   423  N N   . SER A 1 74  ? -2.743  0.952   8.216   1.00 14.30 ? 53  SER A N   1 
ATOM   424  C CA  . SER A 1 74  ? -3.428  2.097   7.620   1.00 16.41 ? 53  SER A CA  1 
ATOM   425  C C   . SER A 1 74  ? -4.576  2.442   8.544   1.00 17.78 ? 53  SER A C   1 
ATOM   426  O O   . SER A 1 74  ? -5.266  1.507   9.015   1.00 22.66 ? 53  SER A O   1 
ATOM   427  C CB  . SER A 1 74  ? -4.030  1.657   6.311   1.00 21.49 ? 53  SER A CB  1 
ATOM   428  O OG  . SER A 1 74  ? -4.528  2.809   5.654   1.00 31.08 ? 53  SER A OG  1 
ATOM   429  N N   . GLU A 1 75  ? -4.740  3.713   8.877   1.00 13.86 ? 54  GLU A N   1 
ATOM   430  C CA  . GLU A 1 75  ? -5.833  4.102   9.720   1.00 16.99 ? 54  GLU A CA  1 
ATOM   431  C C   . GLU A 1 75  ? -6.648  5.106   8.946   1.00 14.06 ? 54  GLU A C   1 
ATOM   432  O O   . GLU A 1 75  ? -6.075  6.123   8.531   1.00 13.79 ? 54  GLU A O   1 
ATOM   433  C CB  . GLU A 1 75  ? -5.295  4.814   10.938  1.00 22.50 ? 54  GLU A CB  1 
ATOM   434  C CG  . GLU A 1 75  ? -4.677  3.845   11.910  1.00 32.12 ? 54  GLU A CG  1 
ATOM   435  C CD  . GLU A 1 75  ? -4.585  4.475   13.276  1.00 40.82 ? 54  GLU A CD  1 
ATOM   436  O OE1 . GLU A 1 75  ? -4.367  5.719   13.338  1.00 43.74 ? 54  GLU A OE1 1 
ATOM   437  O OE2 . GLU A 1 75  ? -4.743  3.710   14.252  1.00 49.27 ? 54  GLU A OE2 1 
ATOM   438  N N   . SER A 1 76  ? -7.944  4.884   8.810   1.00 13.65 ? 55  SER A N   1 
ATOM   439  C CA  . SER A 1 76  ? -8.735  5.884   8.132   1.00 14.98 ? 55  SER A CA  1 
ATOM   440  C C   . SER A 1 76  ? -10.174 5.796   8.570   1.00 15.68 ? 55  SER A C   1 
ATOM   441  O O   . SER A 1 76  ? -10.561 4.884   9.334   1.00 16.11 ? 55  SER A O   1 
ATOM   442  C CB  . SER A 1 76  ? -8.655  5.838   6.601   1.00 17.13 ? 55  SER A CB  1 
ATOM   443  O OG  . SER A 1 76  ? -9.499  4.853   5.992   1.00 15.95 ? 55  SER A OG  1 
ATOM   444  N N   . THR A 1 77  ? -10.985 6.720   8.072   1.00 17.29 ? 56  THR A N   1 
ATOM   445  C CA  . THR A 1 77  ? -12.427 6.663   8.429   1.00 16.87 ? 56  THR A CA  1 
ATOM   446  C C   . THR A 1 77  ? -13.076 5.548   7.627   1.00 17.74 ? 56  THR A C   1 
ATOM   447  O O   . THR A 1 77  ? -14.192 5.105   7.983   1.00 21.67 ? 56  THR A O   1 
ATOM   448  C CB  . THR A 1 77  ? -13.173 7.979   8.037   1.00 17.78 ? 56  THR A CB  1 
ATOM   449  O OG1 . THR A 1 77  ? -12.932 8.199   6.657   1.00 24.23 ? 56  THR A OG1 1 
ATOM   450  C CG2 . THR A 1 77  ? -12.566 9.130   8.755   1.00 17.37 ? 56  THR A CG2 1 
ATOM   451  N N   . PHE A 1 78  ? -12.407 5.099   6.539   1.00 17.84 ? 57  PHE A N   1 
ATOM   452  C CA  . PHE A 1 78  ? -12.942 3.968   5.711   1.00 18.80 ? 57  PHE A CA  1 
ATOM   453  C C   . PHE A 1 78  ? -12.680 2.602   6.362   1.00 22.74 ? 57  PHE A C   1 
ATOM   454  O O   . PHE A 1 78  ? -13.604 1.788   6.605   1.00 20.06 ? 57  PHE A O   1 
ATOM   455  C CB  . PHE A 1 78  ? -12.363 4.016   4.288   1.00 18.27 ? 57  PHE A CB  1 
ATOM   456  C CG  . PHE A 1 78  ? -12.682 2.839   3.478   1.00 19.76 ? 57  PHE A CG  1 
ATOM   457  C CD1 . PHE A 1 78  ? -14.007 2.445   3.281   1.00 22.57 ? 57  PHE A CD1 1 
ATOM   458  C CD2 . PHE A 1 78  ? -11.671 2.103   2.904   1.00 20.61 ? 57  PHE A CD2 1 
ATOM   459  C CE1 . PHE A 1 78  ? -14.302 1.313   2.513   1.00 25.29 ? 57  PHE A CE1 1 
ATOM   460  C CE2 . PHE A 1 78  ? -11.964 0.971   2.139   1.00 22.61 ? 57  PHE A CE2 1 
ATOM   461  C CZ  . PHE A 1 78  ? -13.285 0.592   1.942   1.00 24.94 ? 57  PHE A CZ  1 
ATOM   462  N N   . LYS A 1 79  ? -11.403 2.341   6.666   1.00 18.98 ? 58  LYS A N   1 
ATOM   463  C CA  . LYS A 1 79  ? -11.044 1.042   7.179   1.00 20.30 ? 58  LYS A CA  1 
ATOM   464  C C   . LYS A 1 79  ? -9.724  1.222   7.908   1.00 19.49 ? 58  LYS A C   1 
ATOM   465  O O   . LYS A 1 79  ? -8.905  2.106   7.578   1.00 18.01 ? 58  LYS A O   1 
ATOM   466  C CB  . LYS A 1 79  ? -10.882 0.035   6.020   1.00 23.18 ? 58  LYS A CB  1 
ATOM   467  C CG  . LYS A 1 79  ? -10.917 -1.437  6.440   1.00 28.66 ? 58  LYS A CG  1 
ATOM   468  C CD  . LYS A 1 79  ? -12.318 -2.025  6.573   1.00 34.78 ? 58  LYS A CD  1 
ATOM   469  C CE  . LYS A 1 79  ? -13.294 -1.380  5.567   1.00 38.61 ? 58  LYS A CE  1 
ATOM   470  N NZ  . LYS A 1 79  ? -14.214 -2.356  4.890   1.00 44.68 ? 58  LYS A NZ  1 
ATOM   471  N N   . ASN A 1 80  ? -9.535  0.455   8.964   1.00 15.35 ? 59  ASN A N   1 
ATOM   472  C CA  . ASN A 1 80  ? -8.176  0.297   9.469   1.00 16.64 ? 59  ASN A CA  1 
ATOM   473  C C   . ASN A 1 80  ? -7.663  -1.078  9.036   1.00 18.05 ? 59  ASN A C   1 
ATOM   474  O O   . ASN A 1 80  ? -8.373  -2.104  9.263   1.00 19.56 ? 59  ASN A O   1 
ATOM   475  C CB  . ASN A 1 80  ? -8.211  0.369   10.974  1.00 19.98 ? 59  ASN A CB  1 
ATOM   476  C CG  . ASN A 1 80  ? -8.684  1.701   11.487  1.00 20.62 ? 59  ASN A CG  1 
ATOM   477  O OD1 . ASN A 1 80  ? -8.472  2.742   10.916  1.00 19.20 ? 59  ASN A OD1 1 
ATOM   478  N ND2 . ASN A 1 80  ? -9.344  1.655   12.623  1.00 28.05 ? 59  ASN A ND2 1 
ATOM   479  N N   . THR A 1 81  ? -6.441  -1.157  8.517   1.00 15.63 ? 60  THR A N   1 
ATOM   480  C CA  . THR A 1 81  ? -5.879  -2.463  8.097   1.00 15.93 ? 60  THR A CA  1 
ATOM   481  C C   . THR A 1 81  ? -4.482  -2.557  8.721   1.00 14.43 ? 60  THR A C   1 
ATOM   482  O O   . THR A 1 81  ? -3.907  -1.519  9.037   1.00 13.94 ? 60  THR A O   1 
ATOM   483  C CB  . THR A 1 81  ? -5.764  -2.573  6.556   1.00 17.33 ? 60  THR A CB  1 
ATOM   484  O OG1 . THR A 1 81  ? -4.784  -1.652  6.048   1.00 20.98 ? 60  THR A OG1 1 
ATOM   485  C CG2 . THR A 1 81  ? -7.122  -2.362  5.853   1.00 19.48 ? 60  THR A CG2 1 
ATOM   486  N N   . GLU A 1 82  ? -3.970  -3.792  8.857   1.00 13.08 ? 61  GLU A N   1 
ATOM   487  C CA  . GLU A 1 82  ? -2.606  -3.978  9.326   1.00 13.58 ? 61  GLU A CA  1 
ATOM   488  C C   . GLU A 1 82  ? -2.045  -5.214  8.680   1.00 12.49 ? 61  GLU A C   1 
ATOM   489  O O   . GLU A 1 82  ? -2.729  -6.247  8.702   1.00 12.80 ? 61  GLU A O   1 
ATOM   490  C CB  . GLU A 1 82  ? -2.590  -4.071  10.845  1.00 15.88 ? 61  GLU A CB  1 
ATOM   491  C CG  . GLU A 1 82  ? -1.208  -4.300  11.365  1.00 20.63 ? 61  GLU A CG  1 
ATOM   492  C CD  . GLU A 1 82  ? -1.168  -4.365  12.902  1.00 29.56 ? 61  GLU A CD  1 
ATOM   493  O OE1 . GLU A 1 82  ? -0.573  -5.341  13.430  1.00 30.23 ? 61  GLU A OE1 1 
ATOM   494  O OE2 . GLU A 1 82  ? -1.729  -3.453  13.595  1.00 35.01 ? 61  GLU A OE2 1 
ATOM   495  N N   . ILE A 1 83  ? -0.844  -5.103  8.110   1.00 10.51 ? 62  ILE A N   1 
ATOM   496  C CA  . ILE A 1 83  ? -0.165  -6.280  7.607   1.00 10.41 ? 62  ILE A CA  1 
ATOM   497  C C   . ILE A 1 83  ? 1.190   -6.355  8.292   1.00 9.65  ? 62  ILE A C   1 
ATOM   498  O O   . ILE A 1 83  ? 1.875   -5.319  8.445   1.00 11.50 ? 62  ILE A O   1 
ATOM   499  C CB  . ILE A 1 83  ? -0.050  -6.407  6.031   1.00 10.75 ? 62  ILE A CB  1 
ATOM   500  C CG1 . ILE A 1 83  ? 0.627   -5.182  5.457   1.00 11.13 ? 62  ILE A CG1 1 
ATOM   501  C CG2 . ILE A 1 83  ? -1.489  -6.596  5.462   1.00 12.36 ? 62  ILE A CG2 1 
ATOM   502  C CD1 . ILE A 1 83  ? 1.027   -5.245  3.980   1.00 11.66 ? 62  ILE A CD1 1 
ATOM   503  N N   . SER A 1 84  ? 1.582   -7.563  8.686   1.00 9.65  ? 63  SER A N   1 
ATOM   504  C CA  . SER A 1 84  ? 2.976   -7.838  9.069   1.00 9.14  ? 63  SER A CA  1 
ATOM   505  C C   . SER A 1 84  ? 3.591   -8.927  8.189   1.00 9.91  ? 63  SER A C   1 
ATOM   506  O O   . SER A 1 84  ? 2.930   -9.888  7.831   1.00 12.13 ? 63  SER A O   1 
ATOM   507  C CB  . SER A 1 84  ? 2.975   -8.311  10.535  1.00 10.54 ? 63  SER A CB  1 
ATOM   508  O OG  . SER A 1 84  ? 2.676   -7.210  11.340  1.00 10.88 ? 63  SER A OG  1 
ATOM   509  N N   . PHE A 1 85  ? 4.861   -8.780  7.889   1.00 9.93  ? 64  PHE A N   1 
ATOM   510  C CA  . PHE A 1 85  ? 5.455   -9.705  6.882   1.00 9.05  ? 64  PHE A CA  1 
ATOM   511  C C   . PHE A 1 85  ? 6.939   -9.676  6.942   1.00 9.86  ? 64  PHE A C   1 
ATOM   512  O O   . PHE A 1 85  ? 7.541   -8.773  7.507   1.00 9.33  ? 64  PHE A O   1 
ATOM   513  C CB  . PHE A 1 85  ? 4.981   -9.319  5.442   1.00 9.93  ? 64  PHE A CB  1 
ATOM   514  C CG  . PHE A 1 85  ? 5.299   -7.904  5.077   1.00 9.06  ? 64  PHE A CG  1 
ATOM   515  C CD1 . PHE A 1 85  ? 4.433   -6.850  5.421   1.00 9.31  ? 64  PHE A CD1 1 
ATOM   516  C CD2 . PHE A 1 85  ? 6.471   -7.636  4.399   1.00 9.15  ? 64  PHE A CD2 1 
ATOM   517  C CE1 . PHE A 1 85  ? 4.752   -5.528  5.169   1.00 9.21  ? 64  PHE A CE1 1 
ATOM   518  C CE2 . PHE A 1 85  ? 6.845   -6.304  4.146   1.00 10.15 ? 64  PHE A CE2 1 
ATOM   519  C CZ  . PHE A 1 85  ? 5.955   -5.245  4.481   1.00 8.87  ? 64  PHE A CZ  1 
ATOM   520  N N   . ILE A 1 86  ? 7.529   -10.688 6.300   1.00 10.39 ? 65  ILE A N   1 
ATOM   521  C CA  . ILE A 1 86  ? 8.975   -10.790 6.171   1.00 10.78 ? 65  ILE A CA  1 
ATOM   522  C C   . ILE A 1 86  ? 9.230   -10.649 4.653   1.00 10.27 ? 65  ILE A C   1 
ATOM   523  O O   . ILE A 1 86  ? 8.488   -11.180 3.819   1.00 9.75  ? 65  ILE A O   1 
ATOM   524  C CB  . ILE A 1 86  ? 9.474   -12.150 6.727   1.00 12.26 ? 65  ILE A CB  1 
ATOM   525  C CG1 . ILE A 1 86  ? 9.211   -12.168 8.256   1.00 12.96 ? 65  ILE A CG1 1 
ATOM   526  C CG2 . ILE A 1 86  ? 10.950  -12.297 6.319   1.00 11.86 ? 65  ILE A CG2 1 
ATOM   527  C CD1 . ILE A 1 86  ? 9.570   -13.534 8.863   1.00 16.09 ? 65  ILE A CD1 1 
ATOM   528  N N   . LEU A 1 87  ? 10.224  -9.840  4.278   1.00 9.84  ? 66  LEU A N   1 
ATOM   529  C CA  . LEU A 1 87  ? 10.455  -9.651  2.835   1.00 8.84  ? 66  LEU A CA  1 
ATOM   530  C C   . LEU A 1 87  ? 10.650  -11.011 2.113   1.00 9.47  ? 66  LEU A C   1 
ATOM   531  O O   . LEU A 1 87  ? 11.413  -11.897 2.556   1.00 10.12 ? 66  LEU A O   1 
ATOM   532  C CB  . LEU A 1 87  ? 11.697  -8.785  2.569   1.00 10.81 ? 66  LEU A CB  1 
ATOM   533  C CG  . LEU A 1 87  ? 11.525  -7.372  3.150   1.00 10.14 ? 66  LEU A CG  1 
ATOM   534  C CD1 . LEU A 1 87  ? 12.921  -6.804  3.214   1.00 13.20 ? 66  LEU A CD1 1 
ATOM   535  C CD2 . LEU A 1 87  ? 10.623  -6.539  2.228   1.00 12.06 ? 66  LEU A CD2 1 
ATOM   536  N N   . GLY A 1 88  ? 10.048  -11.144 0.952   1.00 9.12  ? 67  GLY A N   1 
ATOM   537  C CA  . GLY A 1 88  ? 10.184  -12.327 0.099   1.00 8.97  ? 67  GLY A CA  1 
ATOM   538  C C   . GLY A 1 88  ? 9.344   -13.520 0.483   1.00 10.92 ? 67  GLY A C   1 
ATOM   539  O O   . GLY A 1 88  ? 9.299   -14.497 -0.286  1.00 11.46 ? 67  GLY A O   1 
ATOM   540  N N   . GLN A 1 89  ? 8.562   -13.429 1.582   1.00 9.99  ? 68  GLN A N   1 
ATOM   541  C CA  . GLN A 1 89  ? 7.743   -14.566 2.121   1.00 11.28 ? 68  GLN A CA  1 
ATOM   542  C C   . GLN A 1 89  ? 6.274   -14.286 1.963   1.00 11.35 ? 68  GLN A C   1 
ATOM   543  O O   . GLN A 1 89  ? 5.751   -13.324 2.528   1.00 11.18 ? 68  GLN A O   1 
ATOM   544  C CB  . GLN A 1 89  ? 8.039   -14.866 3.601   1.00 12.50 ? 68  GLN A CB  1 
ATOM   545  C CG  . GLN A 1 89  ? 9.567   -15.120 3.717   1.00 15.62 ? 68  GLN A CG  1 
ATOM   546  C CD  . GLN A 1 89  ? 9.996   -15.648 5.073   1.00 15.54 ? 68  GLN A CD  1 
ATOM   547  O OE1 . GLN A 1 89  ? 9.186   -15.890 5.980   1.00 19.42 ? 68  GLN A OE1 1 
ATOM   548  N NE2 . GLN A 1 89  ? 11.283  -15.869 5.186   1.00 20.18 ? 68  GLN A NE2 1 
ATOM   549  N N   . GLU A 1 90  ? 5.608   -15.111 1.143   1.00 11.24 ? 69  GLU A N   1 
ATOM   550  C CA  . GLU A 1 90  ? 4.183   -14.862 0.748   1.00 11.86 ? 69  GLU A CA  1 
ATOM   551  C C   . GLU A 1 90  ? 3.300   -14.980 2.002   1.00 12.49 ? 69  GLU A C   1 
ATOM   552  O O   . GLU A 1 90  ? 3.585   -15.775 2.967   1.00 13.25 ? 69  GLU A O   1 
ATOM   553  C CB  . GLU A 1 90  ? 3.761   -15.939 -0.311  1.00 15.05 ? 69  GLU A CB  1 
ATOM   554  C CG  . GLU A 1 90  ? 2.363   -15.668 -0.886  1.00 21.74 ? 69  GLU A CG  1 
ATOM   555  C CD  . GLU A 1 90  ? 2.045   -16.660 -1.985  1.00 26.92 ? 69  GLU A CD  1 
ATOM   556  O OE1 . GLU A 1 90  ? 1.990   -17.813 -1.602  1.00 31.29 ? 69  GLU A OE1 1 
ATOM   557  O OE2 . GLU A 1 90  ? 1.948   -16.283 -3.191  1.00 32.29 ? 69  GLU A OE2 1 
ATOM   558  N N   . PHE A 1 91  ? 2.237   -14.183 2.025   1.00 10.14 ? 70  PHE A N   1 
ATOM   559  C CA  . PHE A 1 91  ? 1.306   -14.178 3.148   1.00 10.46 ? 70  PHE A CA  1 
ATOM   560  C C   . PHE A 1 91  ? -0.106  -13.958 2.593   1.00 11.79 ? 70  PHE A C   1 
ATOM   561  O O   . PHE A 1 91  ? -0.331  -13.475 1.479   1.00 11.68 ? 70  PHE A O   1 
ATOM   562  C CB  . PHE A 1 91  ? 1.622   -13.133 4.262   1.00 9.77  ? 70  PHE A CB  1 
ATOM   563  C CG  . PHE A 1 91  ? 1.743   -11.699 3.727   1.00 9.35  ? 70  PHE A CG  1 
ATOM   564  C CD1 . PHE A 1 91  ? 2.907   -11.216 3.078   1.00 8.66  ? 70  PHE A CD1 1 
ATOM   565  C CD2 . PHE A 1 91  ? 0.651   -10.823 3.857   1.00 10.72 ? 70  PHE A CD2 1 
ATOM   566  C CE1 . PHE A 1 91  ? 2.969   -9.879  2.597   1.00 9.32  ? 70  PHE A CE1 1 
ATOM   567  C CE2 . PHE A 1 91  ? 0.717   -9.487  3.376   1.00 11.36 ? 70  PHE A CE2 1 
ATOM   568  C CZ  . PHE A 1 91  ? 1.865   -8.997  2.760   1.00 10.14 ? 70  PHE A CZ  1 
ATOM   569  N N   . ASP A 1 92  ? -1.057  -14.324 3.455   1.00 13.08 ? 71  ASP A N   1 
ATOM   570  C CA  . ASP A 1 92  ? -2.458  -13.941 3.208   1.00 15.00 ? 71  ASP A CA  1 
ATOM   571  C C   . ASP A 1 92  ? -2.814  -12.587 3.656   1.00 13.19 ? 71  ASP A C   1 
ATOM   572  O O   . ASP A 1 92  ? -2.426  -12.146 4.730   1.00 16.28 ? 71  ASP A O   1 
ATOM   573  C CB  . ASP A 1 92  ? -3.448  -14.885 3.919   1.00 16.50 ? 71  ASP A CB  1 
ATOM   574  C CG  . ASP A 1 92  ? -3.282  -16.297 3.567   1.00 18.46 ? 71  ASP A CG  1 
ATOM   575  O OD1 . ASP A 1 92  ? -3.393  -16.607 2.376   1.00 23.60 ? 71  ASP A OD1 1 
ATOM   576  O OD2 . ASP A 1 92  ? -3.005  -17.142 4.551   1.00 19.12 ? 71  ASP A OD2 1 
ATOM   577  N N   . GLU A 1 93  ? -3.615  -11.868 2.827   1.00 12.48 ? 72  GLU A N   1 
ATOM   578  C CA  . GLU A 1 93  ? -3.967  -10.502 3.143   1.00 12.38 ? 72  GLU A CA  1 
ATOM   579  C C   . GLU A 1 93  ? -5.463  -10.338 2.735   1.00 13.13 ? 72  GLU A C   1 
ATOM   580  O O   . GLU A 1 93  ? -5.856  -10.824 1.699   1.00 14.54 ? 72  GLU A O   1 
ATOM   581  C CB  . GLU A 1 93  ? -3.151  -9.489  2.283   1.00 11.97 ? 72  GLU A CB  1 
ATOM   582  C CG  . GLU A 1 93  ? -3.565  -8.033  2.586   1.00 13.46 ? 72  GLU A CG  1 
ATOM   583  C CD  . GLU A 1 93  ? -2.744  -7.040  1.787   1.00 13.41 ? 72  GLU A CD  1 
ATOM   584  O OE1 . GLU A 1 93  ? -1.923  -7.487  0.947   1.00 13.79 ? 72  GLU A OE1 1 
ATOM   585  O OE2 . GLU A 1 93  ? -2.918  -5.820  2.000   1.00 16.03 ? 72  GLU A OE2 1 
ATOM   586  N N   . VAL A 1 94  ? -6.233  -9.727  3.611   1.00 14.68 ? 73  VAL A N   1 
ATOM   587  C CA  . VAL A 1 94  ? -7.580  -9.219  3.262   1.00 15.85 ? 73  VAL A CA  1 
ATOM   588  C C   . VAL A 1 94  ? -7.465  -7.732  3.088   1.00 15.58 ? 73  VAL A C   1 
ATOM   589  O O   . VAL A 1 94  ? -7.139  -6.966  4.002   1.00 16.47 ? 73  VAL A O   1 
ATOM   590  C CB  . VAL A 1 94  ? -8.644  -9.584  4.323   1.00 18.45 ? 73  VAL A CB  1 
ATOM   591  C CG1 . VAL A 1 94  ? -10.027 -8.960  3.951   1.00 19.05 ? 73  VAL A CG1 1 
ATOM   592  C CG2 . VAL A 1 94  ? -8.762  -11.082 4.389   1.00 18.30 ? 73  VAL A CG2 1 
ATOM   593  N N   . THR A 1 95  ? -7.738  -7.279  1.867   1.00 13.85 ? 74  THR A N   1 
ATOM   594  C CA  . THR A 1 95  ? -7.588  -5.893  1.567   1.00 14.57 ? 74  THR A CA  1 
ATOM   595  C C   . THR A 1 95  ? -8.776  -5.017  2.124   1.00 14.12 ? 74  THR A C   1 
ATOM   596  O O   . THR A 1 95  ? -9.802  -5.570  2.523   1.00 16.43 ? 74  THR A O   1 
ATOM   597  C CB  . THR A 1 95  ? -7.448  -5.680  0.020   1.00 13.45 ? 74  THR A CB  1 
ATOM   598  O OG1 . THR A 1 95  ? -8.694  -6.096  -0.635  1.00 15.16 ? 74  THR A OG1 1 
ATOM   599  C CG2 . THR A 1 95  ? -6.328  -6.538  -0.546  1.00 14.20 ? 74  THR A CG2 1 
ATOM   600  N N   . ALA A 1 96  ? -8.597  -3.714  2.074   1.00 14.38 ? 75  ALA A N   1 
ATOM   601  C CA  . ALA A 1 96  ? -9.537  -2.683  2.599   1.00 16.99 ? 75  ALA A CA  1 
ATOM   602  C C   . ALA A 1 96  ? -10.908 -2.846  1.858   1.00 17.65 ? 75  ALA A C   1 
ATOM   603  O O   . ALA A 1 96  ? -11.985 -2.631  2.491   1.00 20.16 ? 75  ALA A O   1 
ATOM   604  C CB  . ALA A 1 96  ? -8.998  -1.267  2.393   1.00 18.99 ? 75  ALA A CB  1 
ATOM   605  N N   . ASP A 1 97  ? -10.844 -3.244  0.576   1.00 17.37 ? 76  ASP A N   1 
ATOM   606  C CA  . ASP A 1 97  ? -12.054 -3.513  -0.273  1.00 16.84 ? 76  ASP A CA  1 
ATOM   607  C C   . ASP A 1 97  ? -12.517 -4.985  -0.160  1.00 19.08 ? 76  ASP A C   1 
ATOM   608  O O   . ASP A 1 97  ? -13.329 -5.473  -0.975  1.00 19.84 ? 76  ASP A O   1 
ATOM   609  C CB  . ASP A 1 97  ? -11.840 -3.139  -1.779  1.00 16.47 ? 76  ASP A CB  1 
ATOM   610  C CG  . ASP A 1 97  ? -10.692 -3.937  -2.441  1.00 18.11 ? 76  ASP A CG  1 
ATOM   611  O OD1 . ASP A 1 97  ? -9.541  -3.917  -1.870  1.00 17.46 ? 76  ASP A OD1 1 
ATOM   612  O OD2 . ASP A 1 97  ? -10.912 -4.516  -3.562  1.00 17.55 ? 76  ASP A OD2 1 
ATOM   613  N N   . ASP A 1 98  ? -11.991 -5.703  0.852   1.00 19.09 ? 77  ASP A N   1 
ATOM   614  C CA  . ASP A 1 98  ? -12.372 -7.119  1.114   1.00 23.14 ? 77  ASP A CA  1 
ATOM   615  C C   . ASP A 1 98  ? -12.018 -8.180  0.087   1.00 24.23 ? 77  ASP A C   1 
ATOM   616  O O   . ASP A 1 98  ? -12.668 -9.204  0.058   1.00 27.34 ? 77  ASP A O   1 
ATOM   617  C CB  . ASP A 1 98  ? -13.886 -7.243  1.505   1.00 24.50 ? 77  ASP A CB  1 
ATOM   618  C CG  . ASP A 1 98  ? -14.204 -6.527  2.779   0.50 26.51 ? 77  ASP A CG  1 
ATOM   619  O OD1 . ASP A 1 98  ? -13.347 -6.506  3.693   0.50 31.39 ? 77  ASP A OD1 1 
ATOM   620  O OD2 . ASP A 1 98  ? -15.313 -5.949  2.875   0.50 34.07 ? 77  ASP A OD2 1 
ATOM   621  N N   . ARG A 1 99  ? -10.972 -7.976  -0.735  1.00 19.70 ? 78  ARG A N   1 
ATOM   622  C CA  . ARG A 1 99  ? -10.424 -9.059  -1.518  1.00 16.37 ? 78  ARG A CA  1 
ATOM   623  C C   . ARG A 1 99  ? -9.580  -9.924  -0.568  1.00 18.28 ? 78  ARG A C   1 
ATOM   624  O O   . ARG A 1 99  ? -8.870  -9.392  0.295   1.00 17.61 ? 78  ARG A O   1 
ATOM   625  C CB  . ARG A 1 99  ? -9.514  -8.571  -2.648  1.00 15.14 ? 78  ARG A CB  1 
ATOM   626  C CG  . ARG A 1 99  ? -10.221 -8.026  -3.893  1.00 16.36 ? 78  ARG A CG  1 
ATOM   627  C CD  . ARG A 1 99  ? -9.221  -7.417  -4.880  1.00 13.97 ? 78  ARG A CD  1 
ATOM   628  N NE  . ARG A 1 99  ? -8.787  -6.143  -4.307  1.00 13.90 ? 78  ARG A NE  1 
ATOM   629  C CZ  . ARG A 1 99  ? -7.536  -5.720  -4.185  1.00 13.88 ? 78  ARG A CZ  1 
ATOM   630  N NH1 . ARG A 1 99  ? -6.535  -6.408  -4.714  1.00 11.74 ? 78  ARG A NH1 1 
ATOM   631  N NH2 . ARG A 1 99  ? -7.310  -4.548  -3.593  1.00 14.07 ? 78  ARG A NH2 1 
ATOM   632  N N   . LYS A 1 100 ? -9.653  -11.237 -0.772  1.00 16.95 ? 79  LYS A N   1 
ATOM   633  C CA  . LYS A 1 100 ? -8.700  -12.170 -0.127  1.00 16.13 ? 79  LYS A CA  1 
ATOM   634  C C   . LYS A 1 100 ? -7.629  -12.481 -1.150  1.00 15.01 ? 79  LYS A C   1 
ATOM   635  O O   . LYS A 1 100 ? -7.884  -13.100 -2.220  1.00 17.39 ? 79  LYS A O   1 
ATOM   636  C CB  . LYS A 1 100 ? -9.405  -13.474 0.292   1.00 18.26 ? 79  LYS A CB  1 
ATOM   637  C CG  . LYS A 1 100 ? -10.083 -13.291 1.616   0.50 18.08 ? 79  LYS A CG  1 
ATOM   638  C CD  . LYS A 1 100 ? -11.406 -12.601 1.475   0.50 21.08 ? 79  LYS A CD  1 
ATOM   639  C CE  . LYS A 1 100 ? -11.688 -11.760 2.711   0.50 20.87 ? 79  LYS A CE  1 
ATOM   640  N NZ  . LYS A 1 100 ? -13.119 -11.361 2.708   0.50 22.45 ? 79  LYS A NZ  1 
ATOM   641  N N   . VAL A 1 101 ? -6.382  -12.006 -0.862  1.00 13.80 ? 80  VAL A N   1 
ATOM   642  C CA  . VAL A 1 101 ? -5.277  -12.104 -1.812  1.00 12.86 ? 80  VAL A CA  1 
ATOM   643  C C   . VAL A 1 101 ? -4.055  -12.796 -1.223  1.00 11.73 ? 80  VAL A C   1 
ATOM   644  O O   . VAL A 1 101 ? -3.957  -12.919 -0.002  1.00 13.97 ? 80  VAL A O   1 
ATOM   645  C CB  . VAL A 1 101 ? -4.817  -10.679 -2.317  1.00 11.89 ? 80  VAL A CB  1 
ATOM   646  C CG1 . VAL A 1 101 ? -6.090  -9.895  -2.814  1.00 12.59 ? 80  VAL A CG1 1 
ATOM   647  C CG2 . VAL A 1 101 ? -4.145  -9.862  -1.171  1.00 12.64 ? 80  VAL A CG2 1 
ATOM   648  N N   . LYS A 1 102 ? -3.231  -13.265 -2.096  1.00 12.84 ? 81  LYS A N   1 
ATOM   649  C CA  . LYS A 1 102 ? -1.925  -13.818 -1.676  1.00 13.73 ? 81  LYS A CA  1 
ATOM   650  C C   . LYS A 1 102 ? -0.920  -12.683 -1.987  1.00 11.45 ? 81  LYS A C   1 
ATOM   651  O O   . LYS A 1 102 ? -0.802  -12.234 -3.125  1.00 12.20 ? 81  LYS A O   1 
ATOM   652  C CB  . LYS A 1 102 ? -1.559  -15.051 -2.506  1.00 17.07 ? 81  LYS A CB  1 
ATOM   653  C CG  . LYS A 1 102 ? -2.375  -16.288 -2.207  1.00 23.57 ? 81  LYS A CG  1 
ATOM   654  C CD  . LYS A 1 102 ? -2.186  -16.817 -0.792  1.00 28.42 ? 81  LYS A CD  1 
ATOM   655  C CE  . LYS A 1 102 ? -2.723  -18.258 -0.752  1.00 29.48 ? 81  LYS A CE  1 
ATOM   656  N NZ  . LYS A 1 102 ? -3.098  -18.535 0.664   1.00 30.64 ? 81  LYS A NZ  1 
ATOM   657  N N   . SER A 1 103 ? -0.193  -12.228 -0.958  1.00 10.46 ? 82  SER A N   1 
ATOM   658  C CA  . SER A 1 103 ? 0.717   -11.064 -1.145  1.00 9.92  ? 82  SER A CA  1 
ATOM   659  C C   . SER A 1 103 ? 2.150   -11.428 -0.936  1.00 9.60  ? 82  SER A C   1 
ATOM   660  O O   . SER A 1 103 ? 2.466   -12.261 -0.079  1.00 9.77  ? 82  SER A O   1 
ATOM   661  C CB  . SER A 1 103 ? 0.434   -9.940  -0.176  1.00 11.19 ? 82  SER A CB  1 
ATOM   662  O OG  . SER A 1 103 ? -0.856  -9.492  -0.558  1.00 11.62 ? 82  SER A OG  1 
ATOM   663  N N   . THR A 1 104 ? 3.040   -10.821 -1.730  1.00 7.59  ? 83  THR A N   1 
ATOM   664  C CA  . THR A 1 104 ? 4.476   -10.939 -1.381  1.00 7.93  ? 83  THR A CA  1 
ATOM   665  C C   . THR A 1 104 ? 5.044   -9.544  -1.502  1.00 8.44  ? 83  THR A C   1 
ATOM   666  O O   . THR A 1 104 ? 4.796   -8.858  -2.507  1.00 9.84  ? 83  THR A O   1 
ATOM   667  C CB  . THR A 1 104 ? 5.236   -11.865 -2.346  1.00 10.68 ? 83  THR A CB  1 
ATOM   668  O OG1 . THR A 1 104 ? 4.560   -13.150 -2.435  1.00 12.94 ? 83  THR A OG1 1 
ATOM   669  C CG2 . THR A 1 104 ? 6.630   -12.110 -1.882  1.00 10.86 ? 83  THR A CG2 1 
ATOM   670  N N   . ILE A 1 105 ? 5.874   -9.166  -0.519  1.00 7.41  ? 84  ILE A N   1 
ATOM   671  C CA  . ILE A 1 105 ? 6.544   -7.863  -0.531  1.00 7.71  ? 84  ILE A CA  1 
ATOM   672  C C   . ILE A 1 105 ? 8.033   -8.061  -0.521  1.00 9.01  ? 84  ILE A C   1 
ATOM   673  O O   . ILE A 1 105 ? 8.555   -8.854  0.252   1.00 8.77  ? 84  ILE A O   1 
ATOM   674  C CB  . ILE A 1 105 ? 6.112   -7.003  0.655   1.00 7.48  ? 84  ILE A CB  1 
ATOM   675  C CG1 . ILE A 1 105 ? 4.595   -6.776  0.447   1.00 7.81  ? 84  ILE A CG1 1 
ATOM   676  C CG2 . ILE A 1 105 ? 6.881   -5.693  0.633   1.00 8.47  ? 84  ILE A CG2 1 
ATOM   677  C CD1 . ILE A 1 105 ? 3.957   -6.021  1.643   1.00 7.97  ? 84  ILE A CD1 1 
ATOM   678  N N   . THR A 1 106 ? 8.689   -7.399  -1.473  1.00 9.12  ? 85  THR A N   1 
ATOM   679  C CA  . THR A 1 106 ? 10.167  -7.469  -1.621  1.00 11.17 ? 85  THR A CA  1 
ATOM   680  C C   . THR A 1 106 ? 10.721  -6.052  -1.674  1.00 11.77 ? 85  THR A C   1 
ATOM   681  O O   . THR A 1 106 ? 10.013  -5.046  -1.809  1.00 12.00 ? 85  THR A O   1 
ATOM   682  C CB  . THR A 1 106 ? 10.628  -8.235  -2.895  1.00 12.26 ? 85  THR A CB  1 
ATOM   683  O OG1 . THR A 1 106 ? 9.946   -7.648  -4.031  1.00 15.05 ? 85  THR A OG1 1 
ATOM   684  C CG2 . THR A 1 106 ? 10.217  -9.717  -2.755  1.00 12.47 ? 85  THR A CG2 1 
ATOM   685  N N   . LEU A 1 107 ? 12.049  -5.962  -1.505  1.00 14.16 ? 86  LEU A N   1 
ATOM   686  C CA  . LEU A 1 107 ? 12.708  -4.659  -1.721  1.00 15.97 ? 86  LEU A CA  1 
ATOM   687  C C   . LEU A 1 107 ? 13.544  -4.819  -2.953  1.00 19.93 ? 86  LEU A C   1 
ATOM   688  O O   . LEU A 1 107 ? 14.375  -5.744  -3.007  1.00 24.92 ? 86  LEU A O   1 
ATOM   689  C CB  . LEU A 1 107 ? 13.639  -4.390  -0.554  1.00 21.76 ? 86  LEU A CB  1 
ATOM   690  C CG  . LEU A 1 107 ? 13.372  -3.368  0.489   1.00 22.89 ? 86  LEU A CG  1 
ATOM   691  C CD1 . LEU A 1 107 ? 14.569  -3.328  1.454   1.00 25.03 ? 86  LEU A CD1 1 
ATOM   692  C CD2 . LEU A 1 107 ? 13.089  -1.969  -0.041  1.00 19.23 ? 86  LEU A CD2 1 
ATOM   693  N N   . ASP A 1 108 ? 13.286  -4.004  -3.946  1.00 18.96 ? 87  ASP A N   1 
ATOM   694  C CA  . ASP A 1 108 ? 13.999  -3.939  -5.192  1.00 19.84 ? 87  ASP A CA  1 
ATOM   695  C C   . ASP A 1 108 ? 14.722  -2.568  -5.277  1.00 19.58 ? 87  ASP A C   1 
ATOM   696  O O   . ASP A 1 108 ? 14.092  -1.537  -5.529  1.00 16.73 ? 87  ASP A O   1 
ATOM   697  C CB  . ASP A 1 108 ? 13.030  -4.025  -6.357  1.00 26.38 ? 87  ASP A CB  1 
ATOM   698  C CG  . ASP A 1 108 ? 13.751  -4.189  -7.713  1.00 37.12 ? 87  ASP A CG  1 
ATOM   699  O OD1 . ASP A 1 108 ? 14.983  -4.540  -7.718  1.00 42.62 ? 87  ASP A OD1 1 
ATOM   700  O OD2 . ASP A 1 108 ? 13.088  -3.956  -8.758  1.00 40.61 ? 87  ASP A OD2 1 
ATOM   701  N N   . GLY A 1 109 ? 16.045  -2.557  -5.056  1.00 16.88 ? 88  GLY A N   1 
ATOM   702  C CA  . GLY A 1 109 ? 16.722  -1.247  -4.987  1.00 18.04 ? 88  GLY A CA  1 
ATOM   703  C C   . GLY A 1 109 ? 16.148  -0.628  -3.701  1.00 18.91 ? 88  GLY A C   1 
ATOM   704  O O   . GLY A 1 109 ? 16.064  -1.258  -2.670  1.00 25.23 ? 88  GLY A O   1 
ATOM   705  N N   . GLY A 1 110 ? 15.743  0.591   -3.757  1.00 23.50 ? 89  GLY A N   1 
ATOM   706  C CA  . GLY A 1 110 ? 15.188  1.091   -2.500  1.00 17.94 ? 89  GLY A CA  1 
ATOM   707  C C   . GLY A 1 110 ? 13.684  1.165   -2.488  1.00 17.85 ? 89  GLY A C   1 
ATOM   708  O O   . GLY A 1 110 ? 13.111  1.939   -1.670  1.00 18.49 ? 89  GLY A O   1 
ATOM   709  N N   . VAL A 1 111 ? 13.065  0.339   -3.345  1.00 13.69 ? 90  VAL A N   1 
ATOM   710  C CA  . VAL A 1 111 ? 11.585  0.365   -3.550  1.00 12.64 ? 90  VAL A CA  1 
ATOM   711  C C   . VAL A 1 111 ? 10.937  -0.847  -2.910  1.00 12.24 ? 90  VAL A C   1 
ATOM   712  O O   . VAL A 1 111 ? 11.333  -1.963  -3.177  1.00 10.01 ? 90  VAL A O   1 
ATOM   713  C CB  . VAL A 1 111 ? 11.229  0.391   -5.030  1.00 13.65 ? 90  VAL A CB  1 
ATOM   714  C CG1 . VAL A 1 111 ? 9.709   0.440   -5.255  1.00 13.63 ? 90  VAL A CG1 1 
ATOM   715  C CG2 . VAL A 1 111 ? 11.937  1.540   -5.778  1.00 15.55 ? 90  VAL A CG2 1 
ATOM   716  N N   . LEU A 1 112 ? 9.952   -0.628  -2.042  1.00 11.03 ? 91  LEU A N   1 
ATOM   717  C CA  . LEU A 1 112 ? 9.210   -1.783  -1.541  1.00 11.91 ? 91  LEU A CA  1 
ATOM   718  C C   . LEU A 1 112 ? 8.168   -2.152  -2.590  1.00 11.38 ? 91  LEU A C   1 
ATOM   719  O O   . LEU A 1 112 ? 7.345   -1.309  -2.969  1.00 12.47 ? 91  LEU A O   1 
ATOM   720  C CB  . LEU A 1 112 ? 8.454   -1.490  -0.215  1.00 14.71 ? 91  LEU A CB  1 
ATOM   721  C CG  . LEU A 1 112 ? 9.152   -1.515  1.115   1.00 18.51 ? 91  LEU A CG  1 
ATOM   722  C CD1 . LEU A 1 112 ? 8.264   -0.823  2.167   1.00 18.02 ? 91  LEU A CD1 1 
ATOM   723  C CD2 . LEU A 1 112 ? 9.539   -2.965  1.426   1.00 14.86 ? 91  LEU A CD2 1 
ATOM   724  N N   . VAL A 1 113 ? 8.192   -3.384  -3.068  1.00 11.23 ? 92  VAL A N   1 
ATOM   725  C CA  . VAL A 1 113 ? 7.265   -3.766  -4.131  1.00 10.90 ? 92  VAL A CA  1 
ATOM   726  C C   . VAL A 1 113 ? 6.311   -4.814  -3.525  1.00 10.85 ? 92  VAL A C   1 
ATOM   727  O O   . VAL A 1 113 ? 6.752   -5.869  -3.078  1.00 11.88 ? 92  VAL A O   1 
ATOM   728  C CB  . VAL A 1 113 ? 8.092   -4.441  -5.238  1.00 12.16 ? 92  VAL A CB  1 
ATOM   729  C CG1 . VAL A 1 113 ? 7.240   -5.005  -6.358  1.00 12.44 ? 92  VAL A CG1 1 
ATOM   730  C CG2 . VAL A 1 113 ? 9.108   -3.420  -5.839  1.00 11.71 ? 92  VAL A CG2 1 
ATOM   731  N N   . HIS A 1 114 ? 4.999   -4.574  -3.574  1.00 9.56  ? 93  HIS A N   1 
ATOM   732  C CA  . HIS A 1 114 ? 3.999   -5.417  -2.943  1.00 9.40  ? 93  HIS A CA  1 
ATOM   733  C C   . HIS A 1 114 ? 3.132   -5.959  -4.092  1.00 10.41 ? 93  HIS A C   1 
ATOM   734  O O   . HIS A 1 114 ? 2.483   -5.153  -4.815  1.00 9.92  ? 93  HIS A O   1 
ATOM   735  C CB  . HIS A 1 114 ? 3.210   -4.499  -2.009  1.00 8.85  ? 93  HIS A CB  1 
ATOM   736  C CG  . HIS A 1 114 ? 2.058   -5.144  -1.267  1.00 10.00 ? 93  HIS A CG  1 
ATOM   737  N ND1 . HIS A 1 114 ? 1.325   -4.420  -0.371  1.00 10.71 ? 93  HIS A ND1 1 
ATOM   738  C CD2 . HIS A 1 114 ? 1.507   -6.420  -1.307  1.00 10.02 ? 93  HIS A CD2 1 
ATOM   739  C CE1 . HIS A 1 114 ? 0.367   -5.215  0.140   1.00 10.65 ? 93  HIS A CE1 1 
ATOM   740  N NE2 . HIS A 1 114 ? 0.465   -6.416  -0.410  1.00 11.76 ? 93  HIS A NE2 1 
ATOM   741  N N   . VAL A 1 115 ? 3.169   -7.292  -4.346  1.00 8.96  ? 94  VAL A N   1 
ATOM   742  C CA  . VAL A 1 115 ? 2.328   -7.857  -5.385  1.00 10.77 ? 94  VAL A CA  1 
ATOM   743  C C   . VAL A 1 115 ? 1.178   -8.634  -4.693  1.00 10.11 ? 94  VAL A C   1 
ATOM   744  O O   . VAL A 1 115 ? 1.450   -9.384  -3.754  1.00 10.67 ? 94  VAL A O   1 
ATOM   745  C CB  . VAL A 1 115 ? 3.156   -8.797  -6.219  1.00 11.66 ? 94  VAL A CB  1 
ATOM   746  C CG1 . VAL A 1 115 ? 2.265   -9.488  -7.262  1.00 13.82 ? 94  VAL A CG1 1 
ATOM   747  C CG2 . VAL A 1 115 ? 4.304   -8.019  -6.896  1.00 12.43 ? 94  VAL A CG2 1 
ATOM   748  N N   . GLN A 1 116 ? -0.076  -8.369  -5.115  1.00 10.16 ? 95  GLN A N   1 
ATOM   749  C CA  . GLN A 1 116 ? -1.290  -9.026  -4.593  1.00 11.06 ? 95  GLN A CA  1 
ATOM   750  C C   . GLN A 1 116 ? -1.886  -9.851  -5.731  1.00 12.37 ? 95  GLN A C   1 
ATOM   751  O O   . GLN A 1 116 ? -2.083  -9.297  -6.842  1.00 12.66 ? 95  GLN A O   1 
ATOM   752  C CB  . GLN A 1 116 ? -2.339  -8.020  -4.166  1.00 10.63 ? 95  GLN A CB  1 
ATOM   753  C CG  . GLN A 1 116 ? -1.912  -7.180  -2.969  1.00 11.09 ? 95  GLN A CG  1 
ATOM   754  C CD  . GLN A 1 116 ? -2.933  -6.133  -2.572  1.00 12.62 ? 95  GLN A CD  1 
ATOM   755  O OE1 . GLN A 1 116 ? -2.984  -5.648  -1.388  1.00 15.08 ? 95  GLN A OE1 1 
ATOM   756  N NE2 . GLN A 1 116 ? -3.725  -5.705  -3.583  1.00 10.87 ? 95  GLN A NE2 1 
ATOM   757  N N   . LYS A 1 117 ? -2.208  -11.127 -5.469  1.00 12.25 ? 96  LYS A N   1 
ATOM   758  C CA  . LYS A 1 117 ? -2.759  -12.053 -6.474  1.00 13.77 ? 96  LYS A CA  1 
ATOM   759  C C   . LYS A 1 117 ? -4.067  -12.571 -5.983  1.00 15.12 ? 96  LYS A C   1 
ATOM   760  O O   . LYS A 1 117 ? -4.215  -12.937 -4.818  1.00 15.73 ? 96  LYS A O   1 
ATOM   761  C CB  . LYS A 1 117 ? -1.816  -13.294 -6.664  1.00 16.76 ? 96  LYS A CB  1 
ATOM   762  C CG  . LYS A 1 117 ? -0.380  -12.998 -6.972  1.00 24.96 ? 96  LYS A CG  1 
ATOM   763  C CD  . LYS A 1 117 ? -0.130  -12.833 -8.473  1.00 33.51 ? 96  LYS A CD  1 
ATOM   764  C CE  . LYS A 1 117 ? 1.322   -12.471 -8.850  1.00 33.72 ? 96  LYS A CE  1 
ATOM   765  N NZ  . LYS A 1 117 ? 1.517   -11.967 -10.261 1.00 36.86 ? 96  LYS A NZ  1 
ATOM   766  N N   . TRP A 1 118 ? -5.064  -12.602 -6.869  1.00 14.05 ? 97  TRP A N   1 
ATOM   767  C CA  . TRP A 1 118 ? -6.360  -13.187 -6.493  1.00 15.42 ? 97  TRP A CA  1 
ATOM   768  C C   . TRP A 1 118 ? -7.089  -13.457 -7.797  1.00 19.36 ? 97  TRP A C   1 
ATOM   769  O O   . TRP A 1 118 ? -6.952  -12.721 -8.797  1.00 18.07 ? 97  TRP A O   1 
ATOM   770  C CB  . TRP A 1 118 ? -7.160  -12.264 -5.575  1.00 14.72 ? 97  TRP A CB  1 
ATOM   771  C CG  . TRP A 1 118 ? -7.790  -11.108 -6.274  1.00 16.01 ? 97  TRP A CG  1 
ATOM   772  C CD1 . TRP A 1 118 ? -9.132  -10.956 -6.589  1.00 17.46 ? 97  TRP A CD1 1 
ATOM   773  C CD2 . TRP A 1 118 ? -7.107  -9.943  -6.855  1.00 15.00 ? 97  TRP A CD2 1 
ATOM   774  N NE1 . TRP A 1 118 ? -9.334  -9.809  -7.299  1.00 16.68 ? 97  TRP A NE1 1 
ATOM   775  C CE2 . TRP A 1 118 ? -8.149  -9.137  -7.471  1.00 15.92 ? 97  TRP A CE2 1 
ATOM   776  C CE3 . TRP A 1 118 ? -5.768  -9.469  -6.861  1.00 15.34 ? 97  TRP A CE3 1 
ATOM   777  C CZ2 . TRP A 1 118 ? -7.861  -7.952  -8.126  1.00 16.74 ? 97  TRP A CZ2 1 
ATOM   778  C CZ3 . TRP A 1 118 ? -5.498  -8.263  -7.534  1.00 13.87 ? 97  TRP A CZ3 1 
ATOM   779  C CH2 . TRP A 1 118 ? -6.524  -7.521  -8.125  1.00 15.34 ? 97  TRP A CH2 1 
ATOM   780  N N   . ASP A 1 119 ? -7.788  -14.591 -7.814  1.00 23.48 ? 98  ASP A N   1 
ATOM   781  C CA  . ASP A 1 119 ? -8.715  -14.899 -8.919  1.00 23.55 ? 98  ASP A CA  1 
ATOM   782  C C   . ASP A 1 119 ? -8.110  -14.707 -10.254 1.00 23.58 ? 98  ASP A C   1 
ATOM   783  O O   . ASP A 1 119 ? -8.741  -14.122 -11.122 1.00 27.76 ? 98  ASP A O   1 
ATOM   784  C CB  . ASP A 1 119 ? -9.963  -14.017 -8.815  1.00 25.12 ? 98  ASP A CB  1 
ATOM   785  C CG  . ASP A 1 119 ? -10.896 -14.412 -7.648  0.50 24.90 ? 98  ASP A CG  1 
ATOM   786  O OD1 . ASP A 1 119 ? -10.663 -15.406 -6.936  0.50 27.41 ? 98  ASP A OD1 1 
ATOM   787  O OD2 . ASP A 1 119 ? -11.861 -13.703 -7.407  0.50 26.78 ? 98  ASP A OD2 1 
ATOM   788  N N   . GLY A 1 120 ? -6.882  -15.196 -10.466 1.00 20.54 ? 99  GLY A N   1 
ATOM   789  C CA  . GLY A 1 120 ? -6.217  -15.031 -11.725 1.00 23.28 ? 99  GLY A CA  1 
ATOM   790  C C   . GLY A 1 120 ? -5.717  -13.650 -12.052 1.00 25.67 ? 99  GLY A C   1 
ATOM   791  O O   . GLY A 1 120 ? -5.152  -13.480 -13.130 1.00 30.17 ? 99  GLY A O   1 
ATOM   792  N N   . LYS A 1 121 ? -5.887  -12.681 -11.130 1.00 23.54 ? 100 LYS A N   1 
ATOM   793  C CA  . LYS A 1 121 ? -5.510  -11.257 -11.390 1.00 20.85 ? 100 LYS A CA  1 
ATOM   794  C C   . LYS A 1 121 ? -4.315  -10.909 -10.497 1.00 20.06 ? 100 LYS A C   1 
ATOM   795  O O   . LYS A 1 121 ? -4.100  -11.596 -9.476  1.00 17.43 ? 100 LYS A O   1 
ATOM   796  C CB  . LYS A 1 121 ? -6.685  -10.387 -11.041 1.00 21.64 ? 100 LYS A CB  1 
ATOM   797  C CG  . LYS A 1 121 ? -7.756  -10.668 -12.072 1.00 27.21 ? 100 LYS A CG  1 
ATOM   798  C CD  . LYS A 1 121 ? -8.839  -9.667  -12.114 1.00 33.43 ? 100 LYS A CD  1 
ATOM   799  C CE  . LYS A 1 121 ? -9.745  -9.850  -10.934 1.00 40.97 ? 100 LYS A CE  1 
ATOM   800  N NZ  . LYS A 1 121 ? -11.083 -9.427  -11.421 1.00 41.16 ? 100 LYS A NZ  1 
ATOM   801  N N   . SER A 1 122 ? -3.592  -9.843  -10.861 1.00 15.96 ? 101 SER A N   1 
ATOM   802  C CA  . SER A 1 122 ? -2.489  -9.371  -9.990  1.00 15.86 ? 101 SER A CA  1 
ATOM   803  C C   . SER A 1 122 ? -2.481  -7.820  -10.026 1.00 14.43 ? 101 SER A C   1 
ATOM   804  O O   . SER A 1 122 ? -2.824  -7.204  -11.045 1.00 14.67 ? 101 SER A O   1 
ATOM   805  C CB  . SER A 1 122 ? -1.232  -9.876  -10.698 1.00 20.81 ? 101 SER A CB  1 
ATOM   806  O OG  . SER A 1 122 ? -0.041  -9.554  -10.127 1.00 30.56 ? 101 SER A OG  1 
ATOM   807  N N   . THR A 1 123 ? -2.088  -7.215  -8.904  1.00 12.35 ? 102 THR A N   1 
ATOM   808  C CA  . THR A 1 123 ? -1.877  -5.756  -8.883  1.00 10.89 ? 102 THR A CA  1 
ATOM   809  C C   . THR A 1 123 ? -0.567  -5.543  -8.100  1.00 11.01 ? 102 THR A C   1 
ATOM   810  O O   . THR A 1 123 ? -0.215  -6.385  -7.209  1.00 10.98 ? 102 THR A O   1 
ATOM   811  C CB  . THR A 1 123 ? -3.047  -4.999  -8.254  1.00 10.65 ? 102 THR A CB  1 
ATOM   812  O OG1 . THR A 1 123 ? -2.841  -3.540  -8.394  1.00 10.57 ? 102 THR A OG1 1 
ATOM   813  C CG2 . THR A 1 123 ? -3.243  -5.348  -6.771  1.00 9.32  ? 102 THR A CG2 1 
ATOM   814  N N   . THR A 1 124 ? 0.126   -4.455  -8.423  1.00 11.43 ? 103 THR A N   1 
ATOM   815  C CA  . THR A 1 124 ? 1.425   -4.150  -7.758  1.00 11.93 ? 103 THR A CA  1 
ATOM   816  C C   . THR A 1 124 ? 1.384   -2.753  -7.145  1.00 11.48 ? 103 THR A C   1 
ATOM   817  O O   . THR A 1 124 ? 0.912   -1.838  -7.774  1.00 13.31 ? 103 THR A O   1 
ATOM   818  C CB  . THR A 1 124 ? 2.602   -4.222  -8.775  1.00 12.99 ? 103 THR A CB  1 
ATOM   819  O OG1 . THR A 1 124 ? 2.603   -5.545  -9.303  1.00 15.37 ? 103 THR A OG1 1 
ATOM   820  C CG2 . THR A 1 124 ? 3.995   -3.975  -8.114  1.00 13.48 ? 103 THR A CG2 1 
ATOM   821  N N   . ILE A 1 125 ? 1.797   -2.666  -5.881  1.00 9.23  ? 104 ILE A N   1 
ATOM   822  C CA  . ILE A 1 125 ? 1.845   -1.387  -5.184  1.00 8.94  ? 104 ILE A CA  1 
ATOM   823  C C   . ILE A 1 125 ? 3.296   -1.159  -4.856  1.00 8.87  ? 104 ILE A C   1 
ATOM   824  O O   . ILE A 1 125 ? 3.929   -2.009  -4.165  1.00 9.43  ? 104 ILE A O   1 
ATOM   825  C CB  . ILE A 1 125 ? 1.007   -1.477  -3.883  1.00 9.04  ? 104 ILE A CB  1 
ATOM   826  C CG1 . ILE A 1 125 ? -0.472  -1.815  -4.218  1.00 11.26 ? 104 ILE A CG1 1 
ATOM   827  C CG2 . ILE A 1 125 ? 1.132   -0.171  -3.119  1.00 10.81 ? 104 ILE A CG2 1 
ATOM   828  C CD1 . ILE A 1 125 ? -1.252  -2.256  -2.978  1.00 17.20 ? 104 ILE A CD1 1 
ATOM   829  N N   . LYS A 1 126 ? 3.848   -0.013  -5.276  1.00 9.20  ? 105 LYS A N   1 
ATOM   830  C CA  . LYS A 1 126 ? 5.299   0.197   -4.992  1.00 9.29  ? 105 LYS A CA  1 
ATOM   831  C C   . LYS A 1 126 ? 5.382   1.406   -4.108  1.00 8.92  ? 105 LYS A C   1 
ATOM   832  O O   . LYS A 1 126 ? 4.597   2.325   -4.240  1.00 10.12 ? 105 LYS A O   1 
ATOM   833  C CB  . LYS A 1 126 ? 5.949   0.544   -6.345  1.00 10.41 ? 105 LYS A CB  1 
ATOM   834  C CG  . LYS A 1 126 ? 6.012   -0.643  -7.273  1.00 14.82 ? 105 LYS A CG  1 
ATOM   835  C CD  . LYS A 1 126 ? 6.831   -0.308  -8.543  1.00 20.34 ? 105 LYS A CD  1 
ATOM   836  C CE  . LYS A 1 126 ? 6.957   -1.581  -9.394  1.00 23.95 ? 105 LYS A CE  1 
ATOM   837  N NZ  . LYS A 1 126 ? 7.920   -1.467  -10.553 1.00 28.14 ? 105 LYS A NZ  1 
ATOM   838  N N   . ARG A 1 127 ? 6.284   1.376   -3.142  1.00 8.94  ? 106 ARG A N   1 
ATOM   839  C CA  . ARG A 1 127 ? 6.383   2.478   -2.187  1.00 10.36 ? 106 ARG A CA  1 
ATOM   840  C C   . ARG A 1 127 ? 7.854   2.914   -2.212  1.00 11.58 ? 106 ARG A C   1 
ATOM   841  O O   . ARG A 1 127 ? 8.769   2.102   -2.116  1.00 11.64 ? 106 ARG A O   1 
ATOM   842  C CB  . ARG A 1 127 ? 5.996   2.012   -0.767  1.00 10.83 ? 106 ARG A CB  1 
ATOM   843  C CG  . ARG A 1 127 ? 4.527   1.691   -0.664  1.00 12.54 ? 106 ARG A CG  1 
ATOM   844  C CD  . ARG A 1 127 ? 4.246   1.098   0.708   1.00 14.41 ? 106 ARG A CD  1 
ATOM   845  N NE  . ARG A 1 127 ? 2.768   0.858   0.892   1.00 18.85 ? 106 ARG A NE  1 
ATOM   846  C CZ  . ARG A 1 127 ? 2.125   -0.265  0.660   1.00 15.54 ? 106 ARG A CZ  1 
ATOM   847  N NH1 . ARG A 1 127 ? 2.678   -1.329  0.208   1.00 15.55 ? 106 ARG A NH1 1 
ATOM   848  N NH2 . ARG A 1 127 ? 0.775   -0.336  0.895   1.00 20.34 ? 106 ARG A NH2 1 
ATOM   849  N N   . LYS A 1 128 ? 8.084   4.215   -2.338  1.00 12.12 ? 107 LYS A N   1 
ATOM   850  C CA  . LYS A 1 128 ? 9.481   4.632   -2.439  1.00 13.19 ? 107 LYS A CA  1 
ATOM   851  C C   . LYS A 1 128 ? 9.555   5.997   -1.795  1.00 15.81 ? 107 LYS A C   1 
ATOM   852  O O   . LYS A 1 128 ? 8.558   6.751   -1.792  1.00 16.47 ? 107 LYS A O   1 
ATOM   853  C CB  . LYS A 1 128 ? 9.919   4.742   -3.875  1.00 15.08 ? 107 LYS A CB  1 
ATOM   854  C CG  . LYS A 1 128 ? 9.139   5.720   -4.737  0.50 14.81 ? 107 LYS A CG  1 
ATOM   855  C CD  . LYS A 1 128 ? 9.547   5.590   -6.207  0.50 18.50 ? 107 LYS A CD  1 
ATOM   856  C CE  . LYS A 1 128 ? 10.889  6.240   -6.507  0.50 17.41 ? 107 LYS A CE  1 
ATOM   857  N NZ  . LYS A 1 128 ? 12.061  5.484   -5.998  0.50 19.40 ? 107 LYS A NZ  1 
ATOM   858  N N   . ARG A 1 129 ? 10.733  6.323   -1.260  1.00 14.19 ? 108 ARG A N   1 
ATOM   859  C CA  . ARG A 1 129 ? 10.965  7.721   -0.769  1.00 14.00 ? 108 ARG A CA  1 
ATOM   860  C C   . ARG A 1 129 ? 11.432  8.615   -1.863  1.00 15.29 ? 108 ARG A C   1 
ATOM   861  O O   . ARG A 1 129 ? 12.304  8.275   -2.654  1.00 16.53 ? 108 ARG A O   1 
ATOM   862  C CB  . ARG A 1 129 ? 12.059  7.719   0.327   1.00 13.56 ? 108 ARG A CB  1 
ATOM   863  C CG  . ARG A 1 129 ? 11.551  7.068   1.600   1.00 15.51 ? 108 ARG A CG  1 
ATOM   864  C CD  . ARG A 1 129 ? 10.568  8.043   2.294   1.00 15.67 ? 108 ARG A CD  1 
ATOM   865  N NE  . ARG A 1 129 ? 11.018  9.419   2.392   1.00 17.09 ? 108 ARG A NE  1 
ATOM   866  C CZ  . ARG A 1 129 ? 11.816  9.889   3.345   1.00 18.27 ? 108 ARG A CZ  1 
ATOM   867  N NH1 . ARG A 1 129 ? 12.249  9.077   4.284   1.00 15.87 ? 108 ARG A NH1 1 
ATOM   868  N NH2 . ARG A 1 129 ? 12.196  11.156  3.365   1.00 23.45 ? 108 ARG A NH2 1 
ATOM   869  N N   . GLU A 1 130 ? 10.827  9.795   -1.927  1.00 14.94 ? 109 GLU A N   1 
ATOM   870  C CA  . GLU A 1 130 ? 11.215  10.848  -2.843  1.00 15.05 ? 109 GLU A CA  1 
ATOM   871  C C   . GLU A 1 130 ? 11.190  12.213  -2.118  1.00 13.59 ? 109 GLU A C   1 
ATOM   872  O O   . GLU A 1 130 ? 10.131  12.669  -1.610  1.00 12.75 ? 109 GLU A O   1 
ATOM   873  C CB  . GLU A 1 130 ? 10.280  10.923  -4.068  1.00 19.77 ? 109 GLU A CB  1 
ATOM   874  C CG  . GLU A 1 130 ? 10.764  11.975  -5.082  0.75 24.47 ? 109 GLU A CG  1 
ATOM   875  C CD  . GLU A 1 130 ? 12.013  11.575  -5.875  0.75 31.12 ? 109 GLU A CD  1 
ATOM   876  O OE1 . GLU A 1 130 ? 12.218  10.359  -6.122  0.75 34.55 ? 109 GLU A OE1 1 
ATOM   877  O OE2 . GLU A 1 130 ? 12.816  12.479  -6.244  0.75 36.86 ? 109 GLU A OE2 1 
ATOM   878  N N   . ASP A 1 131 ? 12.359  12.873  -1.994  1.00 14.49 ? 110 ASP A N   1 
ATOM   879  C CA  . ASP A 1 131 ? 12.459  14.016  -1.090  1.00 14.65 ? 110 ASP A CA  1 
ATOM   880  C C   . ASP A 1 131 ? 11.878  13.661  0.296   1.00 13.19 ? 110 ASP A C   1 
ATOM   881  O O   . ASP A 1 131 ? 12.237  12.605  0.868   1.00 12.42 ? 110 ASP A O   1 
ATOM   882  C CB  . ASP A 1 131 ? 11.841  15.281  -1.756  1.00 17.42 ? 110 ASP A CB  1 
ATOM   883  C CG  . ASP A 1 131 ? 12.523  15.640  -3.080  1.00 25.09 ? 110 ASP A CG  1 
ATOM   884  O OD1 . ASP A 1 131 ? 13.763  15.460  -3.194  1.00 23.35 ? 110 ASP A OD1 1 
ATOM   885  O OD2 . ASP A 1 131 ? 11.852  16.069  -4.030  1.00 25.26 ? 110 ASP A OD2 1 
ATOM   886  N N   . ASP A 1 132 ? 11.017  14.482  0.874   1.00 14.49 ? 111 ASP A N   1 
ATOM   887  C CA  . ASP A 1 132 ? 10.461  14.180  2.172   1.00 14.26 ? 111 ASP A CA  1 
ATOM   888  C C   . ASP A 1 132 ? 9.138   13.410  2.108   1.00 15.02 ? 111 ASP A C   1 
ATOM   889  O O   . ASP A 1 132 ? 8.388   13.333  3.087   1.00 16.34 ? 111 ASP A O   1 
ATOM   890  C CB  . ASP A 1 132 ? 10.259  15.455  2.999   1.00 15.15 ? 111 ASP A CB  1 
ATOM   891  C CG  . ASP A 1 132 ? 11.618  16.036  3.479   1.00 18.02 ? 111 ASP A CG  1 
ATOM   892  O OD1 . ASP A 1 132 ? 12.431  15.230  3.980   1.00 16.26 ? 111 ASP A OD1 1 
ATOM   893  O OD2 . ASP A 1 132 ? 11.865  17.231  3.296   1.00 19.95 ? 111 ASP A OD2 1 
ATOM   894  N N   . LYS A 1 133 ? 8.852   12.915  0.926   1.00 13.14 ? 112 LYS A N   1 
ATOM   895  C CA  . LYS A 1 133 ? 7.556   12.260  0.682   1.00 12.71 ? 112 LYS A CA  1 
ATOM   896  C C   . LYS A 1 133 ? 7.754   10.773  0.589   1.00 12.84 ? 112 LYS A C   1 
ATOM   897  O O   . LYS A 1 133 ? 8.835   10.290  0.274   1.00 12.48 ? 112 LYS A O   1 
ATOM   898  C CB  . LYS A 1 133 ? 6.924   12.755  -0.671  1.00 13.44 ? 112 LYS A CB  1 
ATOM   899  C CG  . LYS A 1 133 ? 6.596   14.263  -0.652  0.50 13.08 ? 112 LYS A CG  1 
ATOM   900  C CD  . LYS A 1 133 ? 6.813   14.842  -2.025  0.50 16.13 ? 112 LYS A CD  1 
ATOM   901  C CE  . LYS A 1 133 ? 7.267   16.295  -1.965  0.50 17.50 ? 112 LYS A CE  1 
ATOM   902  N NZ  . LYS A 1 133 ? 6.621   17.060  -3.072  0.50 21.60 ? 112 LYS A NZ  1 
ATOM   903  N N   . LEU A 1 134 ? 6.679   10.029  0.881   1.00 11.17 ? 113 LEU A N   1 
ATOM   904  C CA  . LEU A 1 134 ? 6.675   8.585   0.583   1.00 11.98 ? 113 LEU A CA  1 
ATOM   905  C C   . LEU A 1 134 ? 5.615   8.457   -0.533  1.00 12.37 ? 113 LEU A C   1 
ATOM   906  O O   . LEU A 1 134 ? 4.408   8.852   -0.362  1.00 12.63 ? 113 LEU A O   1 
ATOM   907  C CB  . LEU A 1 134 ? 6.338   7.810   1.880   1.00 12.61 ? 113 LEU A CB  1 
ATOM   908  C CG  . LEU A 1 134 ? 6.445   6.282   1.758   1.00 14.52 ? 113 LEU A CG  1 
ATOM   909  C CD1 . LEU A 1 134 ? 6.413   5.674   3.160   1.00 15.53 ? 113 LEU A CD1 1 
ATOM   910  C CD2 . LEU A 1 134 ? 5.266   5.835   0.938   1.00 18.11 ? 113 LEU A CD2 1 
ATOM   911  N N   . VAL A 1 135 ? 6.074   8.041   -1.715  1.00 12.04 ? 114 VAL A N   1 
ATOM   912  C CA  . VAL A 1 135 ? 5.226   7.963   -2.911  1.00 11.72 ? 114 VAL A CA  1 
ATOM   913  C C   . VAL A 1 135 ? 4.778   6.552   -3.130  1.00 11.80 ? 114 VAL A C   1 
ATOM   914  O O   . VAL A 1 135 ? 5.593   5.613   -3.084  1.00 12.79 ? 114 VAL A O   1 
ATOM   915  C CB  . VAL A 1 135 ? 5.979   8.457   -4.132  1.00 13.70 ? 114 VAL A CB  1 
ATOM   916  C CG1 . VAL A 1 135 ? 5.153   8.347   -5.440  1.00 17.05 ? 114 VAL A CG1 1 
ATOM   917  C CG2 . VAL A 1 135 ? 6.407   9.921   -3.885  1.00 16.46 ? 114 VAL A CG2 1 
ATOM   918  N N   . VAL A 1 136 ? 3.483   6.386   -3.314  1.00 10.61 ? 115 VAL A N   1 
ATOM   919  C CA  . VAL A 1 136 ? 2.950   5.010   -3.424  1.00 10.03 ? 115 VAL A CA  1 
ATOM   920  C C   . VAL A 1 136 ? 2.344   4.917   -4.825  1.00 10.42 ? 115 VAL A C   1 
ATOM   921  O O   . VAL A 1 136 ? 1.509   5.749   -5.184  1.00 11.76 ? 115 VAL A O   1 
ATOM   922  C CB  . VAL A 1 136 ? 1.820   4.800   -2.369  1.00 10.46 ? 115 VAL A CB  1 
ATOM   923  C CG1 . VAL A 1 136 ? 1.287   3.386   -2.553  1.00 10.12 ? 115 VAL A CG1 1 
ATOM   924  C CG2 . VAL A 1 136 ? 2.344   4.979   -0.919  1.00 11.95 ? 115 VAL A CG2 1 
ATOM   925  N N   . GLU A 1 137 ? 2.776   3.961   -5.665  1.00 10.51 ? 116 GLU A N   1 
ATOM   926  C CA  . GLU A 1 137 ? 2.279   3.834   -7.074  1.00 10.98 ? 116 GLU A CA  1 
ATOM   927  C C   . GLU A 1 137 ? 1.529   2.490   -7.120  1.00 11.51 ? 116 GLU A C   1 
ATOM   928  O O   . GLU A 1 137 ? 2.063   1.488   -6.715  1.00 11.18 ? 116 GLU A O   1 
ATOM   929  C CB  . GLU A 1 137 ? 3.442   3.773   -8.075  1.00 13.66 ? 116 GLU A CB  1 
ATOM   930  C CG  . GLU A 1 137 ? 4.079   5.157   -8.289  0.50 16.77 ? 116 GLU A CG  1 
ATOM   931  C CD  . GLU A 1 137 ? 5.143   5.174   -9.359  0.50 21.11 ? 116 GLU A CD  1 
ATOM   932  O OE1 . GLU A 1 137 ? 5.208   4.227   -10.179 0.50 27.69 ? 116 GLU A OE1 1 
ATOM   933  O OE2 . GLU A 1 137 ? 5.889   6.167   -9.371  0.50 23.89 ? 116 GLU A OE2 1 
ATOM   934  N N   . CYS A 1 138 ? 0.258   2.542   -7.479  1.00 11.09 ? 117 CYS A N   1 
ATOM   935  C CA  . CYS A 1 138 ? -0.613  1.371   -7.453  1.00 11.24 ? 117 CYS A CA  1 
ATOM   936  C C   . CYS A 1 138 ? -0.924  1.075   -8.931  1.00 11.37 ? 117 CYS A C   1 
ATOM   937  O O   . CYS A 1 138 ? -1.428  1.999   -9.655  1.00 12.68 ? 117 CYS A O   1 
ATOM   938  C CB  . CYS A 1 138 ? -1.928  1.723   -6.834  1.00 10.93 ? 117 CYS A CB  1 
ATOM   939  S SG  . CYS A 1 138 ? -1.803  2.239   -5.107  1.00 15.31 ? 117 CYS A SG  1 
ATOM   940  N N   . VAL A 1 139 ? -0.571  -0.132  -9.415  1.00 11.21 ? 118 VAL A N   1 
ATOM   941  C CA  . VAL A 1 139 ? -0.685  -0.397  -10.846 1.00 12.40 ? 118 VAL A CA  1 
ATOM   942  C C   . VAL A 1 139 ? -1.585  -1.594  -11.052 1.00 12.49 ? 118 VAL A C   1 
ATOM   943  O O   . VAL A 1 139 ? -1.368  -2.632  -10.444 1.00 12.32 ? 118 VAL A O   1 
ATOM   944  C CB  . VAL A 1 139 ? 0.729   -0.713  -11.412 1.00 14.66 ? 118 VAL A CB  1 
ATOM   945  C CG1 . VAL A 1 139 ? 0.610   -1.102  -12.878 1.00 18.11 ? 118 VAL A CG1 1 
ATOM   946  C CG2 . VAL A 1 139 ? 1.632   0.515   -11.312 1.00 17.48 ? 118 VAL A CG2 1 
ATOM   947  N N   . MET A 1 140 ? -2.603  -1.454  -11.911 1.00 12.83 ? 119 MET A N   1 
ATOM   948  C CA  . MET A 1 140 ? -3.429  -2.676  -12.257 1.00 12.88 ? 119 MET A CA  1 
ATOM   949  C C   . MET A 1 140 ? -3.534  -2.621  -13.789 1.00 15.59 ? 119 MET A C   1 
ATOM   950  O O   . MET A 1 140 ? -4.102  -1.646  -14.295 1.00 13.63 ? 119 MET A O   1 
ATOM   951  C CB  . MET A 1 140 ? -4.831  -2.580  -11.604 1.00 15.32 ? 119 MET A CB  1 
ATOM   952  C CG  . MET A 1 140 ? -5.920  -3.625  -12.005 1.00 21.33 ? 119 MET A CG  1 
ATOM   953  S SD  . MET A 1 140 ? -5.301  -5.163  -11.382 1.00 21.50 ? 119 MET A SD  1 
ATOM   954  C CE  . MET A 1 140 ? -6.497  -6.396  -11.906 1.00 22.97 ? 119 MET A CE  1 
ATOM   955  N N   . LYS A 1 141 ? -2.913  -3.591  -14.455 0.50 12.81 ? 120 LYS A N   1 
ATOM   956  C CA  . LYS A 1 141 ? -2.739  -3.571  -15.907 0.50 13.80 ? 120 LYS A CA  1 
ATOM   957  C C   . LYS A 1 141 ? -2.175  -2.233  -16.379 0.50 11.43 ? 120 LYS A C   1 
ATOM   958  O O   . LYS A 1 141 ? -1.065  -1.823  -16.011 0.50 13.87 ? 120 LYS A O   1 
ATOM   959  C CB  . LYS A 1 141 ? -4.076  -3.869  -16.579 0.50 14.95 ? 120 LYS A CB  1 
ATOM   960  C CG  . LYS A 1 141 ? -4.510  -5.331  -16.570 0.50 18.19 ? 120 LYS A CG  1 
ATOM   961  C CD  . LYS A 1 141 ? -5.574  -5.558  -15.571 0.50 19.27 ? 120 LYS A CD  1 
ATOM   962  C CE  . LYS A 1 141 ? -6.951  -5.649  -16.195 0.50 20.87 ? 120 LYS A CE  1 
ATOM   963  N NZ  . LYS A 1 141 ? -8.007  -5.407  -15.163 0.50 22.94 ? 120 LYS A NZ  1 
ATOM   964  N N   . GLY A 1 142 ? -2.920  -1.514  -17.194 0.50 10.65 ? 121 GLY A N   1 
ATOM   965  C CA  . GLY A 1 142 ? -2.360  -0.283  -17.704 0.50 9.20  ? 121 GLY A CA  1 
ATOM   966  C C   . GLY A 1 142 ? -2.674  0.976   -16.937 0.50 8.84  ? 121 GLY A C   1 
ATOM   967  O O   . GLY A 1 142 ? -2.244  2.033   -17.298 0.50 7.22  ? 121 GLY A O   1 
ATOM   968  N N   . VAL A 1 143 ? -3.378  0.819   -15.811 1.00 10.97 ? 122 VAL A N   1 
ATOM   969  C CA  . VAL A 1 143 ? -3.783  1.976   -15.008 1.00 13.07 ? 122 VAL A CA  1 
ATOM   970  C C   . VAL A 1 143 ? -2.899  2.170   -13.798 1.00 15.80 ? 122 VAL A C   1 
ATOM   971  O O   . VAL A 1 143 ? -2.729  1.194   -13.013 1.00 17.14 ? 122 VAL A O   1 
ATOM   972  C CB  . VAL A 1 143 ? -5.287  1.830   -14.539 1.00 14.96 ? 122 VAL A CB  1 
ATOM   973  C CG1 . VAL A 1 143 ? -5.640  2.961   -13.621 1.00 13.69 ? 122 VAL A CG1 1 
ATOM   974  C CG2 . VAL A 1 143 ? -6.197  1.757   -15.812 1.00 16.44 ? 122 VAL A CG2 1 
ATOM   975  N N   . THR A 1 144 ? -2.373  3.402   -13.617 1.00 14.01 ? 123 THR A N   1 
ATOM   976  C CA  . THR A 1 144 ? -1.486  3.723   -12.463 1.00 15.52 ? 123 THR A CA  1 
ATOM   977  C C   . THR A 1 144 ? -2.127  4.830   -11.622 1.00 15.04 ? 123 THR A C   1 
ATOM   978  O O   . THR A 1 144 ? -2.659  5.799   -12.173 1.00 19.26 ? 123 THR A O   1 
ATOM   979  C CB  . THR A 1 144 ? -0.114  4.179   -12.891 1.00 17.69 ? 123 THR A CB  1 
ATOM   980  O OG1 . THR A 1 144 ? 0.487   3.111   -13.593 1.00 20.21 ? 123 THR A OG1 1 
ATOM   981  C CG2 . THR A 1 144 ? 0.775   4.461   -11.660 1.00 18.24 ? 123 THR A CG2 1 
ATOM   982  N N   . SER A 1 145 ? -2.182  4.621   -10.302 1.00 13.04 ? 124 SER A N   1 
ATOM   983  C CA  . SER A 1 145 ? -2.601  5.685   -9.422  1.00 11.90 ? 124 SER A CA  1 
ATOM   984  C C   . SER A 1 145 ? -1.416  6.040   -8.550  1.00 13.63 ? 124 SER A C   1 
ATOM   985  O O   . SER A 1 145 ? -0.700  5.145   -8.092  1.00 13.38 ? 124 SER A O   1 
ATOM   986  C CB  . SER A 1 145 ? -3.761  5.200   -8.532  1.00 11.45 ? 124 SER A CB  1 
ATOM   987  O OG  . SER A 1 145 ? -4.054  6.167   -7.535  1.00 13.06 ? 124 SER A OG  1 
ATOM   988  N N   . THR A 1 146 ? -1.215  7.343   -8.313  1.00 12.62 ? 125 THR A N   1 
ATOM   989  C CA  . THR A 1 146 ? -0.084  7.800   -7.483  1.00 12.60 ? 125 THR A CA  1 
ATOM   990  C C   . THR A 1 146 ? -0.639  8.451   -6.237  1.00 11.89 ? 125 THR A C   1 
ATOM   991  O O   . THR A 1 146 ? -1.510  9.366   -6.320  1.00 13.22 ? 125 THR A O   1 
ATOM   992  C CB  . THR A 1 146 ? 0.756   8.880   -8.263  1.00 12.90 ? 125 THR A CB  1 
ATOM   993  O OG1 . THR A 1 146 ? 1.273   8.247   -9.431  1.00 15.42 ? 125 THR A OG1 1 
ATOM   994  C CG2 . THR A 1 146 ? 1.954   9.338   -7.461  1.00 15.26 ? 125 THR A CG2 1 
ATOM   995  N N   . ARG A 1 147 ? -0.214  7.947   -5.081  1.00 10.83 ? 126 ARG A N   1 
ATOM   996  C CA  . ARG A 1 147 ? -0.697  8.450   -3.795  1.00 11.54 ? 126 ARG A CA  1 
ATOM   997  C C   . ARG A 1 147 ? 0.481   8.971   -2.987  1.00 12.24 ? 126 ARG A C   1 
ATOM   998  O O   . ARG A 1 147 ? 1.434   8.201   -2.764  1.00 14.23 ? 126 ARG A O   1 
ATOM   999  C CB  . ARG A 1 147 ? -1.402  7.352   -3.087  1.00 14.75 ? 126 ARG A CB  1 
ATOM   1000 C CG  . ARG A 1 147 ? -2.795  7.395   -3.723  1.00 20.01 ? 126 ARG A CG  1 
ATOM   1001 C CD  . ARG A 1 147 ? -3.726  6.350   -3.418  1.00 21.58 ? 126 ARG A CD  1 
ATOM   1002 N NE  . ARG A 1 147 ? -4.275  6.267   -2.071  1.00 17.14 ? 126 ARG A NE  1 
ATOM   1003 C CZ  . ARG A 1 147 ? -5.409  6.757   -1.619  1.00 17.41 ? 126 ARG A CZ  1 
ATOM   1004 N NH1 . ARG A 1 147 ? -6.122  7.667   -2.291  1.00 19.50 ? 126 ARG A NH1 1 
ATOM   1005 N NH2 . ARG A 1 147 ? -5.785  6.322   -0.409  1.00 16.21 ? 126 ARG A NH2 1 
ATOM   1006 N N   . VAL A 1 148 ? 0.449   10.242  -2.631  1.00 10.10 ? 127 VAL A N   1 
ATOM   1007 C CA  . VAL A 1 148 ? 1.628   10.869  -2.028  1.00 11.19 ? 127 VAL A CA  1 
ATOM   1008 C C   . VAL A 1 148 ? 1.398   11.080  -0.579  1.00 10.11 ? 127 VAL A C   1 
ATOM   1009 O O   . VAL A 1 148 ? 0.361   11.626  -0.233  1.00 11.70 ? 127 VAL A O   1 
ATOM   1010 C CB  . VAL A 1 148 ? 2.003   12.194  -2.704  1.00 11.90 ? 127 VAL A CB  1 
ATOM   1011 C CG1 . VAL A 1 148 ? 3.275   12.775  -2.083  1.00 14.31 ? 127 VAL A CG1 1 
ATOM   1012 C CG2 . VAL A 1 148 ? 2.353   11.819  -4.143  1.00 13.86 ? 127 VAL A CG2 1 
ATOM   1013 N N   . TYR A 1 149 ? 2.316   10.566  0.282   1.00 9.68  ? 128 TYR A N   1 
ATOM   1014 C CA  . TYR A 1 149 ? 2.218   10.843  1.743   1.00 9.62  ? 128 TYR A CA  1 
ATOM   1015 C C   . TYR A 1 149 ? 3.357   11.702  2.259   1.00 11.73 ? 128 TYR A C   1 
ATOM   1016 O O   . TYR A 1 149 ? 4.448   11.646  1.704   1.00 11.57 ? 128 TYR A O   1 
ATOM   1017 C CB  . TYR A 1 149 ? 2.355   9.537   2.506   1.00 10.21 ? 128 TYR A CB  1 
ATOM   1018 C CG  . TYR A 1 149 ? 1.203   8.574   2.265   1.00 11.07 ? 128 TYR A CG  1 
ATOM   1019 C CD1 . TYR A 1 149 ? 1.075   7.823   1.050   1.00 10.78 ? 128 TYR A CD1 1 
ATOM   1020 C CD2 . TYR A 1 149 ? 0.268   8.379   3.323   1.00 11.25 ? 128 TYR A CD2 1 
ATOM   1021 C CE1 . TYR A 1 149 ? -0.040  6.976   0.886   1.00 12.30 ? 128 TYR A CE1 1 
ATOM   1022 C CE2 . TYR A 1 149 ? -0.809  7.530   3.161   1.00 11.87 ? 128 TYR A CE2 1 
ATOM   1023 C CZ  . TYR A 1 149 ? -0.964  6.843   1.976   1.00 11.67 ? 128 TYR A CZ  1 
ATOM   1024 O OH  . TYR A 1 149 ? -2.089  5.988   1.894   1.00 14.01 ? 128 TYR A OH  1 
ATOM   1025 N N   . GLU A 1 150 ? 3.101   12.471  3.315   1.00 11.88 ? 129 GLU A N   1 
ATOM   1026 C CA  . GLU A 1 150 ? 4.234   13.163  4.002   1.00 13.45 ? 129 GLU A CA  1 
ATOM   1027 C C   . GLU A 1 150 ? 4.204   12.832  5.430   1.00 12.81 ? 129 GLU A C   1 
ATOM   1028 O O   . GLU A 1 150 ? 3.262   12.274  5.934   1.00 13.04 ? 129 GLU A O   1 
ATOM   1029 C CB  . GLU A 1 150 ? 4.064   14.706  3.812   1.00 16.29 ? 129 GLU A CB  1 
ATOM   1030 C CG  . GLU A 1 150 ? 4.459   15.039  2.389   0.50 19.42 ? 129 GLU A CG  1 
ATOM   1031 C CD  . GLU A 1 150 ? 4.161   16.448  1.948   0.50 22.09 ? 129 GLU A CD  1 
ATOM   1032 O OE1 . GLU A 1 150 ? 3.424   17.179  2.658   0.50 22.83 ? 129 GLU A OE1 1 
ATOM   1033 O OE2 . GLU A 1 150 ? 4.714   16.797  0.855   0.50 23.08 ? 129 GLU A OE2 1 
ATOM   1034 N N   . ARG A 1 151 ? 5.302   13.113  6.163   1.00 14.14 ? 130 ARG A N   1 
ATOM   1035 C CA  . ARG A 1 151 ? 5.315   12.781  7.621   1.00 13.90 ? 130 ARG A CA  1 
ATOM   1036 C C   . ARG A 1 151 ? 4.268   13.489  8.387   1.00 17.12 ? 130 ARG A C   1 
ATOM   1037 O O   . ARG A 1 151 ? 3.977   14.694  8.138   1.00 18.37 ? 130 ARG A O   1 
ATOM   1038 C CB  . ARG A 1 151 ? 6.691   13.104  8.225   1.00 15.86 ? 130 ARG A CB  1 
ATOM   1039 C CG  . ARG A 1 151 ? 7.770   12.216  7.622   1.00 19.42 ? 130 ARG A CG  1 
ATOM   1040 C CD  . ARG A 1 151 ? 8.912   11.988  8.587   1.00 20.64 ? 130 ARG A CD  1 
ATOM   1041 N NE  . ARG A 1 151 ? 9.998   11.206  7.946   1.00 19.22 ? 130 ARG A NE  1 
ATOM   1042 C CZ  . ARG A 1 151 ? 10.151  9.890   8.116   1.00 17.93 ? 130 ARG A CZ  1 
ATOM   1043 N NH1 . ARG A 1 151 ? 9.316   9.210   8.900   1.00 17.81 ? 130 ARG A NH1 1 
ATOM   1044 N NH2 . ARG A 1 151 ? 11.182  9.270   7.572   1.00 16.29 ? 130 ARG A NH2 1 
ATOM   1045 N N   . ALA A 1 152 ? 3.653   12.739  9.302   1.00 17.16 ? 131 ALA A N   1 
ATOM   1046 C CA  . ALA A 1 152 ? 2.497   13.226  10.018  1.00 23.25 ? 131 ALA A CA  1 
ATOM   1047 C C   . ALA A 1 152 ? 2.987   14.198  11.088  1.00 30.53 ? 131 ALA A C   1 
ATOM   1048 O O   . ALA A 1 152 ? 4.155   14.132  11.495  1.00 34.49 ? 131 ALA A O   1 
ATOM   1049 C CB  . ALA A 1 152 ? 1.735   12.060  10.637  1.00 24.94 ? 131 ALA A CB  1 
ATOM   1050 O OXT . ALA A 1 152 ? 2.261   15.084  11.548  1.00 38.21 ? 131 ALA A OXT 1 
HETATM 1051 O O1  . L19 B 2 .   ? -1.489  4.081   0.008   1.00 26.21 ? 201 L19 A O1  1 
HETATM 1052 C C22 . L19 B 2 .   ? -2.355  3.600   -0.658  1.00 26.01 ? 201 L19 A C22 1 
HETATM 1053 O O2  . L19 B 2 .   ? -3.426  4.364   -0.695  1.00 27.83 ? 201 L19 A O2  1 
HETATM 1054 C C21 . L19 B 2 .   ? -2.232  2.242   -1.376  1.00 24.27 ? 201 L19 A C21 1 
HETATM 1055 C C20 . L19 B 2 .   ? -2.443  1.011   -0.482  1.00 27.76 ? 201 L19 A C20 1 
HETATM 1056 N N1  . L19 B 2 .   ? -3.826  1.123   0.005   1.00 27.63 ? 201 L19 A N1  1 
HETATM 1057 C C13 . L19 B 2 .   ? -4.192  1.620   1.262   1.00 28.90 ? 201 L19 A C13 1 
HETATM 1058 C C14 . L19 B 2 .   ? -3.255  1.993   2.382   1.00 28.94 ? 201 L19 A C14 1 
HETATM 1059 C C15 . L19 B 2 .   ? -2.336  0.996   2.740   1.00 26.47 ? 201 L19 A C15 1 
HETATM 1060 C C16 . L19 B 2 .   ? -1.393  1.239   3.746   1.00 25.21 ? 201 L19 A C16 1 
HETATM 1061 C C17 . L19 B 2 .   ? -1.440  2.504   4.411   1.00 26.33 ? 201 L19 A C17 1 
HETATM 1062 C C18 . L19 B 2 .   ? -2.367  3.552   4.057   1.00 22.53 ? 201 L19 A C18 1 
HETATM 1063 C C19 . L19 B 2 .   ? -3.257  3.282   3.031   1.00 24.25 ? 201 L19 A C19 1 
HETATM 1064 C C6  . L19 B 2 .   ? -5.659  1.673   1.375   1.00 29.13 ? 201 L19 A C6  1 
HETATM 1065 C C7  . L19 B 2 .   ? -6.127  1.218   0.027   1.00 31.69 ? 201 L19 A C7  1 
HETATM 1066 C C8  . L19 B 2 .   ? -7.427  1.052   -0.483  1.00 33.54 ? 201 L19 A C8  1 
HETATM 1067 C C9  . L19 B 2 .   ? -7.506  0.541   -1.785  1.00 32.65 ? 201 L19 A C9  1 
HETATM 1068 C C23 . L19 B 2 .   ? -8.824  0.407   -2.438  1.00 36.10 ? 201 L19 A C23 1 
HETATM 1069 C C24 . L19 B 2 .   ? -8.943  -1.051  -2.796  1.00 35.08 ? 201 L19 A C24 1 
HETATM 1070 C C25 . L19 B 2 .   ? -9.870  -0.432  -1.717  1.00 36.20 ? 201 L19 A C25 1 
HETATM 1071 C C10 . L19 B 2 .   ? -6.354  0.236   -2.568  1.00 28.61 ? 201 L19 A C10 1 
HETATM 1072 C C11 . L19 B 2 .   ? -5.047  0.398   -2.101  1.00 26.65 ? 201 L19 A C11 1 
HETATM 1073 C C12 . L19 B 2 .   ? -4.898  0.892   -0.790  1.00 29.32 ? 201 L19 A C12 1 
HETATM 1074 C C5  . L19 B 2 .   ? -6.479  2.146   2.530   1.00 28.40 ? 201 L19 A C5  1 
HETATM 1075 C C4  . L19 B 2 .   ? -6.379  1.657   3.847   1.00 27.22 ? 201 L19 A C4  1 
HETATM 1076 C C3  . L19 B 2 .   ? -7.198  2.223   4.869   1.00 25.62 ? 201 L19 A C3  1 
HETATM 1077 N N   . L19 B 2 .   ? -8.083  3.187   4.518   1.00 27.77 ? 201 L19 A N   1 
HETATM 1078 C C2  . L19 B 2 .   ? -8.268  3.700   3.276   1.00 23.26 ? 201 L19 A C2  1 
HETATM 1079 C C1  . L19 B 2 .   ? -7.463  3.215   2.221   1.00 29.64 ? 201 L19 A C1  1 
HETATM 1080 O O   . L19 B 2 .   ? -7.572  3.672   0.914   1.00 28.27 ? 201 L19 A O   1 
HETATM 1081 C C   . L19 B 2 .   ? -8.794  4.360   0.670   1.00 27.59 ? 201 L19 A C   1 
HETATM 1082 O O   . HOH C 3 .   ? -1.553  -18.087 5.470   1.00 31.28 ? 301 HOH A O   1 
HETATM 1083 O O   . HOH C 3 .   ? 16.060  1.599   -5.652  1.00 50.15 ? 302 HOH A O   1 
HETATM 1084 O O   . HOH C 3 .   ? -5.053  -1.672  -18.202 1.00 33.54 ? 303 HOH A O   1 
HETATM 1085 O O   . HOH C 3 .   ? -2.709  7.214   12.437  1.00 37.09 ? 304 HOH A O   1 
HETATM 1086 O O   . HOH C 3 .   ? -13.296 7.492   -12.424 1.00 39.68 ? 305 HOH A O   1 
HETATM 1087 O O   . HOH C 3 .   ? 9.435   15.788  -4.145  1.00 39.87 ? 306 HOH A O   1 
HETATM 1088 O O   . HOH C 3 .   ? -0.721  12.134  -6.139  1.00 23.74 ? 307 HOH A O   1 
HETATM 1089 O O   . HOH C 3 .   ? -4.279  11.589  7.244   1.00 28.31 ? 308 HOH A O   1 
HETATM 1090 O O   . HOH C 3 .   ? 12.253  6.857   8.817   1.00 20.91 ? 309 HOH A O   1 
HETATM 1091 O O   . HOH C 3 .   ? 7.474   14.588  5.074   1.00 20.22 ? 310 HOH A O   1 
HETATM 1092 O O   . HOH C 3 .   ? -3.198  -19.630 4.111   1.00 31.85 ? 311 HOH A O   1 
HETATM 1093 O O   . HOH C 3 .   ? 17.706  -3.014  -1.802  1.00 31.29 ? 312 HOH A O   1 
HETATM 1094 O O   . HOH C 3 .   ? 15.301  -7.969  -3.925  1.00 29.46 ? 313 HOH A O   1 
HETATM 1095 O O   . HOH C 3 .   ? 0.350   -7.549  12.434  1.00 30.99 ? 314 HOH A O   1 
HETATM 1096 O O   . HOH C 3 .   ? 6.705   -15.304 6.545   1.00 21.88 ? 315 HOH A O   1 
HETATM 1097 O O   . HOH C 3 .   ? -12.276 8.016   -15.211 1.00 35.63 ? 316 HOH A O   1 
HETATM 1098 O O   . HOH C 3 .   ? 3.827   7.696   -9.925  1.00 36.98 ? 317 HOH A O   1 
HETATM 1099 O O   . HOH C 3 .   ? 12.176  -8.831  6.210   1.00 13.45 ? 318 HOH A O   1 
HETATM 1100 O O   . HOH C 3 .   ? 4.699   -18.152 2.748   1.00 35.42 ? 319 HOH A O   1 
HETATM 1101 O O   . HOH C 3 .   ? 5.990   12.238  11.720  1.00 37.16 ? 320 HOH A O   1 
HETATM 1102 O O   . HOH C 3 .   ? -14.959 7.991   3.289   1.00 11.84 ? 321 HOH A O   1 
HETATM 1103 O O   . HOH C 3 .   ? 14.084  8.830   -5.004  1.00 26.64 ? 322 HOH A O   1 
HETATM 1104 O O   . HOH C 3 .   ? 13.002  4.594   -1.534  1.00 22.07 ? 323 HOH A O   1 
HETATM 1105 O O   . HOH C 3 .   ? -13.100 9.581   4.387   1.00 13.29 ? 324 HOH A O   1 
HETATM 1106 O O   . HOH C 3 .   ? -6.164  11.846  -14.082 1.00 37.31 ? 325 HOH A O   1 
HETATM 1107 O O   . HOH C 3 .   ? 0.352   2.549   1.237   1.00 22.80 ? 326 HOH A O   1 
HETATM 1108 O O   . HOH C 3 .   ? -8.381  7.553   -0.368  1.00 17.48 ? 327 HOH A O   1 
HETATM 1109 O O   . HOH C 3 .   ? 5.728   -15.446 -3.223  1.00 32.44 ? 328 HOH A O   1 
HETATM 1110 O O   . HOH C 3 .   ? 7.372   -16.261 -0.945  1.00 16.53 ? 329 HOH A O   1 
HETATM 1111 O O   . HOH C 3 .   ? 6.942   -5.244  12.899  1.00 15.09 ? 330 HOH A O   1 
HETATM 1112 O O   . HOH C 3 .   ? -6.713  14.302  -7.820  1.00 45.32 ? 331 HOH A O   1 
HETATM 1113 O O   . HOH C 3 .   ? 16.235  14.325  -3.030  1.00 20.33 ? 332 HOH A O   1 
HETATM 1114 O O   . HOH C 3 .   ? -13.490 7.097   -5.889  1.00 23.03 ? 333 HOH A O   1 
HETATM 1115 O O   . HOH C 3 .   ? -10.799 13.678  1.555   1.00 26.68 ? 334 HOH A O   1 
HETATM 1116 O O   . HOH C 3 .   ? -4.764  -4.982  3.841   1.00 22.16 ? 335 HOH A O   1 
HETATM 1117 O O   . HOH C 3 .   ? -7.371  11.787  -10.262 1.00 30.11 ? 336 HOH A O   1 
HETATM 1118 O O   . HOH C 3 .   ? 6.329   -10.714 1.931   1.00 9.46  ? 337 HOH A O   1 
HETATM 1119 O O   . HOH C 3 .   ? 4.865   -1.542  -1.458  1.00 11.85 ? 338 HOH A O   1 
HETATM 1120 O O   . HOH C 3 .   ? -8.753  9.442   -3.610  1.00 29.02 ? 339 HOH A O   1 
HETATM 1121 O O   . HOH C 3 .   ? 6.946   -3.242  14.673  1.00 24.74 ? 340 HOH A O   1 
HETATM 1122 O O   . HOH C 3 .   ? -4.801  -3.173  -3.892  1.00 14.83 ? 341 HOH A O   1 
HETATM 1123 O O   . HOH C 3 .   ? -13.372 -5.306  -4.565  1.00 24.58 ? 342 HOH A O   1 
HETATM 1124 O O   . HOH C 3 .   ? 3.417   -12.518 7.067   1.00 12.10 ? 343 HOH A O   1 
HETATM 1125 O O   . HOH C 3 .   ? 15.520  -1.885  8.813   1.00 52.07 ? 344 HOH A O   1 
HETATM 1126 O O   . HOH C 3 .   ? -2.052  -2.206  5.904   1.00 19.49 ? 345 HOH A O   1 
HETATM 1127 O O   . HOH C 3 .   ? 6.426   8.239   13.878  1.00 36.54 ? 346 HOH A O   1 
HETATM 1128 O O   . HOH C 3 .   ? 10.495  0.559   13.579  1.00 23.21 ? 347 HOH A O   1 
HETATM 1129 O O   . HOH C 3 .   ? -14.638 9.363   -3.820  1.00 28.54 ? 348 HOH A O   1 
HETATM 1130 O O   . HOH C 3 .   ? 12.636  -10.978 13.548  1.00 19.81 ? 349 HOH A O   1 
HETATM 1131 O O   . HOH C 3 .   ? 7.353   17.701  1.352   1.00 42.42 ? 350 HOH A O   1 
HETATM 1132 O O   . HOH C 3 .   ? 14.757  17.955  -2.282  1.00 21.15 ? 351 HOH A O   1 
HETATM 1133 O O   . HOH C 3 .   ? 17.057  3.000   12.898  1.00 56.13 ? 352 HOH A O   1 
HETATM 1134 O O   . HOH C 3 .   ? -3.872  13.872  5.512   1.00 37.85 ? 353 HOH A O   1 
HETATM 1135 O O   . HOH C 3 .   ? -8.348  11.152  -0.591  1.00 37.27 ? 354 HOH A O   1 
HETATM 1136 O O   . HOH C 3 .   ? -8.025  -16.157 -5.446  1.00 34.79 ? 355 HOH A O   1 
HETATM 1137 O O   . HOH C 3 .   ? -10.250 -6.819  -12.944 1.00 42.01 ? 356 HOH A O   1 
HETATM 1138 O O   . HOH C 3 .   ? 4.736   -6.962  -10.556 1.00 34.24 ? 357 HOH A O   1 
HETATM 1139 O O   . HOH C 3 .   ? -5.189  14.868  -4.477  1.00 29.63 ? 358 HOH A O   1 
HETATM 1140 O O   . HOH C 3 .   ? -14.265 -10.848 -1.641  1.00 53.32 ? 359 HOH A O   1 
HETATM 1141 O O   . HOH C 3 .   ? 19.025  -5.253  15.925  1.00 50.94 ? 360 HOH A O   1 
HETATM 1142 O O   . HOH C 3 .   ? 6.247   0.577   -11.676 1.00 43.43 ? 361 HOH A O   1 
HETATM 1143 O O   . HOH C 3 .   ? 13.585  -8.259  -0.689  1.00 18.65 ? 362 HOH A O   1 
HETATM 1144 O O   . HOH C 3 .   ? 7.168   9.993   10.656  1.00 16.48 ? 363 HOH A O   1 
HETATM 1145 O O   . HOH C 3 .   ? 2.017   -13.243 -3.808  1.00 21.81 ? 364 HOH A O   1 
HETATM 1146 O O   . HOH C 3 .   ? 7.246   -8.625  -4.384  1.00 19.66 ? 365 HOH A O   1 
HETATM 1147 O O   . HOH C 3 .   ? -5.506  -15.166 1.003   1.00 29.67 ? 366 HOH A O   1 
HETATM 1148 O O   . HOH C 3 .   ? -9.595  5.156   12.122  1.00 32.78 ? 367 HOH A O   1 
HETATM 1149 O O   . HOH C 3 .   ? -9.599  8.256   -11.191 1.00 29.70 ? 368 HOH A O   1 
HETATM 1150 O O   . HOH C 3 .   ? -15.080 -3.104  2.177   1.00 41.04 ? 369 HOH A O   1 
HETATM 1151 O O   . HOH C 3 .   ? -1.575  -2.091  0.639   1.00 27.28 ? 370 HOH A O   1 
HETATM 1152 O O   . HOH C 3 .   ? 3.442   -16.402 5.843   1.00 24.72 ? 371 HOH A O   1 
HETATM 1153 O O   . HOH C 3 .   ? 15.705  -4.666  12.050  1.00 39.19 ? 372 HOH A O   1 
HETATM 1154 O O   . HOH C 3 .   ? 7.455   -3.523  17.635  1.00 23.85 ? 373 HOH A O   1 
HETATM 1155 O O   . HOH C 3 .   ? -12.074 -11.143 -8.869  1.00 41.57 ? 374 HOH A O   1 
HETATM 1156 O O   . HOH C 3 .   ? 9.564   16.912  0.022   1.00 20.91 ? 375 HOH A O   1 
HETATM 1157 O O   . HOH C 3 .   ? -15.284 -2.058  -10.784 1.00 33.28 ? 376 HOH A O   1 
HETATM 1158 O O   . HOH C 3 .   ? -7.117  12.851  -1.673  1.00 46.63 ? 377 HOH A O   1 
HETATM 1159 O O   . HOH C 3 .   ? -0.374  8.383   -11.898 1.00 29.51 ? 378 HOH A O   1 
HETATM 1160 O O   . HOH C 3 .   ? 5.605   -12.829 5.454   1.00 12.10 ? 379 HOH A O   1 
HETATM 1161 O O   . HOH C 3 .   ? -11.695 -1.318  9.992   1.00 26.16 ? 380 HOH A O   1 
HETATM 1162 O O   . HOH C 3 .   ? 3.355   -0.218  11.981  1.00 17.05 ? 381 HOH A O   1 
HETATM 1163 O O   . HOH C 3 .   ? -7.558  10.029  -7.109  1.00 17.16 ? 382 HOH A O   1 
HETATM 1164 O O   . HOH C 3 .   ? -11.715 -8.358  -8.371  1.00 42.45 ? 383 HOH A O   1 
HETATM 1165 O O   . HOH C 3 .   ? 13.421  0.561   12.937  1.00 39.47 ? 384 HOH A O   1 
HETATM 1166 O O   . HOH C 3 .   ? -4.170  -8.790  -13.609 1.00 28.54 ? 385 HOH A O   1 
HETATM 1167 O O   . HOH C 3 .   ? -6.131  -5.838  8.422   1.00 34.06 ? 386 HOH A O   1 
HETATM 1168 O O   . HOH C 3 .   ? -10.219 2.074   -15.171 1.00 30.23 ? 387 HOH A O   1 
HETATM 1169 O O   . HOH C 3 .   ? -5.816  -2.711  1.407   1.00 24.60 ? 388 HOH A O   1 
HETATM 1170 O O   . HOH C 3 .   ? -4.371  -3.029  -0.717  1.00 27.73 ? 389 HOH A O   1 
HETATM 1171 O O   . HOH C 3 .   ? -6.356  -15.395 -3.504  1.00 36.58 ? 390 HOH A O   1 
HETATM 1172 O O   . HOH C 3 .   ? -4.894  -9.131  6.282   1.00 25.33 ? 391 HOH A O   1 
HETATM 1173 O O   . HOH C 3 .   ? -20.625 -1.594  -8.587  1.00 26.70 ? 392 HOH A O   1 
HETATM 1174 O O   . HOH C 3 .   ? 13.574  -0.813  -8.451  1.00 46.92 ? 393 HOH A O   1 
HETATM 1175 O O   . HOH C 3 .   ? -19.422 -1.344  -3.537  1.00 24.52 ? 394 HOH A O   1 
HETATM 1176 O O   . HOH C 3 .   ? -9.773  9.538   -8.102  1.00 25.58 ? 395 HOH A O   1 
HETATM 1177 O O   . HOH C 3 .   ? 10.471  -17.021 8.575   1.00 38.07 ? 396 HOH A O   1 
HETATM 1178 O O   . HOH C 3 .   ? -11.438 -12.305 -3.098  1.00 29.80 ? 397 HOH A O   1 
HETATM 1179 O O   . HOH C 3 .   ? 15.123  -3.094  5.429   1.00 38.31 ? 398 HOH A O   1 
HETATM 1180 O O   . HOH C 3 .   ? -4.774  -6.845  6.369   1.00 36.99 ? 399 HOH A O   1 
HETATM 1181 O O   . HOH C 3 .   ? 16.936  -13.798 12.019  1.00 47.43 ? 400 HOH A O   1 
HETATM 1182 O O   . HOH C 3 .   ? -3.548  12.529  -12.839 1.00 40.08 ? 401 HOH A O   1 
HETATM 1183 O O   . HOH C 3 .   ? -16.106 -3.909  -3.755  1.00 33.77 ? 402 HOH A O   1 
HETATM 1184 O O   . HOH C 3 .   ? -13.000 2.817   10.034  1.00 43.04 ? 403 HOH A O   1 
HETATM 1185 O O   . HOH C 3 .   ? -7.813  13.390  -4.667  1.00 46.62 ? 404 HOH A O   1 
HETATM 1186 O O   . HOH C 3 .   ? -14.699 -13.932 4.025   1.00 44.90 ? 405 HOH A O   1 
HETATM 1187 O O   . HOH C 3 .   ? -8.734  4.404   14.333  1.00 48.75 ? 406 HOH A O   1 
HETATM 1188 O O   . HOH C 3 .   ? 3.511   -0.453  -9.259  1.00 30.64 ? 407 HOH A O   1 
HETATM 1189 O O   . HOH C 3 .   ? -10.555 6.298   -17.632 1.00 32.78 ? 408 HOH A O   1 
HETATM 1190 O O   . HOH C 3 .   ? 17.281  -12.188 7.764   1.00 42.25 ? 409 HOH A O   1 
HETATM 1191 O O   . HOH C 3 .   ? 6.498   4.448   -6.108  1.00 36.04 ? 410 HOH A O   1 
HETATM 1192 O O   . HOH C 3 .   ? -12.461 11.927  -3.724  1.00 39.61 ? 411 HOH A O   1 
HETATM 1193 O O   . HOH C 3 .   ? -1.796  -2.822  3.210   1.00 74.97 ? 412 HOH A O   1 
HETATM 1194 O O   . HOH C 3 .   ? -10.805 8.870   -5.746  1.00 41.08 ? 413 HOH A O   1 
HETATM 1195 O O   . HOH C 3 .   ? 8.640   4.126   -7.594  1.00 45.15 ? 414 HOH A O   1 
HETATM 1196 O O   . HOH C 3 .   ? 7.085   17.273  4.095   1.00 44.40 ? 415 HOH A O   1 
HETATM 1197 O O   . HOH C 3 .   ? -6.080  -16.862 -1.514  1.00 49.48 ? 416 HOH A O   1 
HETATM 1198 O O   . HOH C 3 .   ? 9.667   -1.087  6.717   1.00 66.45 ? 417 HOH A O   1 
HETATM 1199 O O   . HOH C 3 .   ? 9.170   0.232   16.491  1.00 40.43 ? 418 HOH A O   1 
HETATM 1200 O O   . HOH C 3 .   ? 8.696   13.981  -6.265  1.00 44.57 ? 419 HOH A O   1 
# 
loop_
_pdbx_poly_seq_scheme.asym_id 
_pdbx_poly_seq_scheme.entity_id 
_pdbx_poly_seq_scheme.seq_id 
_pdbx_poly_seq_scheme.mon_id 
_pdbx_poly_seq_scheme.ndb_seq_num 
_pdbx_poly_seq_scheme.pdb_seq_num 
_pdbx_poly_seq_scheme.auth_seq_num 
_pdbx_poly_seq_scheme.pdb_mon_id 
_pdbx_poly_seq_scheme.auth_mon_id 
_pdbx_poly_seq_scheme.pdb_strand_id 
_pdbx_poly_seq_scheme.pdb_ins_code 
_pdbx_poly_seq_scheme.hetero 
A 1 1   MET 1   -20 ?   ?   ?   A . n 
A 1 2   GLY 2   -19 ?   ?   ?   A . n 
A 1 3   SER 3   -18 ?   ?   ?   A . n 
A 1 4   SER 4   -17 ?   ?   ?   A . n 
A 1 5   HIS 5   -16 ?   ?   ?   A . n 
A 1 6   HIS 6   -15 ?   ?   ?   A . n 
A 1 7   HIS 7   -14 ?   ?   ?   A . n 
A 1 8   HIS 8   -13 ?   ?   ?   A . n 
A 1 9   HIS 9   -12 ?   ?   ?   A . n 
A 1 10  HIS 10  -11 ?   ?   ?   A . n 
A 1 11  SER 11  -10 ?   ?   ?   A . n 
A 1 12  SER 12  -9  ?   ?   ?   A . n 
A 1 13  GLY 13  -8  ?   ?   ?   A . n 
A 1 14  LEU 14  -7  ?   ?   ?   A . n 
A 1 15  VAL 15  -6  ?   ?   ?   A . n 
A 1 16  PRO 16  -5  ?   ?   ?   A . n 
A 1 17  ARG 17  -4  ?   ?   ?   A . n 
A 1 18  GLY 18  -3  -3  GLY GLY A . n 
A 1 19  SER 19  -2  -2  SER SER A . n 
A 1 20  HIS 20  -1  -1  HIS HIS A . n 
A 1 21  MET 21  0   0   MET MET A . n 
A 1 22  CYS 22  1   1   CYS CYS A . n 
A 1 23  ASP 23  2   2   ASP ASP A . n 
A 1 24  ALA 24  3   3   ALA ALA A . n 
A 1 25  PHE 25  4   4   PHE PHE A . n 
A 1 26  VAL 26  5   5   VAL VAL A . n 
A 1 27  GLY 27  6   6   GLY GLY A . n 
A 1 28  THR 28  7   7   THR THR A . n 
A 1 29  TRP 29  8   8   TRP TRP A . n 
A 1 30  LYS 30  9   9   LYS LYS A . n 
A 1 31  LEU 31  10  10  LEU LEU A . n 
A 1 32  VAL 32  11  11  VAL VAL A . n 
A 1 33  SER 33  12  12  SER SER A . n 
A 1 34  SER 34  13  13  SER SER A . n 
A 1 35  GLU 35  14  14  GLU GLU A . n 
A 1 36  ASN 36  15  15  ASN ASN A . n 
A 1 37  PHE 37  16  16  PHE PHE A . n 
A 1 38  ASP 38  17  17  ASP ASP A . n 
A 1 39  ASP 39  18  18  ASP ASP A . n 
A 1 40  TYR 40  19  19  TYR TYR A . n 
A 1 41  MET 41  20  20  MET MET A . n 
A 1 42  LYS 42  21  21  LYS LYS A . n 
A 1 43  GLU 43  22  22  GLU GLU A . n 
A 1 44  VAL 44  23  23  VAL VAL A . n 
A 1 45  GLY 45  24  24  GLY GLY A . n 
A 1 46  VAL 46  25  25  VAL VAL A . n 
A 1 47  GLY 47  26  26  GLY GLY A . n 
A 1 48  PHE 48  27  27  PHE PHE A . n 
A 1 49  ALA 49  28  28  ALA ALA A . n 
A 1 50  THR 50  29  29  THR THR A . n 
A 1 51  ARG 51  30  30  ARG ARG A . n 
A 1 52  LYS 52  31  31  LYS LYS A . n 
A 1 53  VAL 53  32  32  VAL VAL A . n 
A 1 54  ALA 54  33  33  ALA ALA A . n 
A 1 55  GLY 55  34  34  GLY GLY A . n 
A 1 56  MET 56  35  35  MET MET A . n 
A 1 57  ALA 57  36  36  ALA ALA A . n 
A 1 58  LYS 58  37  37  LYS LYS A . n 
A 1 59  PRO 59  38  38  PRO PRO A . n 
A 1 60  ASN 60  39  39  ASN ASN A . n 
A 1 61  MET 61  40  40  MET MET A . n 
A 1 62  ILE 62  41  41  ILE ILE A . n 
A 1 63  ILE 63  42  42  ILE ILE A . n 
A 1 64  SER 64  43  43  SER SER A . n 
A 1 65  VAL 65  44  44  VAL VAL A . n 
A 1 66  ASN 66  45  45  ASN ASN A . n 
A 1 67  GLY 67  46  46  GLY GLY A . n 
A 1 68  ASP 68  47  47  ASP ASP A . n 
A 1 69  VAL 69  48  48  VAL VAL A . n 
A 1 70  ILE 70  49  49  ILE ILE A . n 
A 1 71  THR 71  50  50  THR THR A . n 
A 1 72  ILE 72  51  51  ILE ILE A . n 
A 1 73  LYS 73  52  52  LYS LYS A . n 
A 1 74  SER 74  53  53  SER SER A . n 
A 1 75  GLU 75  54  54  GLU GLU A . n 
A 1 76  SER 76  55  55  SER SER A . n 
A 1 77  THR 77  56  56  THR THR A . n 
A 1 78  PHE 78  57  57  PHE PHE A . n 
A 1 79  LYS 79  58  58  LYS LYS A . n 
A 1 80  ASN 80  59  59  ASN ASN A . n 
A 1 81  THR 81  60  60  THR THR A . n 
A 1 82  GLU 82  61  61  GLU GLU A . n 
A 1 83  ILE 83  62  62  ILE ILE A . n 
A 1 84  SER 84  63  63  SER SER A . n 
A 1 85  PHE 85  64  64  PHE PHE A . n 
A 1 86  ILE 86  65  65  ILE ILE A . n 
A 1 87  LEU 87  66  66  LEU LEU A . n 
A 1 88  GLY 88  67  67  GLY GLY A . n 
A 1 89  GLN 89  68  68  GLN GLN A . n 
A 1 90  GLU 90  69  69  GLU GLU A . n 
A 1 91  PHE 91  70  70  PHE PHE A . n 
A 1 92  ASP 92  71  71  ASP ASP A . n 
A 1 93  GLU 93  72  72  GLU GLU A . n 
A 1 94  VAL 94  73  73  VAL VAL A . n 
A 1 95  THR 95  74  74  THR THR A . n 
A 1 96  ALA 96  75  75  ALA ALA A . n 
A 1 97  ASP 97  76  76  ASP ASP A . n 
A 1 98  ASP 98  77  77  ASP ASP A . n 
A 1 99  ARG 99  78  78  ARG ARG A . n 
A 1 100 LYS 100 79  79  LYS LYS A . n 
A 1 101 VAL 101 80  80  VAL VAL A . n 
A 1 102 LYS 102 81  81  LYS LYS A . n 
A 1 103 SER 103 82  82  SER SER A . n 
A 1 104 THR 104 83  83  THR THR A . n 
A 1 105 ILE 105 84  84  ILE ILE A . n 
A 1 106 THR 106 85  85  THR THR A . n 
A 1 107 LEU 107 86  86  LEU LEU A . n 
A 1 108 ASP 108 87  87  ASP ASP A . n 
A 1 109 GLY 109 88  88  GLY GLY A . n 
A 1 110 GLY 110 89  89  GLY GLY A . n 
A 1 111 VAL 111 90  90  VAL VAL A . n 
A 1 112 LEU 112 91  91  LEU LEU A . n 
A 1 113 VAL 113 92  92  VAL VAL A . n 
A 1 114 HIS 114 93  93  HIS HIS A . n 
A 1 115 VAL 115 94  94  VAL VAL A . n 
A 1 116 GLN 116 95  95  GLN GLN A . n 
A 1 117 LYS 117 96  96  LYS LYS A . n 
A 1 118 TRP 118 97  97  TRP TRP A . n 
A 1 119 ASP 119 98  98  ASP ASP A . n 
A 1 120 GLY 120 99  99  GLY GLY A . n 
A 1 121 LYS 121 100 100 LYS LYS A . n 
A 1 122 SER 122 101 101 SER SER A . n 
A 1 123 THR 123 102 102 THR THR A . n 
A 1 124 THR 124 103 103 THR THR A . n 
A 1 125 ILE 125 104 104 ILE ILE A . n 
A 1 126 LYS 126 105 105 LYS LYS A . n 
A 1 127 ARG 127 106 106 ARG ARG A . n 
A 1 128 LYS 128 107 107 LYS LYS A . n 
A 1 129 ARG 129 108 108 ARG ARG A . n 
A 1 130 GLU 130 109 109 GLU GLU A . n 
A 1 131 ASP 131 110 110 ASP ASP A . n 
A 1 132 ASP 132 111 111 ASP ASP A . n 
A 1 133 LYS 133 112 112 LYS LYS A . n 
A 1 134 LEU 134 113 113 LEU LEU A . n 
A 1 135 VAL 135 114 114 VAL VAL A . n 
A 1 136 VAL 136 115 115 VAL VAL A . n 
A 1 137 GLU 137 116 116 GLU GLU A . n 
A 1 138 CYS 138 117 117 CYS CYS A . n 
A 1 139 VAL 139 118 118 VAL VAL A . n 
A 1 140 MET 140 119 119 MET MET A . n 
A 1 141 LYS 141 120 120 LYS LYS A . n 
A 1 142 GLY 142 121 121 GLY GLY A . n 
A 1 143 VAL 143 122 122 VAL VAL A . n 
A 1 144 THR 144 123 123 THR THR A . n 
A 1 145 SER 145 124 124 SER SER A . n 
A 1 146 THR 146 125 125 THR THR A . n 
A 1 147 ARG 147 126 126 ARG ARG A . n 
A 1 148 VAL 148 127 127 VAL VAL A . n 
A 1 149 TYR 149 128 128 TYR TYR A . n 
A 1 150 GLU 150 129 129 GLU GLU A . n 
A 1 151 ARG 151 130 130 ARG ARG A . n 
A 1 152 ALA 152 131 131 ALA ALA A . n 
# 
loop_
_pdbx_nonpoly_scheme.asym_id 
_pdbx_nonpoly_scheme.entity_id 
_pdbx_nonpoly_scheme.mon_id 
_pdbx_nonpoly_scheme.ndb_seq_num 
_pdbx_nonpoly_scheme.pdb_seq_num 
_pdbx_nonpoly_scheme.auth_seq_num 
_pdbx_nonpoly_scheme.pdb_mon_id 
_pdbx_nonpoly_scheme.auth_mon_id 
_pdbx_nonpoly_scheme.pdb_strand_id 
_pdbx_nonpoly_scheme.pdb_ins_code 
B 2 L19 1   201 1   L19 L19 A . 
C 3 HOH 1   301 102 HOH HOH A . 
C 3 HOH 2   302 117 HOH HOH A . 
C 3 HOH 3   303 66  HOH HOH A . 
C 3 HOH 4   304 53  HOH HOH A . 
C 3 HOH 5   305 76  HOH HOH A . 
C 3 HOH 6   306 87  HOH HOH A . 
C 3 HOH 7   307 27  HOH HOH A . 
C 3 HOH 8   308 57  HOH HOH A . 
C 3 HOH 9   309 26  HOH HOH A . 
C 3 HOH 10  310 20  HOH HOH A . 
C 3 HOH 11  311 59  HOH HOH A . 
C 3 HOH 12  312 55  HOH HOH A . 
C 3 HOH 13  313 105 HOH HOH A . 
C 3 HOH 14  314 34  HOH HOH A . 
C 3 HOH 15  315 22  HOH HOH A . 
C 3 HOH 16  316 94  HOH HOH A . 
C 3 HOH 17  317 91  HOH HOH A . 
C 3 HOH 18  318 12  HOH HOH A . 
C 3 HOH 19  319 75  HOH HOH A . 
C 3 HOH 20  320 86  HOH HOH A . 
C 3 HOH 21  321 9   HOH HOH A . 
C 3 HOH 22  322 49  HOH HOH A . 
C 3 HOH 23  323 25  HOH HOH A . 
C 3 HOH 24  324 10  HOH HOH A . 
C 3 HOH 25  325 73  HOH HOH A . 
C 3 HOH 26  326 42  HOH HOH A . 
C 3 HOH 27  327 11  HOH HOH A . 
C 3 HOH 28  328 69  HOH HOH A . 
C 3 HOH 29  329 5   HOH HOH A . 
C 3 HOH 30  330 16  HOH HOH A . 
C 3 HOH 31  331 83  HOH HOH A . 
C 3 HOH 32  332 24  HOH HOH A . 
C 3 HOH 33  333 23  HOH HOH A . 
C 3 HOH 34  334 28  HOH HOH A . 
C 3 HOH 35  335 29  HOH HOH A . 
C 3 HOH 36  336 61  HOH HOH A . 
C 3 HOH 37  337 1   HOH HOH A . 
C 3 HOH 38  338 3   HOH HOH A . 
C 3 HOH 39  339 56  HOH HOH A . 
C 3 HOH 40  340 37  HOH HOH A . 
C 3 HOH 41  341 21  HOH HOH A . 
C 3 HOH 42  342 46  HOH HOH A . 
C 3 HOH 43  343 15  HOH HOH A . 
C 3 HOH 44  344 89  HOH HOH A . 
C 3 HOH 45  345 18  HOH HOH A . 
C 3 HOH 46  346 71  HOH HOH A . 
C 3 HOH 47  347 44  HOH HOH A . 
C 3 HOH 48  348 119 HOH HOH A . 
C 3 HOH 49  349 8   HOH HOH A . 
C 3 HOH 50  350 110 HOH HOH A . 
C 3 HOH 51  351 45  HOH HOH A . 
C 3 HOH 52  352 104 HOH HOH A . 
C 3 HOH 53  353 93  HOH HOH A . 
C 3 HOH 54  354 92  HOH HOH A . 
C 3 HOH 55  355 41  HOH HOH A . 
C 3 HOH 56  356 96  HOH HOH A . 
C 3 HOH 57  357 72  HOH HOH A . 
C 3 HOH 58  358 48  HOH HOH A . 
C 3 HOH 59  359 98  HOH HOH A . 
C 3 HOH 60  360 112 HOH HOH A . 
C 3 HOH 61  361 113 HOH HOH A . 
C 3 HOH 62  362 32  HOH HOH A . 
C 3 HOH 63  363 19  HOH HOH A . 
C 3 HOH 64  364 17  HOH HOH A . 
C 3 HOH 65  365 7   HOH HOH A . 
C 3 HOH 66  366 36  HOH HOH A . 
C 3 HOH 67  367 60  HOH HOH A . 
C 3 HOH 68  368 52  HOH HOH A . 
C 3 HOH 69  369 103 HOH HOH A . 
C 3 HOH 70  370 35  HOH HOH A . 
C 3 HOH 71  371 40  HOH HOH A . 
C 3 HOH 72  372 88  HOH HOH A . 
C 3 HOH 73  373 43  HOH HOH A . 
C 3 HOH 74  374 97  HOH HOH A . 
C 3 HOH 75  375 4   HOH HOH A . 
C 3 HOH 76  376 78  HOH HOH A . 
C 3 HOH 77  377 50  HOH HOH A . 
C 3 HOH 78  378 39  HOH HOH A . 
C 3 HOH 79  379 6   HOH HOH A . 
C 3 HOH 80  380 33  HOH HOH A . 
C 3 HOH 81  381 30  HOH HOH A . 
C 3 HOH 82  382 2   HOH HOH A . 
C 3 HOH 83  383 74  HOH HOH A . 
C 3 HOH 84  384 68  HOH HOH A . 
C 3 HOH 85  385 38  HOH HOH A . 
C 3 HOH 86  386 58  HOH HOH A . 
C 3 HOH 87  387 70  HOH HOH A . 
C 3 HOH 88  388 13  HOH HOH A . 
C 3 HOH 89  389 51  HOH HOH A . 
C 3 HOH 90  390 85  HOH HOH A . 
C 3 HOH 91  391 14  HOH HOH A . 
C 3 HOH 92  392 65  HOH HOH A . 
C 3 HOH 93  393 100 HOH HOH A . 
C 3 HOH 94  394 31  HOH HOH A . 
C 3 HOH 95  395 64  HOH HOH A . 
C 3 HOH 96  396 111 HOH HOH A . 
C 3 HOH 97  397 47  HOH HOH A . 
C 3 HOH 98  398 80  HOH HOH A . 
C 3 HOH 99  399 77  HOH HOH A . 
C 3 HOH 100 400 84  HOH HOH A . 
C 3 HOH 101 401 106 HOH HOH A . 
C 3 HOH 102 402 63  HOH HOH A . 
C 3 HOH 103 403 90  HOH HOH A . 
C 3 HOH 104 404 108 HOH HOH A . 
C 3 HOH 105 405 109 HOH HOH A . 
C 3 HOH 106 406 107 HOH HOH A . 
C 3 HOH 107 407 82  HOH HOH A . 
C 3 HOH 108 408 67  HOH HOH A . 
C 3 HOH 109 409 99  HOH HOH A . 
C 3 HOH 110 410 79  HOH HOH A . 
C 3 HOH 111 411 120 HOH HOH A . 
C 3 HOH 112 412 115 HOH HOH A . 
C 3 HOH 113 413 118 HOH HOH A . 
C 3 HOH 114 414 81  HOH HOH A . 
C 3 HOH 115 415 114 HOH HOH A . 
C 3 HOH 116 416 95  HOH HOH A . 
C 3 HOH 117 417 62  HOH HOH A . 
C 3 HOH 118 418 54  HOH HOH A . 
C 3 HOH 119 419 101 HOH HOH A . 
# 
_pdbx_struct_assembly.id                   1 
_pdbx_struct_assembly.details              author_defined_assembly 
_pdbx_struct_assembly.method_details       ? 
_pdbx_struct_assembly.oligomeric_details   monomeric 
_pdbx_struct_assembly.oligomeric_count     1 
# 
_pdbx_struct_assembly_gen.assembly_id       1 
_pdbx_struct_assembly_gen.oper_expression   1 
_pdbx_struct_assembly_gen.asym_id_list      A,B,C 
# 
loop_
_pdbx_struct_assembly_prop.biol_id 
_pdbx_struct_assembly_prop.type 
_pdbx_struct_assembly_prop.value 
_pdbx_struct_assembly_prop.details 
1 'ABSA (A^2)' 0    ? 
1 MORE         0    ? 
1 'SSA (A^2)'  7050 ? 
# 
_pdbx_struct_oper_list.id                   1 
_pdbx_struct_oper_list.type                 'identity operation' 
_pdbx_struct_oper_list.name                 1_555 
_pdbx_struct_oper_list.symmetry_operation   x,y,z 
_pdbx_struct_oper_list.matrix[1][1]         1.0000000000 
_pdbx_struct_oper_list.matrix[1][2]         0.0000000000 
_pdbx_struct_oper_list.matrix[1][3]         0.0000000000 
_pdbx_struct_oper_list.vector[1]            0.0000000000 
_pdbx_struct_oper_list.matrix[2][1]         0.0000000000 
_pdbx_struct_oper_list.matrix[2][2]         1.0000000000 
_pdbx_struct_oper_list.matrix[2][3]         0.0000000000 
_pdbx_struct_oper_list.vector[2]            0.0000000000 
_pdbx_struct_oper_list.matrix[3][1]         0.0000000000 
_pdbx_struct_oper_list.matrix[3][2]         0.0000000000 
_pdbx_struct_oper_list.matrix[3][3]         1.0000000000 
_pdbx_struct_oper_list.vector[3]            0.0000000000 
# 
loop_
_pdbx_audit_revision_history.ordinal 
_pdbx_audit_revision_history.data_content_type 
_pdbx_audit_revision_history.major_revision 
_pdbx_audit_revision_history.minor_revision 
_pdbx_audit_revision_history.revision_date 
1 'Structure model' 1 0 2016-06-22 
2 'Structure model' 1 1 2020-02-19 
3 'Structure model' 1 2 2023-11-08 
# 
_pdbx_audit_revision_details.ordinal             1 
_pdbx_audit_revision_details.revision_ordinal    1 
_pdbx_audit_revision_details.data_content_type   'Structure model' 
_pdbx_audit_revision_details.provider            repository 
_pdbx_audit_revision_details.type                'Initial release' 
_pdbx_audit_revision_details.description         ? 
_pdbx_audit_revision_details.details             ? 
# 
loop_
_pdbx_audit_revision_group.ordinal 
_pdbx_audit_revision_group.revision_ordinal 
_pdbx_audit_revision_group.data_content_type 
_pdbx_audit_revision_group.group 
1 2 'Structure model' 'Data collection'        
2 2 'Structure model' 'Derived calculations'   
3 3 'Structure model' 'Data collection'        
4 3 'Structure model' 'Database references'    
5 3 'Structure model' 'Refinement description' 
# 
loop_
_pdbx_audit_revision_category.ordinal 
_pdbx_audit_revision_category.revision_ordinal 
_pdbx_audit_revision_category.data_content_type 
_pdbx_audit_revision_category.category 
1 2 'Structure model' diffrn_source                 
2 2 'Structure model' pdbx_struct_oper_list         
3 3 'Structure model' chem_comp_atom                
4 3 'Structure model' chem_comp_bond                
5 3 'Structure model' database_2                    
6 3 'Structure model' pdbx_initial_refinement_model 
# 
loop_
_pdbx_audit_revision_item.ordinal 
_pdbx_audit_revision_item.revision_ordinal 
_pdbx_audit_revision_item.data_content_type 
_pdbx_audit_revision_item.item 
1 2 'Structure model' '_diffrn_source.pdbx_synchrotron_site'      
2 2 'Structure model' '_pdbx_struct_oper_list.symmetry_operation' 
3 3 'Structure model' '_database_2.pdbx_DOI'                      
4 3 'Structure model' '_database_2.pdbx_database_accession'       
# 
loop_
_software.citation_id 
_software.classification 
_software.compiler_name 
_software.compiler_version 
_software.contact_author 
_software.contact_author_email 
_software.date 
_software.description 
_software.dependencies 
_software.hardware 
_software.language 
_software.location 
_software.mods 
_software.name 
_software.os 
_software.os_version 
_software.type 
_software.version 
_software.pdbx_ordinal 
? 'data scaling'    ? ? ? ? ? ? ? ? ? ? ? XSCALE      ? ? ? .        1 
? phasing           ? ? ? ? ? ? ? ? ? ? ? MOLREP      ? ? ? 11.0.02  2 
? refinement        ? ? ? ? ? ? ? ? ? ? ? REFMAC      ? ? ? 5.6.0117 3 
? 'data extraction' ? ? ? ? ? ? ? ? ? ? ? PDB_EXTRACT ? ? ? 3.15     4 
# 
loop_
_pdbx_validate_close_contact.id 
_pdbx_validate_close_contact.PDB_model_num 
_pdbx_validate_close_contact.auth_atom_id_1 
_pdbx_validate_close_contact.auth_asym_id_1 
_pdbx_validate_close_contact.auth_comp_id_1 
_pdbx_validate_close_contact.auth_seq_id_1 
_pdbx_validate_close_contact.PDB_ins_code_1 
_pdbx_validate_close_contact.label_alt_id_1 
_pdbx_validate_close_contact.auth_atom_id_2 
_pdbx_validate_close_contact.auth_asym_id_2 
_pdbx_validate_close_contact.auth_comp_id_2 
_pdbx_validate_close_contact.auth_seq_id_2 
_pdbx_validate_close_contact.PDB_ins_code_2 
_pdbx_validate_close_contact.label_alt_id_2 
_pdbx_validate_close_contact.dist 
1 1 OD2 A ASP 71 ? ? O A HOH 301 ? ? 1.96 
2 1 N   A GLY 89 ? ? O A HOH 302 ? ? 2.17 
# 
loop_
_pdbx_validate_rmsd_angle.id 
_pdbx_validate_rmsd_angle.PDB_model_num 
_pdbx_validate_rmsd_angle.auth_atom_id_1 
_pdbx_validate_rmsd_angle.auth_asym_id_1 
_pdbx_validate_rmsd_angle.auth_comp_id_1 
_pdbx_validate_rmsd_angle.auth_seq_id_1 
_pdbx_validate_rmsd_angle.PDB_ins_code_1 
_pdbx_validate_rmsd_angle.label_alt_id_1 
_pdbx_validate_rmsd_angle.auth_atom_id_2 
_pdbx_validate_rmsd_angle.auth_asym_id_2 
_pdbx_validate_rmsd_angle.auth_comp_id_2 
_pdbx_validate_rmsd_angle.auth_seq_id_2 
_pdbx_validate_rmsd_angle.PDB_ins_code_2 
_pdbx_validate_rmsd_angle.label_alt_id_2 
_pdbx_validate_rmsd_angle.auth_atom_id_3 
_pdbx_validate_rmsd_angle.auth_asym_id_3 
_pdbx_validate_rmsd_angle.auth_comp_id_3 
_pdbx_validate_rmsd_angle.auth_seq_id_3 
_pdbx_validate_rmsd_angle.PDB_ins_code_3 
_pdbx_validate_rmsd_angle.label_alt_id_3 
_pdbx_validate_rmsd_angle.angle_value 
_pdbx_validate_rmsd_angle.angle_target_value 
_pdbx_validate_rmsd_angle.angle_deviation 
_pdbx_validate_rmsd_angle.angle_standard_deviation 
_pdbx_validate_rmsd_angle.linker_flag 
1 1 CB A ASP 2   ? ? CG A ASP 2   ? ? OD1 A ASP 2   ? ? 124.74 118.30 6.44  0.90 N 
2 1 NE A ARG 106 ? ? CZ A ARG 106 ? ? NH1 A ARG 106 ? ? 124.04 120.30 3.74  0.50 N 
3 1 NE A ARG 126 ? ? CZ A ARG 126 ? ? NH2 A ARG 126 ? ? 115.56 120.30 -4.74 0.50 N 
# 
loop_
_pdbx_validate_torsion.id 
_pdbx_validate_torsion.PDB_model_num 
_pdbx_validate_torsion.auth_comp_id 
_pdbx_validate_torsion.auth_asym_id 
_pdbx_validate_torsion.auth_seq_id 
_pdbx_validate_torsion.PDB_ins_code 
_pdbx_validate_torsion.label_alt_id 
_pdbx_validate_torsion.phi 
_pdbx_validate_torsion.psi 
1 1 ASP A 110 ? ? 49.12 -131.43 
2 1 LYS A 120 ? ? 49.45 -117.89 
# 
loop_
_pdbx_unobs_or_zero_occ_residues.id 
_pdbx_unobs_or_zero_occ_residues.PDB_model_num 
_pdbx_unobs_or_zero_occ_residues.polymer_flag 
_pdbx_unobs_or_zero_occ_residues.occupancy_flag 
_pdbx_unobs_or_zero_occ_residues.auth_asym_id 
_pdbx_unobs_or_zero_occ_residues.auth_comp_id 
_pdbx_unobs_or_zero_occ_residues.auth_seq_id 
_pdbx_unobs_or_zero_occ_residues.PDB_ins_code 
_pdbx_unobs_or_zero_occ_residues.label_asym_id 
_pdbx_unobs_or_zero_occ_residues.label_comp_id 
_pdbx_unobs_or_zero_occ_residues.label_seq_id 
1  1 Y 1 A MET -20 ? A MET 1  
2  1 Y 1 A GLY -19 ? A GLY 2  
3  1 Y 1 A SER -18 ? A SER 3  
4  1 Y 1 A SER -17 ? A SER 4  
5  1 Y 1 A HIS -16 ? A HIS 5  
6  1 Y 1 A HIS -15 ? A HIS 6  
7  1 Y 1 A HIS -14 ? A HIS 7  
8  1 Y 1 A HIS -13 ? A HIS 8  
9  1 Y 1 A HIS -12 ? A HIS 9  
10 1 Y 1 A HIS -11 ? A HIS 10 
11 1 Y 1 A SER -10 ? A SER 11 
12 1 Y 1 A SER -9  ? A SER 12 
13 1 Y 1 A GLY -8  ? A GLY 13 
14 1 Y 1 A LEU -7  ? A LEU 14 
15 1 Y 1 A VAL -6  ? A VAL 15 
16 1 Y 1 A PRO -5  ? A PRO 16 
17 1 Y 1 A ARG -4  ? A ARG 17 
# 
loop_
_chem_comp_atom.comp_id 
_chem_comp_atom.atom_id 
_chem_comp_atom.type_symbol 
_chem_comp_atom.pdbx_aromatic_flag 
_chem_comp_atom.pdbx_stereo_config 
_chem_comp_atom.pdbx_ordinal 
ALA N    N N N 1   
ALA CA   C N S 2   
ALA C    C N N 3   
ALA O    O N N 4   
ALA CB   C N N 5   
ALA OXT  O N N 6   
ALA H    H N N 7   
ALA H2   H N N 8   
ALA HA   H N N 9   
ALA HB1  H N N 10  
ALA HB2  H N N 11  
ALA HB3  H N N 12  
ALA HXT  H N N 13  
ARG N    N N N 14  
ARG CA   C N S 15  
ARG C    C N N 16  
ARG O    O N N 17  
ARG CB   C N N 18  
ARG CG   C N N 19  
ARG CD   C N N 20  
ARG NE   N N N 21  
ARG CZ   C N N 22  
ARG NH1  N N N 23  
ARG NH2  N N N 24  
ARG OXT  O N N 25  
ARG H    H N N 26  
ARG H2   H N N 27  
ARG HA   H N N 28  
ARG HB2  H N N 29  
ARG HB3  H N N 30  
ARG HG2  H N N 31  
ARG HG3  H N N 32  
ARG HD2  H N N 33  
ARG HD3  H N N 34  
ARG HE   H N N 35  
ARG HH11 H N N 36  
ARG HH12 H N N 37  
ARG HH21 H N N 38  
ARG HH22 H N N 39  
ARG HXT  H N N 40  
ASN N    N N N 41  
ASN CA   C N S 42  
ASN C    C N N 43  
ASN O    O N N 44  
ASN CB   C N N 45  
ASN CG   C N N 46  
ASN OD1  O N N 47  
ASN ND2  N N N 48  
ASN OXT  O N N 49  
ASN H    H N N 50  
ASN H2   H N N 51  
ASN HA   H N N 52  
ASN HB2  H N N 53  
ASN HB3  H N N 54  
ASN HD21 H N N 55  
ASN HD22 H N N 56  
ASN HXT  H N N 57  
ASP N    N N N 58  
ASP CA   C N S 59  
ASP C    C N N 60  
ASP O    O N N 61  
ASP CB   C N N 62  
ASP CG   C N N 63  
ASP OD1  O N N 64  
ASP OD2  O N N 65  
ASP OXT  O N N 66  
ASP H    H N N 67  
ASP H2   H N N 68  
ASP HA   H N N 69  
ASP HB2  H N N 70  
ASP HB3  H N N 71  
ASP HD2  H N N 72  
ASP HXT  H N N 73  
CYS N    N N N 74  
CYS CA   C N R 75  
CYS C    C N N 76  
CYS O    O N N 77  
CYS CB   C N N 78  
CYS SG   S N N 79  
CYS OXT  O N N 80  
CYS H    H N N 81  
CYS H2   H N N 82  
CYS HA   H N N 83  
CYS HB2  H N N 84  
CYS HB3  H N N 85  
CYS HG   H N N 86  
CYS HXT  H N N 87  
GLN N    N N N 88  
GLN CA   C N S 89  
GLN C    C N N 90  
GLN O    O N N 91  
GLN CB   C N N 92  
GLN CG   C N N 93  
GLN CD   C N N 94  
GLN OE1  O N N 95  
GLN NE2  N N N 96  
GLN OXT  O N N 97  
GLN H    H N N 98  
GLN H2   H N N 99  
GLN HA   H N N 100 
GLN HB2  H N N 101 
GLN HB3  H N N 102 
GLN HG2  H N N 103 
GLN HG3  H N N 104 
GLN HE21 H N N 105 
GLN HE22 H N N 106 
GLN HXT  H N N 107 
GLU N    N N N 108 
GLU CA   C N S 109 
GLU C    C N N 110 
GLU O    O N N 111 
GLU CB   C N N 112 
GLU CG   C N N 113 
GLU CD   C N N 114 
GLU OE1  O N N 115 
GLU OE2  O N N 116 
GLU OXT  O N N 117 
GLU H    H N N 118 
GLU H2   H N N 119 
GLU HA   H N N 120 
GLU HB2  H N N 121 
GLU HB3  H N N 122 
GLU HG2  H N N 123 
GLU HG3  H N N 124 
GLU HE2  H N N 125 
GLU HXT  H N N 126 
GLY N    N N N 127 
GLY CA   C N N 128 
GLY C    C N N 129 
GLY O    O N N 130 
GLY OXT  O N N 131 
GLY H    H N N 132 
GLY H2   H N N 133 
GLY HA2  H N N 134 
GLY HA3  H N N 135 
GLY HXT  H N N 136 
HIS N    N N N 137 
HIS CA   C N S 138 
HIS C    C N N 139 
HIS O    O N N 140 
HIS CB   C N N 141 
HIS CG   C Y N 142 
HIS ND1  N Y N 143 
HIS CD2  C Y N 144 
HIS CE1  C Y N 145 
HIS NE2  N Y N 146 
HIS OXT  O N N 147 
HIS H    H N N 148 
HIS H2   H N N 149 
HIS HA   H N N 150 
HIS HB2  H N N 151 
HIS HB3  H N N 152 
HIS HD1  H N N 153 
HIS HD2  H N N 154 
HIS HE1  H N N 155 
HIS HE2  H N N 156 
HIS HXT  H N N 157 
HOH O    O N N 158 
HOH H1   H N N 159 
HOH H2   H N N 160 
ILE N    N N N 161 
ILE CA   C N S 162 
ILE C    C N N 163 
ILE O    O N N 164 
ILE CB   C N S 165 
ILE CG1  C N N 166 
ILE CG2  C N N 167 
ILE CD1  C N N 168 
ILE OXT  O N N 169 
ILE H    H N N 170 
ILE H2   H N N 171 
ILE HA   H N N 172 
ILE HB   H N N 173 
ILE HG12 H N N 174 
ILE HG13 H N N 175 
ILE HG21 H N N 176 
ILE HG22 H N N 177 
ILE HG23 H N N 178 
ILE HD11 H N N 179 
ILE HD12 H N N 180 
ILE HD13 H N N 181 
ILE HXT  H N N 182 
L19 O1   O N N 183 
L19 C22  C N N 184 
L19 O2   O N N 185 
L19 C21  C N N 186 
L19 C20  C N N 187 
L19 N1   N Y N 188 
L19 C13  C Y N 189 
L19 C14  C Y N 190 
L19 C15  C Y N 191 
L19 C16  C Y N 192 
L19 C17  C Y N 193 
L19 C18  C Y N 194 
L19 C19  C Y N 195 
L19 C6   C Y N 196 
L19 C7   C Y N 197 
L19 C8   C Y N 198 
L19 C9   C Y N 199 
L19 C23  C N N 200 
L19 C24  C N N 201 
L19 C25  C N N 202 
L19 C10  C Y N 203 
L19 C11  C Y N 204 
L19 C12  C Y N 205 
L19 C5   C Y N 206 
L19 C4   C Y N 207 
L19 C3   C Y N 208 
L19 N    N Y N 209 
L19 C2   C Y N 210 
L19 C1   C Y N 211 
L19 O    O N N 212 
L19 C    C N N 213 
L19 H1   H N N 214 
L19 H2   H N N 215 
L19 H3   H N N 216 
L19 H4   H N N 217 
L19 H5   H N N 218 
L19 H6   H N N 219 
L19 H7   H N N 220 
L19 H8   H N N 221 
L19 H9   H N N 222 
L19 H10  H N N 223 
L19 H11  H N N 224 
L19 H12  H N N 225 
L19 H13  H N N 226 
L19 H14  H N N 227 
L19 H15  H N N 228 
L19 H16  H N N 229 
L19 H17  H N N 230 
L19 H18  H N N 231 
L19 H19  H N N 232 
L19 H20  H N N 233 
L19 H21  H N N 234 
L19 H22  H N N 235 
L19 H23  H N N 236 
L19 H24  H N N 237 
LEU N    N N N 238 
LEU CA   C N S 239 
LEU C    C N N 240 
LEU O    O N N 241 
LEU CB   C N N 242 
LEU CG   C N N 243 
LEU CD1  C N N 244 
LEU CD2  C N N 245 
LEU OXT  O N N 246 
LEU H    H N N 247 
LEU H2   H N N 248 
LEU HA   H N N 249 
LEU HB2  H N N 250 
LEU HB3  H N N 251 
LEU HG   H N N 252 
LEU HD11 H N N 253 
LEU HD12 H N N 254 
LEU HD13 H N N 255 
LEU HD21 H N N 256 
LEU HD22 H N N 257 
LEU HD23 H N N 258 
LEU HXT  H N N 259 
LYS N    N N N 260 
LYS CA   C N S 261 
LYS C    C N N 262 
LYS O    O N N 263 
LYS CB   C N N 264 
LYS CG   C N N 265 
LYS CD   C N N 266 
LYS CE   C N N 267 
LYS NZ   N N N 268 
LYS OXT  O N N 269 
LYS H    H N N 270 
LYS H2   H N N 271 
LYS HA   H N N 272 
LYS HB2  H N N 273 
LYS HB3  H N N 274 
LYS HG2  H N N 275 
LYS HG3  H N N 276 
LYS HD2  H N N 277 
LYS HD3  H N N 278 
LYS HE2  H N N 279 
LYS HE3  H N N 280 
LYS HZ1  H N N 281 
LYS HZ2  H N N 282 
LYS HZ3  H N N 283 
LYS HXT  H N N 284 
MET N    N N N 285 
MET CA   C N S 286 
MET C    C N N 287 
MET O    O N N 288 
MET CB   C N N 289 
MET CG   C N N 290 
MET SD   S N N 291 
MET CE   C N N 292 
MET OXT  O N N 293 
MET H    H N N 294 
MET H2   H N N 295 
MET HA   H N N 296 
MET HB2  H N N 297 
MET HB3  H N N 298 
MET HG2  H N N 299 
MET HG3  H N N 300 
MET HE1  H N N 301 
MET HE2  H N N 302 
MET HE3  H N N 303 
MET HXT  H N N 304 
PHE N    N N N 305 
PHE CA   C N S 306 
PHE C    C N N 307 
PHE O    O N N 308 
PHE CB   C N N 309 
PHE CG   C Y N 310 
PHE CD1  C Y N 311 
PHE CD2  C Y N 312 
PHE CE1  C Y N 313 
PHE CE2  C Y N 314 
PHE CZ   C Y N 315 
PHE OXT  O N N 316 
PHE H    H N N 317 
PHE H2   H N N 318 
PHE HA   H N N 319 
PHE HB2  H N N 320 
PHE HB3  H N N 321 
PHE HD1  H N N 322 
PHE HD2  H N N 323 
PHE HE1  H N N 324 
PHE HE2  H N N 325 
PHE HZ   H N N 326 
PHE HXT  H N N 327 
PRO N    N N N 328 
PRO CA   C N S 329 
PRO C    C N N 330 
PRO O    O N N 331 
PRO CB   C N N 332 
PRO CG   C N N 333 
PRO CD   C N N 334 
PRO OXT  O N N 335 
PRO H    H N N 336 
PRO HA   H N N 337 
PRO HB2  H N N 338 
PRO HB3  H N N 339 
PRO HG2  H N N 340 
PRO HG3  H N N 341 
PRO HD2  H N N 342 
PRO HD3  H N N 343 
PRO HXT  H N N 344 
SER N    N N N 345 
SER CA   C N S 346 
SER C    C N N 347 
SER O    O N N 348 
SER CB   C N N 349 
SER OG   O N N 350 
SER OXT  O N N 351 
SER H    H N N 352 
SER H2   H N N 353 
SER HA   H N N 354 
SER HB2  H N N 355 
SER HB3  H N N 356 
SER HG   H N N 357 
SER HXT  H N N 358 
THR N    N N N 359 
THR CA   C N S 360 
THR C    C N N 361 
THR O    O N N 362 
THR CB   C N R 363 
THR OG1  O N N 364 
THR CG2  C N N 365 
THR OXT  O N N 366 
THR H    H N N 367 
THR H2   H N N 368 
THR HA   H N N 369 
THR HB   H N N 370 
THR HG1  H N N 371 
THR HG21 H N N 372 
THR HG22 H N N 373 
THR HG23 H N N 374 
THR HXT  H N N 375 
TRP N    N N N 376 
TRP CA   C N S 377 
TRP C    C N N 378 
TRP O    O N N 379 
TRP CB   C N N 380 
TRP CG   C Y N 381 
TRP CD1  C Y N 382 
TRP CD2  C Y N 383 
TRP NE1  N Y N 384 
TRP CE2  C Y N 385 
TRP CE3  C Y N 386 
TRP CZ2  C Y N 387 
TRP CZ3  C Y N 388 
TRP CH2  C Y N 389 
TRP OXT  O N N 390 
TRP H    H N N 391 
TRP H2   H N N 392 
TRP HA   H N N 393 
TRP HB2  H N N 394 
TRP HB3  H N N 395 
TRP HD1  H N N 396 
TRP HE1  H N N 397 
TRP HE3  H N N 398 
TRP HZ2  H N N 399 
TRP HZ3  H N N 400 
TRP HH2  H N N 401 
TRP HXT  H N N 402 
TYR N    N N N 403 
TYR CA   C N S 404 
TYR C    C N N 405 
TYR O    O N N 406 
TYR CB   C N N 407 
TYR CG   C Y N 408 
TYR CD1  C Y N 409 
TYR CD2  C Y N 410 
TYR CE1  C Y N 411 
TYR CE2  C Y N 412 
TYR CZ   C Y N 413 
TYR OH   O N N 414 
TYR OXT  O N N 415 
TYR H    H N N 416 
TYR H2   H N N 417 
TYR HA   H N N 418 
TYR HB2  H N N 419 
TYR HB3  H N N 420 
TYR HD1  H N N 421 
TYR HD2  H N N 422 
TYR HE1  H N N 423 
TYR HE2  H N N 424 
TYR HH   H N N 425 
TYR HXT  H N N 426 
VAL N    N N N 427 
VAL CA   C N S 428 
VAL C    C N N 429 
VAL O    O N N 430 
VAL CB   C N N 431 
VAL CG1  C N N 432 
VAL CG2  C N N 433 
VAL OXT  O N N 434 
VAL H    H N N 435 
VAL H2   H N N 436 
VAL HA   H N N 437 
VAL HB   H N N 438 
VAL HG11 H N N 439 
VAL HG12 H N N 440 
VAL HG13 H N N 441 
VAL HG21 H N N 442 
VAL HG22 H N N 443 
VAL HG23 H N N 444 
VAL HXT  H N N 445 
# 
loop_
_chem_comp_bond.comp_id 
_chem_comp_bond.atom_id_1 
_chem_comp_bond.atom_id_2 
_chem_comp_bond.value_order 
_chem_comp_bond.pdbx_aromatic_flag 
_chem_comp_bond.pdbx_stereo_config 
_chem_comp_bond.pdbx_ordinal 
ALA N   CA   sing N N 1   
ALA N   H    sing N N 2   
ALA N   H2   sing N N 3   
ALA CA  C    sing N N 4   
ALA CA  CB   sing N N 5   
ALA CA  HA   sing N N 6   
ALA C   O    doub N N 7   
ALA C   OXT  sing N N 8   
ALA CB  HB1  sing N N 9   
ALA CB  HB2  sing N N 10  
ALA CB  HB3  sing N N 11  
ALA OXT HXT  sing N N 12  
ARG N   CA   sing N N 13  
ARG N   H    sing N N 14  
ARG N   H2   sing N N 15  
ARG CA  C    sing N N 16  
ARG CA  CB   sing N N 17  
ARG CA  HA   sing N N 18  
ARG C   O    doub N N 19  
ARG C   OXT  sing N N 20  
ARG CB  CG   sing N N 21  
ARG CB  HB2  sing N N 22  
ARG CB  HB3  sing N N 23  
ARG CG  CD   sing N N 24  
ARG CG  HG2  sing N N 25  
ARG CG  HG3  sing N N 26  
ARG CD  NE   sing N N 27  
ARG CD  HD2  sing N N 28  
ARG CD  HD3  sing N N 29  
ARG NE  CZ   sing N N 30  
ARG NE  HE   sing N N 31  
ARG CZ  NH1  sing N N 32  
ARG CZ  NH2  doub N N 33  
ARG NH1 HH11 sing N N 34  
ARG NH1 HH12 sing N N 35  
ARG NH2 HH21 sing N N 36  
ARG NH2 HH22 sing N N 37  
ARG OXT HXT  sing N N 38  
ASN N   CA   sing N N 39  
ASN N   H    sing N N 40  
ASN N   H2   sing N N 41  
ASN CA  C    sing N N 42  
ASN CA  CB   sing N N 43  
ASN CA  HA   sing N N 44  
ASN C   O    doub N N 45  
ASN C   OXT  sing N N 46  
ASN CB  CG   sing N N 47  
ASN CB  HB2  sing N N 48  
ASN CB  HB3  sing N N 49  
ASN CG  OD1  doub N N 50  
ASN CG  ND2  sing N N 51  
ASN ND2 HD21 sing N N 52  
ASN ND2 HD22 sing N N 53  
ASN OXT HXT  sing N N 54  
ASP N   CA   sing N N 55  
ASP N   H    sing N N 56  
ASP N   H2   sing N N 57  
ASP CA  C    sing N N 58  
ASP CA  CB   sing N N 59  
ASP CA  HA   sing N N 60  
ASP C   O    doub N N 61  
ASP C   OXT  sing N N 62  
ASP CB  CG   sing N N 63  
ASP CB  HB2  sing N N 64  
ASP CB  HB3  sing N N 65  
ASP CG  OD1  doub N N 66  
ASP CG  OD2  sing N N 67  
ASP OD2 HD2  sing N N 68  
ASP OXT HXT  sing N N 69  
CYS N   CA   sing N N 70  
CYS N   H    sing N N 71  
CYS N   H2   sing N N 72  
CYS CA  C    sing N N 73  
CYS CA  CB   sing N N 74  
CYS CA  HA   sing N N 75  
CYS C   O    doub N N 76  
CYS C   OXT  sing N N 77  
CYS CB  SG   sing N N 78  
CYS CB  HB2  sing N N 79  
CYS CB  HB3  sing N N 80  
CYS SG  HG   sing N N 81  
CYS OXT HXT  sing N N 82  
GLN N   CA   sing N N 83  
GLN N   H    sing N N 84  
GLN N   H2   sing N N 85  
GLN CA  C    sing N N 86  
GLN CA  CB   sing N N 87  
GLN CA  HA   sing N N 88  
GLN C   O    doub N N 89  
GLN C   OXT  sing N N 90  
GLN CB  CG   sing N N 91  
GLN CB  HB2  sing N N 92  
GLN CB  HB3  sing N N 93  
GLN CG  CD   sing N N 94  
GLN CG  HG2  sing N N 95  
GLN CG  HG3  sing N N 96  
GLN CD  OE1  doub N N 97  
GLN CD  NE2  sing N N 98  
GLN NE2 HE21 sing N N 99  
GLN NE2 HE22 sing N N 100 
GLN OXT HXT  sing N N 101 
GLU N   CA   sing N N 102 
GLU N   H    sing N N 103 
GLU N   H2   sing N N 104 
GLU CA  C    sing N N 105 
GLU CA  CB   sing N N 106 
GLU CA  HA   sing N N 107 
GLU C   O    doub N N 108 
GLU C   OXT  sing N N 109 
GLU CB  CG   sing N N 110 
GLU CB  HB2  sing N N 111 
GLU CB  HB3  sing N N 112 
GLU CG  CD   sing N N 113 
GLU CG  HG2  sing N N 114 
GLU CG  HG3  sing N N 115 
GLU CD  OE1  doub N N 116 
GLU CD  OE2  sing N N 117 
GLU OE2 HE2  sing N N 118 
GLU OXT HXT  sing N N 119 
GLY N   CA   sing N N 120 
GLY N   H    sing N N 121 
GLY N   H2   sing N N 122 
GLY CA  C    sing N N 123 
GLY CA  HA2  sing N N 124 
GLY CA  HA3  sing N N 125 
GLY C   O    doub N N 126 
GLY C   OXT  sing N N 127 
GLY OXT HXT  sing N N 128 
HIS N   CA   sing N N 129 
HIS N   H    sing N N 130 
HIS N   H2   sing N N 131 
HIS CA  C    sing N N 132 
HIS CA  CB   sing N N 133 
HIS CA  HA   sing N N 134 
HIS C   O    doub N N 135 
HIS C   OXT  sing N N 136 
HIS CB  CG   sing N N 137 
HIS CB  HB2  sing N N 138 
HIS CB  HB3  sing N N 139 
HIS CG  ND1  sing Y N 140 
HIS CG  CD2  doub Y N 141 
HIS ND1 CE1  doub Y N 142 
HIS ND1 HD1  sing N N 143 
HIS CD2 NE2  sing Y N 144 
HIS CD2 HD2  sing N N 145 
HIS CE1 NE2  sing Y N 146 
HIS CE1 HE1  sing N N 147 
HIS NE2 HE2  sing N N 148 
HIS OXT HXT  sing N N 149 
HOH O   H1   sing N N 150 
HOH O   H2   sing N N 151 
ILE N   CA   sing N N 152 
ILE N   H    sing N N 153 
ILE N   H2   sing N N 154 
ILE CA  C    sing N N 155 
ILE CA  CB   sing N N 156 
ILE CA  HA   sing N N 157 
ILE C   O    doub N N 158 
ILE C   OXT  sing N N 159 
ILE CB  CG1  sing N N 160 
ILE CB  CG2  sing N N 161 
ILE CB  HB   sing N N 162 
ILE CG1 CD1  sing N N 163 
ILE CG1 HG12 sing N N 164 
ILE CG1 HG13 sing N N 165 
ILE CG2 HG21 sing N N 166 
ILE CG2 HG22 sing N N 167 
ILE CG2 HG23 sing N N 168 
ILE CD1 HD11 sing N N 169 
ILE CD1 HD12 sing N N 170 
ILE CD1 HD13 sing N N 171 
ILE OXT HXT  sing N N 172 
L19 C17 C18  doub Y N 173 
L19 C17 C16  sing Y N 174 
L19 C18 C19  sing Y N 175 
L19 C16 C15  doub Y N 176 
L19 O1  C22  doub N N 177 
L19 C19 C14  doub Y N 178 
L19 C15 C14  sing Y N 179 
L19 C14 C13  sing N N 180 
L19 C22 O2   sing N N 181 
L19 C22 C21  sing N N 182 
L19 C21 C20  sing N N 183 
L19 C20 N1   sing N N 184 
L19 C13 N1   sing Y N 185 
L19 C13 C6   doub Y N 186 
L19 C3  C4   sing Y N 187 
L19 C3  N    doub Y N 188 
L19 N1  C12  sing Y N 189 
L19 C4  C5   doub Y N 190 
L19 N   C2   sing Y N 191 
L19 C5  C6   sing N N 192 
L19 C5  C1   sing Y N 193 
L19 C6  C7   sing Y N 194 
L19 C2  C1   doub Y N 195 
L19 C1  O    sing N N 196 
L19 C12 C7   sing Y N 197 
L19 C12 C11  doub Y N 198 
L19 O   C    sing N N 199 
L19 C7  C8   doub Y N 200 
L19 C11 C10  sing Y N 201 
L19 C8  C9   sing Y N 202 
L19 C10 C9   doub Y N 203 
L19 C9  C23  sing N N 204 
L19 C23 C25  sing N N 205 
L19 C23 C24  sing N N 206 
L19 C25 C24  sing N N 207 
L19 O2  H1   sing N N 208 
L19 C21 H2   sing N N 209 
L19 C21 H3   sing N N 210 
L19 C20 H4   sing N N 211 
L19 C20 H5   sing N N 212 
L19 C15 H6   sing N N 213 
L19 C16 H7   sing N N 214 
L19 C17 H8   sing N N 215 
L19 C18 H9   sing N N 216 
L19 C19 H10  sing N N 217 
L19 C8  H11  sing N N 218 
L19 C23 H12  sing N N 219 
L19 C24 H13  sing N N 220 
L19 C24 H14  sing N N 221 
L19 C25 H15  sing N N 222 
L19 C25 H16  sing N N 223 
L19 C10 H17  sing N N 224 
L19 C11 H18  sing N N 225 
L19 C4  H19  sing N N 226 
L19 C3  H20  sing N N 227 
L19 C2  H21  sing N N 228 
L19 C   H22  sing N N 229 
L19 C   H23  sing N N 230 
L19 C   H24  sing N N 231 
LEU N   CA   sing N N 232 
LEU N   H    sing N N 233 
LEU N   H2   sing N N 234 
LEU CA  C    sing N N 235 
LEU CA  CB   sing N N 236 
LEU CA  HA   sing N N 237 
LEU C   O    doub N N 238 
LEU C   OXT  sing N N 239 
LEU CB  CG   sing N N 240 
LEU CB  HB2  sing N N 241 
LEU CB  HB3  sing N N 242 
LEU CG  CD1  sing N N 243 
LEU CG  CD2  sing N N 244 
LEU CG  HG   sing N N 245 
LEU CD1 HD11 sing N N 246 
LEU CD1 HD12 sing N N 247 
LEU CD1 HD13 sing N N 248 
LEU CD2 HD21 sing N N 249 
LEU CD2 HD22 sing N N 250 
LEU CD2 HD23 sing N N 251 
LEU OXT HXT  sing N N 252 
LYS N   CA   sing N N 253 
LYS N   H    sing N N 254 
LYS N   H2   sing N N 255 
LYS CA  C    sing N N 256 
LYS CA  CB   sing N N 257 
LYS CA  HA   sing N N 258 
LYS C   O    doub N N 259 
LYS C   OXT  sing N N 260 
LYS CB  CG   sing N N 261 
LYS CB  HB2  sing N N 262 
LYS CB  HB3  sing N N 263 
LYS CG  CD   sing N N 264 
LYS CG  HG2  sing N N 265 
LYS CG  HG3  sing N N 266 
LYS CD  CE   sing N N 267 
LYS CD  HD2  sing N N 268 
LYS CD  HD3  sing N N 269 
LYS CE  NZ   sing N N 270 
LYS CE  HE2  sing N N 271 
LYS CE  HE3  sing N N 272 
LYS NZ  HZ1  sing N N 273 
LYS NZ  HZ2  sing N N 274 
LYS NZ  HZ3  sing N N 275 
LYS OXT HXT  sing N N 276 
MET N   CA   sing N N 277 
MET N   H    sing N N 278 
MET N   H2   sing N N 279 
MET CA  C    sing N N 280 
MET CA  CB   sing N N 281 
MET CA  HA   sing N N 282 
MET C   O    doub N N 283 
MET C   OXT  sing N N 284 
MET CB  CG   sing N N 285 
MET CB  HB2  sing N N 286 
MET CB  HB3  sing N N 287 
MET CG  SD   sing N N 288 
MET CG  HG2  sing N N 289 
MET CG  HG3  sing N N 290 
MET SD  CE   sing N N 291 
MET CE  HE1  sing N N 292 
MET CE  HE2  sing N N 293 
MET CE  HE3  sing N N 294 
MET OXT HXT  sing N N 295 
PHE N   CA   sing N N 296 
PHE N   H    sing N N 297 
PHE N   H2   sing N N 298 
PHE CA  C    sing N N 299 
PHE CA  CB   sing N N 300 
PHE CA  HA   sing N N 301 
PHE C   O    doub N N 302 
PHE C   OXT  sing N N 303 
PHE CB  CG   sing N N 304 
PHE CB  HB2  sing N N 305 
PHE CB  HB3  sing N N 306 
PHE CG  CD1  doub Y N 307 
PHE CG  CD2  sing Y N 308 
PHE CD1 CE1  sing Y N 309 
PHE CD1 HD1  sing N N 310 
PHE CD2 CE2  doub Y N 311 
PHE CD2 HD2  sing N N 312 
PHE CE1 CZ   doub Y N 313 
PHE CE1 HE1  sing N N 314 
PHE CE2 CZ   sing Y N 315 
PHE CE2 HE2  sing N N 316 
PHE CZ  HZ   sing N N 317 
PHE OXT HXT  sing N N 318 
PRO N   CA   sing N N 319 
PRO N   CD   sing N N 320 
PRO N   H    sing N N 321 
PRO CA  C    sing N N 322 
PRO CA  CB   sing N N 323 
PRO CA  HA   sing N N 324 
PRO C   O    doub N N 325 
PRO C   OXT  sing N N 326 
PRO CB  CG   sing N N 327 
PRO CB  HB2  sing N N 328 
PRO CB  HB3  sing N N 329 
PRO CG  CD   sing N N 330 
PRO CG  HG2  sing N N 331 
PRO CG  HG3  sing N N 332 
PRO CD  HD2  sing N N 333 
PRO CD  HD3  sing N N 334 
PRO OXT HXT  sing N N 335 
SER N   CA   sing N N 336 
SER N   H    sing N N 337 
SER N   H2   sing N N 338 
SER CA  C    sing N N 339 
SER CA  CB   sing N N 340 
SER CA  HA   sing N N 341 
SER C   O    doub N N 342 
SER C   OXT  sing N N 343 
SER CB  OG   sing N N 344 
SER CB  HB2  sing N N 345 
SER CB  HB3  sing N N 346 
SER OG  HG   sing N N 347 
SER OXT HXT  sing N N 348 
THR N   CA   sing N N 349 
THR N   H    sing N N 350 
THR N   H2   sing N N 351 
THR CA  C    sing N N 352 
THR CA  CB   sing N N 353 
THR CA  HA   sing N N 354 
THR C   O    doub N N 355 
THR C   OXT  sing N N 356 
THR CB  OG1  sing N N 357 
THR CB  CG2  sing N N 358 
THR CB  HB   sing N N 359 
THR OG1 HG1  sing N N 360 
THR CG2 HG21 sing N N 361 
THR CG2 HG22 sing N N 362 
THR CG2 HG23 sing N N 363 
THR OXT HXT  sing N N 364 
TRP N   CA   sing N N 365 
TRP N   H    sing N N 366 
TRP N   H2   sing N N 367 
TRP CA  C    sing N N 368 
TRP CA  CB   sing N N 369 
TRP CA  HA   sing N N 370 
TRP C   O    doub N N 371 
TRP C   OXT  sing N N 372 
TRP CB  CG   sing N N 373 
TRP CB  HB2  sing N N 374 
TRP CB  HB3  sing N N 375 
TRP CG  CD1  doub Y N 376 
TRP CG  CD2  sing Y N 377 
TRP CD1 NE1  sing Y N 378 
TRP CD1 HD1  sing N N 379 
TRP CD2 CE2  doub Y N 380 
TRP CD2 CE3  sing Y N 381 
TRP NE1 CE2  sing Y N 382 
TRP NE1 HE1  sing N N 383 
TRP CE2 CZ2  sing Y N 384 
TRP CE3 CZ3  doub Y N 385 
TRP CE3 HE3  sing N N 386 
TRP CZ2 CH2  doub Y N 387 
TRP CZ2 HZ2  sing N N 388 
TRP CZ3 CH2  sing Y N 389 
TRP CZ3 HZ3  sing N N 390 
TRP CH2 HH2  sing N N 391 
TRP OXT HXT  sing N N 392 
TYR N   CA   sing N N 393 
TYR N   H    sing N N 394 
TYR N   H2   sing N N 395 
TYR CA  C    sing N N 396 
TYR CA  CB   sing N N 397 
TYR CA  HA   sing N N 398 
TYR C   O    doub N N 399 
TYR C   OXT  sing N N 400 
TYR CB  CG   sing N N 401 
TYR CB  HB2  sing N N 402 
TYR CB  HB3  sing N N 403 
TYR CG  CD1  doub Y N 404 
TYR CG  CD2  sing Y N 405 
TYR CD1 CE1  sing Y N 406 
TYR CD1 HD1  sing N N 407 
TYR CD2 CE2  doub Y N 408 
TYR CD2 HD2  sing N N 409 
TYR CE1 CZ   doub Y N 410 
TYR CE1 HE1  sing N N 411 
TYR CE2 CZ   sing Y N 412 
TYR CE2 HE2  sing N N 413 
TYR CZ  OH   sing N N 414 
TYR OH  HH   sing N N 415 
TYR OXT HXT  sing N N 416 
VAL N   CA   sing N N 417 
VAL N   H    sing N N 418 
VAL N   H2   sing N N 419 
VAL CA  C    sing N N 420 
VAL CA  CB   sing N N 421 
VAL CA  HA   sing N N 422 
VAL C   O    doub N N 423 
VAL C   OXT  sing N N 424 
VAL CB  CG1  sing N N 425 
VAL CB  CG2  sing N N 426 
VAL CB  HB   sing N N 427 
VAL CG1 HG11 sing N N 428 
VAL CG1 HG12 sing N N 429 
VAL CG1 HG13 sing N N 430 
VAL CG2 HG21 sing N N 431 
VAL CG2 HG22 sing N N 432 
VAL CG2 HG23 sing N N 433 
VAL OXT HXT  sing N N 434 
# 
loop_
_pdbx_entity_nonpoly.entity_id 
_pdbx_entity_nonpoly.name 
_pdbx_entity_nonpoly.comp_id 
2 '3-[5-cyclopropyl-3-(3-methoxypyridin-4-yl)-2-phenyl-1H-indol-1-yl]propanoic acid' L19 
3 water                                                                              HOH 
# 
_pdbx_initial_refinement_model.id               1 
_pdbx_initial_refinement_model.entity_id_list   ? 
_pdbx_initial_refinement_model.type             'experimental model' 
_pdbx_initial_refinement_model.source_name      PDB 
_pdbx_initial_refinement_model.accession_code   2HNX 
_pdbx_initial_refinement_model.details          ? 
# 
